data_7GAT
#
_entry.id   7GAT
#
_cell.length_a   1.000
_cell.length_b   1.000
_cell.length_c   1.000
_cell.angle_alpha   90.00
_cell.angle_beta   90.00
_cell.angle_gamma   90.00
#
_symmetry.space_group_name_H-M   'P 1'
#
loop_
_entity.id
_entity.type
_entity.pdbx_description
1 polymer "DNA (5'-D(*CP*AP*GP*TP*GP*AP*TP*AP*GP*AP*GP*AP*C)-3')"
2 polymer "DNA (5'-D(*GP*TP*CP*TP*CP*TP*AP*TP*CP*AP*CP*TP*G)-3')"
3 polymer 'NITROGEN REGULATORY PROTEIN AREA'
4 non-polymer 'ZINC ION'
#
loop_
_entity_poly.entity_id
_entity_poly.type
_entity_poly.pdbx_seq_one_letter_code
_entity_poly.pdbx_strand_id
1 'polydeoxyribonucleotide' (DC)(DA)(DG)(DT)(DG)(DA)(DT)(DA)(DG)(DA)(DG)(DA)(DC) B
2 'polydeoxyribonucleotide' (DG)(DT)(DC)(DT)(DC)(DT)(DA)(DT)(DC)(DA)(DC)(DT)(DG) C
3 'polypeptide(L)' MKNGEQNGPTTCTNCFTQTTPVWRRNPEGQPLCNACGLFLKLHGVVRPLSLKTDVIKKRNRNSANS A
#
loop_
_chem_comp.id
_chem_comp.type
_chem_comp.name
_chem_comp.formula
DA DNA linking 2'-DEOXYADENOSINE-5'-MONOPHOSPHATE 'C10 H14 N5 O6 P'
DC DNA linking 2'-DEOXYCYTIDINE-5'-MONOPHOSPHATE 'C9 H14 N3 O7 P'
DG DNA linking 2'-DEOXYGUANOSINE-5'-MONOPHOSPHATE 'C10 H14 N5 O7 P'
DT DNA linking THYMIDINE-5'-MONOPHOSPHATE 'C10 H15 N2 O8 P'
ZN non-polymer 'ZINC ION' 'Zn 2'
#
# COMPACT_ATOMS: atom_id res chain seq x y z
N MET C 1 -8.18 -6.24 -16.46
CA MET C 1 -8.56 -6.97 -17.69
C MET C 1 -9.13 -8.35 -17.31
N LYS C 2 -8.33 -9.23 -16.79
CA LYS C 2 -8.85 -10.58 -16.41
C LYS C 2 -9.97 -10.44 -15.37
N ASN C 3 -9.82 -9.56 -14.42
CA ASN C 3 -10.87 -9.40 -13.38
C ASN C 3 -11.95 -8.45 -13.88
N GLY C 4 -13.18 -8.68 -13.51
CA GLY C 4 -14.29 -7.80 -13.98
C GLY C 4 -14.31 -6.51 -13.16
N GLU C 5 -13.78 -6.52 -11.96
CA GLU C 5 -13.77 -5.28 -11.13
C GLU C 5 -12.46 -5.24 -10.33
N GLN C 6 -11.94 -4.08 -10.07
CA GLN C 6 -10.65 -3.99 -9.31
C GLN C 6 -10.89 -4.35 -7.83
N ASN C 7 -12.11 -4.25 -7.37
CA ASN C 7 -12.41 -4.57 -5.94
C ASN C 7 -11.70 -5.88 -5.53
N GLY C 8 -11.77 -6.22 -4.28
CA GLY C 8 -11.13 -7.47 -3.82
C GLY C 8 -11.02 -7.46 -2.29
N PRO C 9 -10.69 -8.57 -1.70
CA PRO C 9 -10.56 -8.69 -0.22
C PRO C 9 -9.21 -8.16 0.28
N THR C 10 -8.36 -7.82 -0.63
CA THR C 10 -7.00 -7.32 -0.25
C THR C 10 -7.11 -6.06 0.62
N THR C 11 -6.60 -6.12 1.82
CA THR C 11 -6.66 -4.95 2.73
C THR C 11 -5.32 -4.80 3.48
N CYS C 12 -4.83 -3.60 3.60
CA CYS C 12 -3.54 -3.39 4.33
C CYS C 12 -3.72 -3.67 5.82
N THR C 13 -3.15 -4.73 6.31
CA THR C 13 -3.28 -5.08 7.75
C THR C 13 -2.56 -4.05 8.61
N ASN C 14 -1.77 -3.18 8.03
CA ASN C 14 -1.04 -2.17 8.85
C ASN C 14 -1.79 -0.83 8.86
N CYS C 15 -2.49 -0.49 7.81
CA CYS C 15 -3.20 0.83 7.80
C CYS C 15 -4.58 0.69 7.14
N PHE C 16 -5.05 -0.52 6.95
CA PHE C 16 -6.41 -0.73 6.36
C PHE C 16 -6.55 -0.06 4.99
N THR C 17 -5.53 0.56 4.48
CA THR C 17 -5.69 1.23 3.16
C THR C 17 -6.10 0.20 2.10
N GLN C 18 -7.23 0.42 1.48
CA GLN C 18 -7.71 -0.54 0.43
C GLN C 18 -7.36 0.01 -0.96
N THR C 19 -6.76 1.17 -1.02
CA THR C 19 -6.38 1.77 -2.34
C THR C 19 -4.87 1.99 -2.38
N THR C 20 -4.21 1.54 -3.42
CA THR C 20 -2.73 1.74 -3.52
C THR C 20 -2.27 1.45 -4.95
N PRO C 21 -1.21 2.09 -5.40
CA PRO C 21 -0.66 1.87 -6.77
C PRO C 21 -0.10 0.45 -6.93
N VAL C 22 0.27 -0.18 -5.85
CA VAL C 22 0.84 -1.55 -5.96
C VAL C 22 0.83 -2.24 -4.59
N TRP C 23 0.58 -3.52 -4.58
CA TRP C 23 0.53 -4.28 -3.28
C TRP C 23 1.88 -4.90 -2.97
N ARG C 24 2.35 -4.72 -1.76
CA ARG C 24 3.67 -5.28 -1.34
C ARG C 24 3.43 -6.52 -0.48
N ARG C 25 4.47 -7.25 -0.17
CA ARG C 25 4.34 -8.47 0.66
C ARG C 25 5.42 -8.46 1.74
N ASN C 26 5.22 -9.22 2.80
CA ASN C 26 6.21 -9.27 3.92
C ASN C 26 6.62 -10.73 4.15
N PRO C 27 7.84 -11.00 4.56
CA PRO C 27 8.27 -12.41 4.82
C PRO C 27 7.28 -13.17 5.72
N GLU C 28 6.23 -12.52 6.16
CA GLU C 28 5.22 -13.22 7.00
C GLU C 28 4.04 -13.64 6.11
N GLY C 29 3.94 -13.04 4.96
CA GLY C 29 2.83 -13.37 4.01
C GLY C 29 1.62 -12.46 4.27
N GLN C 30 1.78 -11.45 5.08
CA GLN C 30 0.64 -10.53 5.35
C GLN C 30 0.62 -9.43 4.27
N PRO C 31 -0.52 -9.07 3.76
CA PRO C 31 -0.62 -8.01 2.70
C PRO C 31 -0.33 -6.61 3.24
N LEU C 32 0.35 -5.80 2.47
CA LEU C 32 0.69 -4.42 2.91
C LEU C 32 0.53 -3.47 1.73
N CYS C 33 0.11 -2.25 1.96
CA CYS C 33 -0.04 -1.29 0.84
C CYS C 33 1.35 -0.83 0.42
N ASN C 34 1.46 0.01 -0.57
CA ASN C 34 2.81 0.45 -1.01
C ASN C 34 3.46 1.34 0.05
N ALA C 35 2.71 2.22 0.67
CA ALA C 35 3.32 3.12 1.69
C ALA C 35 3.84 2.32 2.90
N CYS C 36 3.02 1.50 3.52
CA CYS C 36 3.52 0.73 4.70
C CYS C 36 4.73 -0.10 4.31
N GLY C 37 4.69 -0.71 3.16
CA GLY C 37 5.84 -1.54 2.71
C GLY C 37 7.09 -0.66 2.61
N LEU C 38 6.98 0.46 1.95
CA LEU C 38 8.16 1.35 1.80
C LEU C 38 8.54 1.96 3.16
N PHE C 39 7.59 2.50 3.87
CA PHE C 39 7.91 3.14 5.17
C PHE C 39 8.30 2.10 6.23
N LEU C 40 7.49 1.10 6.43
CA LEU C 40 7.79 0.11 7.49
C LEU C 40 9.14 -0.57 7.21
N LYS C 41 9.36 -1.03 6.01
CA LYS C 41 10.65 -1.70 5.69
C LYS C 41 11.83 -0.73 5.89
N LEU C 42 11.70 0.48 5.40
CA LEU C 42 12.82 1.46 5.55
C LEU C 42 12.96 1.90 7.01
N HIS C 43 11.86 2.10 7.69
CA HIS C 43 11.95 2.58 9.11
C HIS C 43 12.16 1.42 10.09
N GLY C 44 11.45 0.33 9.95
CA GLY C 44 11.64 -0.80 10.89
C GLY C 44 11.06 -0.47 12.28
N VAL C 45 10.36 0.62 12.43
CA VAL C 45 9.78 0.96 13.77
C VAL C 45 8.39 1.58 13.60
N VAL C 46 7.51 1.28 14.52
CA VAL C 46 6.12 1.83 14.44
C VAL C 46 6.14 3.35 14.34
N ARG C 47 5.19 3.91 13.65
CA ARG C 47 5.11 5.39 13.49
C ARG C 47 3.62 5.74 13.39
N PRO C 48 3.14 6.74 14.10
CA PRO C 48 1.70 7.14 14.06
C PRO C 48 1.06 6.88 12.69
N LEU C 49 0.27 5.84 12.59
CA LEU C 49 -0.40 5.54 11.29
C LEU C 49 -1.29 6.73 10.94
N SER C 50 -1.51 7.61 11.89
CA SER C 50 -2.37 8.79 11.60
C SER C 50 -1.83 9.52 10.37
N LEU C 51 -0.68 9.12 9.90
CA LEU C 51 -0.12 9.78 8.67
C LEU C 51 -0.90 9.26 7.46
N LYS C 52 -1.21 7.99 7.45
CA LYS C 52 -1.96 7.40 6.30
C LYS C 52 -3.14 8.30 5.94
N THR C 53 -3.61 8.20 4.72
CA THR C 53 -4.77 9.01 4.27
C THR C 53 -5.58 8.22 3.25
N ASP C 54 -6.79 8.60 3.01
CA ASP C 54 -7.63 7.87 2.02
C ASP C 54 -7.45 8.52 0.65
N VAL C 55 -6.63 9.54 0.58
CA VAL C 55 -6.37 10.25 -0.70
C VAL C 55 -4.88 10.10 -1.04
N ILE C 56 -4.58 9.80 -2.28
CA ILE C 56 -3.15 9.64 -2.70
C ILE C 56 -2.76 10.79 -3.63
N LYS C 57 -1.66 11.44 -3.35
CA LYS C 57 -1.24 12.56 -4.23
C LYS C 57 -0.56 11.99 -5.46
N LYS C 58 -0.96 12.42 -6.62
CA LYS C 58 -0.33 11.92 -7.87
C LYS C 58 0.94 12.73 -8.13
N ARG C 59 2.06 12.09 -8.24
CA ARG C 59 3.34 12.84 -8.47
C ARG C 59 3.63 12.89 -9.98
N ASN C 60 4.66 13.59 -10.35
CA ASN C 60 4.98 13.73 -11.81
C ASN C 60 5.63 12.45 -12.33
N ARG C 61 6.08 12.48 -13.55
CA ARG C 61 6.73 11.27 -14.16
C ARG C 61 7.93 11.72 -15.00
N ASN C 62 9.05 11.07 -14.84
CA ASN C 62 10.26 11.45 -15.63
C ASN C 62 11.21 10.25 -15.70
N SER C 63 11.70 9.96 -16.87
CA SER C 63 12.64 8.80 -17.02
C SER C 63 13.88 9.03 -16.16
N ALA C 64 14.37 7.99 -15.52
CA ALA C 64 15.58 8.15 -14.67
C ALA C 64 16.73 8.63 -15.56
N ASN C 65 16.83 8.10 -16.75
CA ASN C 65 17.92 8.53 -17.68
C ASN C 65 17.48 8.27 -19.12
N SER C 66 18.11 8.91 -20.06
CA SER C 66 17.74 8.70 -21.49
C SER C 66 16.24 8.96 -21.67
ZN ZN D . -0.71 0.36 4.57
N MET C 1 -10.12 -6.89 -12.57
CA MET C 1 -10.42 -6.12 -13.81
C MET C 1 -10.97 -7.10 -14.87
N LYS C 2 -12.25 -7.06 -15.10
CA LYS C 2 -12.85 -7.98 -16.11
C LYS C 2 -12.44 -9.42 -15.78
N ASN C 3 -12.94 -10.38 -16.52
CA ASN C 3 -12.59 -11.81 -16.26
C ASN C 3 -12.54 -12.09 -14.75
N GLY C 4 -11.88 -13.15 -14.37
CA GLY C 4 -11.81 -13.49 -12.92
C GLY C 4 -11.05 -12.41 -12.17
N GLU C 5 -11.41 -12.14 -10.95
CA GLU C 5 -10.70 -11.09 -10.17
C GLU C 5 -11.06 -11.23 -8.68
N GLN C 6 -11.44 -10.15 -8.04
CA GLN C 6 -11.82 -10.18 -6.58
C GLN C 6 -11.06 -11.29 -5.84
N ASN C 7 -11.63 -12.46 -5.78
CA ASN C 7 -10.96 -13.60 -5.07
C ASN C 7 -10.93 -13.33 -3.56
N GLY C 8 -10.58 -12.13 -3.18
CA GLY C 8 -10.52 -11.79 -1.73
C GLY C 8 -10.19 -10.30 -1.60
N PRO C 9 -11.14 -9.46 -1.26
CA PRO C 9 -10.89 -8.00 -1.15
C PRO C 9 -9.57 -7.66 -0.46
N THR C 10 -8.54 -7.45 -1.23
CA THR C 10 -7.21 -7.13 -0.64
C THR C 10 -7.33 -5.89 0.25
N THR C 11 -6.98 -6.03 1.50
CA THR C 11 -7.05 -4.88 2.45
C THR C 11 -5.71 -4.77 3.17
N CYS C 12 -5.18 -3.58 3.31
CA CYS C 12 -3.87 -3.43 4.00
C CYS C 12 -4.00 -3.81 5.47
N THR C 13 -3.41 -4.92 5.85
CA THR C 13 -3.50 -5.37 7.26
C THR C 13 -2.81 -4.37 8.18
N ASN C 14 -2.07 -3.44 7.64
CA ASN C 14 -1.38 -2.43 8.51
C ASN C 14 -2.15 -1.11 8.52
N CYS C 15 -2.77 -0.72 7.43
CA CYS C 15 -3.52 0.58 7.42
C CYS C 15 -4.83 0.44 6.63
N PHE C 16 -5.30 -0.75 6.45
CA PHE C 16 -6.58 -0.98 5.73
C PHE C 16 -6.68 -0.20 4.41
N THR C 17 -5.66 0.48 3.97
CA THR C 17 -5.79 1.24 2.70
C THR C 17 -6.23 0.30 1.58
N GLN C 18 -7.25 0.68 0.84
CA GLN C 18 -7.75 -0.17 -0.28
C GLN C 18 -7.27 0.40 -1.63
N THR C 19 -6.84 1.64 -1.63
CA THR C 19 -6.36 2.28 -2.89
C THR C 19 -4.83 2.33 -2.88
N THR C 20 -4.19 1.77 -3.88
CA THR C 20 -2.70 1.81 -3.90
C THR C 20 -2.18 1.49 -5.31
N PRO C 21 -1.11 2.11 -5.74
CA PRO C 21 -0.52 1.85 -7.09
C PRO C 21 0.11 0.45 -7.15
N VAL C 22 0.38 -0.13 -6.02
CA VAL C 22 0.99 -1.48 -6.02
C VAL C 22 0.89 -2.11 -4.63
N TRP C 23 0.65 -3.39 -4.59
CA TRP C 23 0.51 -4.11 -3.28
C TRP C 23 1.86 -4.68 -2.84
N ARG C 24 2.23 -4.42 -1.61
CA ARG C 24 3.51 -4.94 -1.06
C ARG C 24 3.20 -6.10 -0.12
N ARG C 25 4.20 -6.78 0.37
CA ARG C 25 3.96 -7.93 1.31
C ARG C 25 5.05 -7.95 2.38
N ASN C 26 4.86 -8.75 3.40
CA ASN C 26 5.84 -8.81 4.53
C ASN C 26 6.43 -10.23 4.59
N PRO C 27 7.69 -10.40 4.93
CA PRO C 27 8.31 -11.75 5.03
C PRO C 27 7.42 -12.80 5.73
N GLU C 28 6.28 -12.40 6.25
CA GLU C 28 5.37 -13.38 6.92
C GLU C 28 4.27 -13.78 5.94
N GLY C 29 4.27 -13.20 4.78
CA GLY C 29 3.23 -13.53 3.75
C GLY C 29 2.01 -12.63 3.93
N GLN C 30 2.08 -11.65 4.79
CA GLN C 30 0.91 -10.74 4.99
C GLN C 30 0.93 -9.68 3.88
N PRO C 31 -0.21 -9.27 3.37
CA PRO C 31 -0.28 -8.23 2.31
C PRO C 31 -0.13 -6.81 2.88
N LEU C 32 0.48 -5.93 2.14
CA LEU C 32 0.65 -4.52 2.61
C LEU C 32 0.46 -3.56 1.45
N CYS C 33 -0.01 -2.36 1.70
CA CYS C 33 -0.18 -1.39 0.58
C CYS C 33 1.20 -0.86 0.18
N ASN C 34 1.25 0.07 -0.74
CA ASN C 34 2.58 0.59 -1.19
C ASN C 34 3.30 1.38 -0.08
N ALA C 35 2.61 2.27 0.59
CA ALA C 35 3.28 3.09 1.64
C ALA C 35 3.76 2.24 2.82
N CYS C 36 2.93 1.39 3.35
CA CYS C 36 3.35 0.56 4.53
C CYS C 36 4.59 -0.27 4.19
N GLY C 37 4.64 -0.82 3.02
CA GLY C 37 5.81 -1.67 2.64
C GLY C 37 7.06 -0.82 2.48
N LEU C 38 6.96 0.28 1.78
CA LEU C 38 8.16 1.14 1.56
C LEU C 38 8.64 1.76 2.88
N PHE C 39 7.76 2.37 3.63
CA PHE C 39 8.21 3.02 4.89
C PHE C 39 8.62 2.00 5.94
N LEU C 40 7.82 0.99 6.16
CA LEU C 40 8.15 -0.01 7.21
C LEU C 40 9.48 -0.70 6.89
N LYS C 41 9.65 -1.16 5.68
CA LYS C 41 10.92 -1.84 5.31
C LYS C 41 12.10 -0.87 5.44
N LEU C 42 11.93 0.34 4.97
CA LEU C 42 13.05 1.32 5.04
C LEU C 42 13.32 1.75 6.49
N HIS C 43 12.30 1.96 7.27
CA HIS C 43 12.51 2.42 8.67
C HIS C 43 12.73 1.24 9.62
N GLY C 44 12.04 0.15 9.42
CA GLY C 44 12.24 -1.03 10.32
C GLY C 44 11.64 -0.77 11.71
N VAL C 45 10.93 0.31 11.89
CA VAL C 45 10.34 0.60 13.24
C VAL C 45 8.91 1.13 13.09
N VAL C 46 8.04 0.73 13.97
CA VAL C 46 6.62 1.19 13.92
C VAL C 46 6.56 2.71 14.03
N ARG C 47 5.56 3.30 13.44
CA ARG C 47 5.41 4.79 13.51
C ARG C 47 3.91 5.10 13.38
N PRO C 48 3.37 6.02 14.14
CA PRO C 48 1.93 6.38 14.10
C PRO C 48 1.31 6.20 12.71
N LEU C 49 0.51 5.18 12.56
CA LEU C 49 -0.17 4.94 11.25
C LEU C 49 -1.05 6.16 10.94
N SER C 50 -1.22 7.01 11.91
CA SER C 50 -2.07 8.21 11.70
C SER C 50 -1.50 9.03 10.54
N LEU C 51 -0.34 8.69 10.06
CA LEU C 51 0.24 9.44 8.92
C LEU C 51 -0.51 9.02 7.65
N LYS C 52 -0.82 7.76 7.55
CA LYS C 52 -1.57 7.24 6.37
C LYS C 52 -2.79 8.14 6.11
N THR C 53 -3.28 8.13 4.89
CA THR C 53 -4.50 8.95 4.57
C THR C 53 -5.27 8.25 3.45
N ASP C 54 -6.46 8.70 3.17
CA ASP C 54 -7.27 8.04 2.10
C ASP C 54 -7.05 8.79 0.78
N VAL C 55 -6.25 9.82 0.80
CA VAL C 55 -5.95 10.61 -0.44
C VAL C 55 -4.50 10.36 -0.84
N ILE C 56 -4.27 10.03 -2.08
CA ILE C 56 -2.88 9.77 -2.56
C ILE C 56 -2.44 10.89 -3.50
N LYS C 57 -1.27 11.45 -3.27
CA LYS C 57 -0.79 12.55 -4.14
C LYS C 57 -0.18 11.95 -5.40
N LYS C 58 -0.64 12.38 -6.55
CA LYS C 58 -0.08 11.84 -7.83
C LYS C 58 1.16 12.65 -8.23
N ARG C 59 2.24 11.99 -8.52
CA ARG C 59 3.49 12.72 -8.89
C ARG C 59 3.65 12.72 -10.42
N ASN C 60 4.66 13.35 -10.92
CA ASN C 60 4.86 13.41 -12.40
C ASN C 60 5.43 12.08 -12.90
N ARG C 61 5.86 12.04 -14.13
CA ARG C 61 6.43 10.78 -14.69
C ARG C 61 7.55 11.11 -15.68
N ASN C 62 8.52 10.25 -15.80
CA ASN C 62 9.65 10.51 -16.75
C ASN C 62 9.27 10.00 -18.13
N SER C 63 9.74 10.67 -19.17
CA SER C 63 9.44 10.23 -20.56
C SER C 63 10.74 10.23 -21.37
N ALA C 64 11.02 9.16 -22.07
CA ALA C 64 12.28 9.11 -22.85
C ALA C 64 12.20 7.96 -23.88
N ASN C 65 13.03 8.00 -24.89
CA ASN C 65 12.99 6.93 -25.92
C ASN C 65 13.84 5.74 -25.45
N SER C 66 13.72 4.62 -26.12
CA SER C 66 14.52 3.42 -25.71
C SER C 66 16.01 3.76 -25.73
ZN ZN D . -0.94 0.26 4.27
N MET C 1 -3.88 -19.52 3.13
CA MET C 1 -3.29 -18.54 2.18
C MET C 1 -2.29 -19.26 1.27
N LYS C 2 -1.70 -20.31 1.77
CA LYS C 2 -0.73 -21.08 0.96
C LYS C 2 -1.45 -21.70 -0.25
N ASN C 3 -2.65 -22.17 -0.05
CA ASN C 3 -3.42 -22.81 -1.18
C ASN C 3 -4.33 -21.78 -1.85
N GLY C 4 -4.42 -21.84 -3.15
CA GLY C 4 -5.29 -20.89 -3.89
C GLY C 4 -4.70 -19.48 -3.84
N GLU C 5 -5.49 -18.50 -4.15
CA GLU C 5 -5.00 -17.09 -4.15
C GLU C 5 -6.20 -16.15 -3.92
N GLN C 6 -5.97 -14.91 -3.57
CA GLN C 6 -7.12 -13.98 -3.35
C GLN C 6 -8.03 -14.58 -2.28
N ASN C 7 -7.50 -14.80 -1.11
CA ASN C 7 -8.33 -15.38 -0.03
C ASN C 7 -9.51 -14.45 0.28
N GLY C 8 -9.28 -13.16 0.31
CA GLY C 8 -10.39 -12.20 0.60
C GLY C 8 -10.02 -10.79 0.12
N PRO C 9 -10.90 -9.83 0.32
CA PRO C 9 -10.67 -8.41 -0.09
C PRO C 9 -9.30 -7.87 0.32
N THR C 10 -8.45 -7.59 -0.62
CA THR C 10 -7.11 -7.05 -0.29
C THR C 10 -7.25 -5.84 0.63
N THR C 11 -6.84 -5.95 1.86
CA THR C 11 -6.94 -4.81 2.82
C THR C 11 -5.62 -4.70 3.60
N CYS C 12 -5.03 -3.53 3.65
CA CYS C 12 -3.73 -3.39 4.37
C CYS C 12 -3.90 -3.76 5.85
N THR C 13 -3.32 -4.85 6.26
CA THR C 13 -3.44 -5.28 7.68
C THR C 13 -2.73 -4.29 8.62
N ASN C 14 -1.95 -3.37 8.09
CA ASN C 14 -1.24 -2.38 8.96
C ASN C 14 -2.00 -1.05 8.97
N CYS C 15 -2.66 -0.70 7.90
CA CYS C 15 -3.40 0.60 7.87
C CYS C 15 -4.72 0.44 7.10
N PHE C 16 -5.21 -0.76 6.97
CA PHE C 16 -6.50 -1.01 6.25
C PHE C 16 -6.59 -0.26 4.91
N THR C 17 -5.55 0.39 4.47
CA THR C 17 -5.67 1.13 3.17
C THR C 17 -6.15 0.17 2.08
N GLN C 18 -7.23 0.52 1.44
CA GLN C 18 -7.78 -0.33 0.33
C GLN C 18 -7.40 0.30 -1.01
N THR C 19 -6.94 1.52 -0.99
CA THR C 19 -6.53 2.21 -2.27
C THR C 19 -5.01 2.34 -2.31
N THR C 20 -4.38 1.79 -3.33
CA THR C 20 -2.90 1.86 -3.41
C THR C 20 -2.43 1.58 -4.85
N PRO C 21 -1.35 2.18 -5.28
CA PRO C 21 -0.80 1.97 -6.66
C PRO C 21 -0.21 0.57 -6.85
N VAL C 22 0.23 -0.04 -5.78
CA VAL C 22 0.82 -1.41 -5.90
C VAL C 22 0.79 -2.10 -4.54
N TRP C 23 0.45 -3.36 -4.51
CA TRP C 23 0.38 -4.09 -3.20
C TRP C 23 1.73 -4.69 -2.82
N ARG C 24 2.15 -4.50 -1.61
CA ARG C 24 3.45 -5.06 -1.14
C ARG C 24 3.17 -6.30 -0.29
N ARG C 25 4.20 -7.01 0.06
CA ARG C 25 4.05 -8.23 0.91
C ARG C 25 5.17 -8.27 1.95
N ASN C 26 4.97 -9.01 3.01
CA ASN C 26 6.00 -9.12 4.09
C ASN C 26 6.36 -10.58 4.31
N PRO C 27 7.60 -10.91 4.63
CA PRO C 27 8.04 -12.31 4.88
C PRO C 27 7.04 -13.15 5.73
N GLU C 28 5.95 -12.56 6.18
CA GLU C 28 4.96 -13.32 7.00
C GLU C 28 3.79 -13.75 6.09
N GLY C 29 3.72 -13.16 4.92
CA GLY C 29 2.63 -13.51 3.96
C GLY C 29 1.40 -12.63 4.19
N GLN C 30 1.50 -11.64 5.02
CA GLN C 30 0.33 -10.74 5.25
C GLN C 30 0.33 -9.64 4.17
N PRO C 31 -0.81 -9.15 3.74
CA PRO C 31 -0.90 -8.10 2.69
C PRO C 31 -0.67 -6.69 3.25
N LEU C 32 0.09 -5.88 2.55
CA LEU C 32 0.36 -4.48 3.02
C LEU C 32 0.25 -3.51 1.84
N CYS C 33 -0.16 -2.30 2.09
CA CYS C 33 -0.25 -1.32 0.96
C CYS C 33 1.17 -0.86 0.61
N ASN C 34 1.31 0.03 -0.33
CA ASN C 34 2.66 0.49 -0.73
C ASN C 34 3.33 1.33 0.38
N ALA C 35 2.61 2.20 1.02
CA ALA C 35 3.25 3.05 2.07
C ALA C 35 3.75 2.21 3.26
N CYS C 36 2.93 1.36 3.84
CA CYS C 36 3.40 0.55 5.02
C CYS C 36 4.59 -0.32 4.62
N GLY C 37 4.48 -1.03 3.52
CA GLY C 37 5.60 -1.90 3.10
C GLY C 37 6.84 -1.06 2.85
N LEU C 38 6.71 -0.01 2.09
CA LEU C 38 7.88 0.85 1.79
C LEU C 38 8.41 1.56 3.05
N PHE C 39 7.56 2.20 3.81
CA PHE C 39 8.05 2.92 5.02
C PHE C 39 8.51 1.97 6.12
N LEU C 40 7.74 0.95 6.40
CA LEU C 40 8.13 0.01 7.49
C LEU C 40 9.49 -0.63 7.18
N LYS C 41 9.68 -1.13 6.00
CA LYS C 41 10.98 -1.78 5.65
C LYS C 41 12.11 -0.74 5.68
N LEU C 42 11.90 0.42 5.14
CA LEU C 42 12.99 1.45 5.12
C LEU C 42 13.27 1.96 6.54
N HIS C 43 12.26 2.17 7.35
CA HIS C 43 12.51 2.68 8.73
C HIS C 43 12.78 1.55 9.72
N GLY C 44 12.13 0.43 9.57
CA GLY C 44 12.39 -0.71 10.50
C GLY C 44 11.82 -0.42 11.89
N VAL C 45 11.07 0.64 12.05
CA VAL C 45 10.52 0.95 13.41
C VAL C 45 9.07 1.46 13.31
N VAL C 46 8.25 1.08 14.25
CA VAL C 46 6.83 1.52 14.25
C VAL C 46 6.74 3.04 14.20
N ARG C 47 5.71 3.55 13.58
CA ARG C 47 5.52 5.02 13.44
C ARG C 47 4.00 5.29 13.51
N PRO C 48 3.56 6.27 14.25
CA PRO C 48 2.11 6.58 14.36
C PRO C 48 1.35 6.38 13.04
N LEU C 49 0.58 5.34 12.97
CA LEU C 49 -0.20 5.09 11.73
C LEU C 49 -1.12 6.29 11.51
N SER C 50 -1.14 7.20 12.46
CA SER C 50 -1.99 8.41 12.33
C SER C 50 -1.60 9.18 11.08
N LEU C 51 -0.51 8.81 10.47
CA LEU C 51 -0.08 9.52 9.23
C LEU C 51 -1.00 9.10 8.10
N LYS C 52 -1.47 7.88 8.16
CA LYS C 52 -2.37 7.36 7.10
C LYS C 52 -3.44 8.41 6.75
N THR C 53 -3.80 8.42 5.50
CA THR C 53 -4.86 9.33 4.99
C THR C 53 -5.61 8.59 3.89
N ASP C 54 -6.79 9.05 3.54
CA ASP C 54 -7.57 8.35 2.48
C ASP C 54 -7.26 8.97 1.12
N VAL C 55 -6.43 9.99 1.12
CA VAL C 55 -6.06 10.66 -0.16
C VAL C 55 -4.58 10.40 -0.45
N ILE C 56 -4.27 10.00 -1.67
CA ILE C 56 -2.85 9.73 -2.06
C ILE C 56 -2.40 10.82 -3.04
N LYS C 57 -1.24 11.38 -2.84
CA LYS C 57 -0.76 12.46 -3.76
C LYS C 57 -0.29 11.87 -5.09
N LYS C 58 -0.88 12.28 -6.17
CA LYS C 58 -0.48 11.76 -7.51
C LYS C 58 0.72 12.57 -8.03
N ARG C 59 1.78 11.89 -8.37
CA ARG C 59 3.00 12.60 -8.87
C ARG C 59 3.03 12.57 -10.40
N ASN C 60 4.00 13.21 -10.99
CA ASN C 60 4.07 13.25 -12.49
C ASN C 60 4.59 11.91 -13.02
N ARG C 61 4.84 11.85 -14.30
CA ARG C 61 5.35 10.59 -14.91
C ARG C 61 6.34 10.93 -16.02
N ASN C 62 7.06 9.95 -16.50
CA ASN C 62 8.05 10.21 -17.58
C ASN C 62 7.32 10.38 -18.92
N SER C 63 7.84 11.19 -19.79
CA SER C 63 7.17 11.38 -21.11
C SER C 63 7.25 10.09 -21.92
N ALA C 64 6.29 9.86 -22.77
CA ALA C 64 6.32 8.62 -23.59
C ALA C 64 7.57 8.65 -24.47
N ASN C 65 7.88 9.79 -25.03
CA ASN C 65 9.08 9.88 -25.90
C ASN C 65 9.06 8.75 -26.93
N SER C 66 9.87 7.75 -26.76
CA SER C 66 9.89 6.63 -27.74
C SER C 66 10.60 5.42 -27.12
ZN ZN D . -0.85 0.28 4.70
N MET C 1 -11.58 -23.73 -6.86
CA MET C 1 -11.38 -25.00 -6.11
C MET C 1 -10.15 -24.86 -5.20
N LYS C 2 -9.44 -23.77 -5.30
CA LYS C 2 -8.23 -23.54 -4.45
C LYS C 2 -8.28 -22.12 -3.89
N ASN C 3 -7.79 -21.16 -4.63
CA ASN C 3 -7.81 -19.74 -4.13
C ASN C 3 -7.22 -19.67 -2.73
N GLY C 4 -6.15 -20.39 -2.48
CA GLY C 4 -5.53 -20.34 -1.12
C GLY C 4 -5.11 -18.91 -0.79
N GLU C 5 -4.57 -18.19 -1.74
CA GLU C 5 -4.12 -16.80 -1.47
C GLU C 5 -5.27 -15.80 -1.71
N GLN C 6 -5.13 -14.60 -1.23
CA GLN C 6 -6.21 -13.60 -1.42
C GLN C 6 -7.52 -14.22 -0.95
N ASN C 7 -7.54 -14.77 0.23
CA ASN C 7 -8.77 -15.42 0.75
C ASN C 7 -9.89 -14.38 0.84
N GLY C 8 -9.58 -13.19 1.25
CA GLY C 8 -10.62 -12.12 1.34
C GLY C 8 -10.04 -10.83 0.76
N PRO C 9 -10.86 -9.83 0.57
CA PRO C 9 -10.43 -8.52 0.00
C PRO C 9 -9.03 -8.10 0.45
N THR C 10 -8.14 -7.88 -0.47
CA THR C 10 -6.75 -7.47 -0.08
C THR C 10 -6.82 -6.17 0.71
N THR C 11 -6.36 -6.20 1.93
CA THR C 11 -6.39 -4.97 2.79
C THR C 11 -5.04 -4.82 3.51
N CYS C 12 -4.53 -3.61 3.57
CA CYS C 12 -3.23 -3.38 4.26
C CYS C 12 -3.39 -3.69 5.75
N THR C 13 -2.80 -4.77 6.20
CA THR C 13 -2.92 -5.12 7.64
C THR C 13 -2.28 -4.03 8.51
N ASN C 14 -1.58 -3.10 7.91
CA ASN C 14 -0.91 -2.03 8.71
C ASN C 14 -1.71 -0.72 8.71
N CYS C 15 -2.40 -0.37 7.65
CA CYS C 15 -3.14 0.95 7.64
C CYS C 15 -4.51 0.83 6.97
N PHE C 16 -5.01 -0.37 6.80
CA PHE C 16 -6.36 -0.54 6.17
C PHE C 16 -6.43 0.07 4.77
N THR C 17 -5.36 0.63 4.26
CA THR C 17 -5.44 1.25 2.91
C THR C 17 -5.91 0.20 1.89
N GLN C 18 -6.96 0.50 1.19
CA GLN C 18 -7.48 -0.43 0.15
C GLN C 18 -7.08 0.08 -1.23
N THR C 19 -6.60 1.30 -1.30
CA THR C 19 -6.18 1.88 -2.62
C THR C 19 -4.68 2.15 -2.60
N THR C 20 -3.97 1.71 -3.61
CA THR C 20 -2.50 1.93 -3.66
C THR C 20 -1.99 1.62 -5.07
N PRO C 21 -0.96 2.29 -5.53
CA PRO C 21 -0.39 2.03 -6.89
C PRO C 21 0.10 0.59 -7.04
N VAL C 22 0.46 -0.05 -5.95
CA VAL C 22 0.92 -1.48 -6.06
C VAL C 22 0.94 -2.14 -4.68
N TRP C 23 0.63 -3.40 -4.61
CA TRP C 23 0.59 -4.10 -3.29
C TRP C 23 1.97 -4.64 -2.91
N ARG C 24 2.39 -4.39 -1.69
CA ARG C 24 3.72 -4.86 -1.20
C ARG C 24 3.52 -5.97 -0.17
N ARG C 25 4.58 -6.60 0.25
CA ARG C 25 4.46 -7.68 1.26
C ARG C 25 5.72 -7.69 2.13
N ASN C 26 5.74 -8.52 3.14
CA ASN C 26 6.92 -8.57 4.07
C ASN C 26 7.23 -10.04 4.38
N PRO C 27 8.50 -10.40 4.54
CA PRO C 27 8.91 -11.80 4.87
C PRO C 27 8.00 -12.54 5.87
N GLU C 28 7.00 -11.87 6.41
CA GLU C 28 6.06 -12.54 7.36
C GLU C 28 4.86 -13.06 6.57
N GLY C 29 4.68 -12.54 5.38
CA GLY C 29 3.55 -12.95 4.51
C GLY C 29 2.33 -12.04 4.73
N GLN C 30 2.49 -10.96 5.45
CA GLN C 30 1.35 -10.03 5.70
C GLN C 30 1.27 -9.00 4.55
N PRO C 31 0.17 -8.91 3.81
CA PRO C 31 0.06 -7.91 2.70
C PRO C 31 0.23 -6.47 3.21
N LEU C 32 0.89 -5.65 2.44
CA LEU C 32 1.12 -4.23 2.86
C LEU C 32 0.96 -3.30 1.65
N CYS C 33 0.49 -2.11 1.87
CA CYS C 33 0.34 -1.14 0.75
C CYS C 33 1.71 -0.55 0.40
N ASN C 34 1.75 0.44 -0.44
CA ASN C 34 3.06 1.04 -0.83
C ASN C 34 3.69 1.85 0.31
N ALA C 35 2.94 2.74 0.91
CA ALA C 35 3.53 3.58 1.99
C ALA C 35 4.04 2.73 3.15
N CYS C 36 3.23 1.86 3.68
CA CYS C 36 3.68 1.02 4.84
C CYS C 36 4.88 0.17 4.44
N GLY C 37 4.81 -0.49 3.31
CA GLY C 37 5.94 -1.36 2.89
C GLY C 37 7.23 -0.55 2.78
N LEU C 38 7.19 0.56 2.09
CA LEU C 38 8.43 1.39 1.94
C LEU C 38 8.81 2.03 3.29
N PHE C 39 7.85 2.60 3.97
CA PHE C 39 8.14 3.27 5.27
C PHE C 39 8.51 2.28 6.37
N LEU C 40 7.75 1.23 6.53
CA LEU C 40 8.05 0.26 7.62
C LEU C 40 9.45 -0.34 7.45
N LYS C 41 9.79 -0.78 6.27
CA LYS C 41 11.13 -1.36 6.05
C LYS C 41 12.22 -0.33 6.32
N LEU C 42 12.07 0.87 5.82
CA LEU C 42 13.10 1.91 6.05
C LEU C 42 13.10 2.37 7.51
N HIS C 43 11.94 2.53 8.10
CA HIS C 43 11.88 3.03 9.51
C HIS C 43 12.06 1.88 10.52
N GLY C 44 11.37 0.78 10.34
CA GLY C 44 11.50 -0.36 11.29
C GLY C 44 10.87 -0.04 12.64
N VAL C 45 10.19 1.07 12.77
CA VAL C 45 9.55 1.43 14.07
C VAL C 45 8.14 1.97 13.83
N VAL C 46 7.23 1.66 14.71
CA VAL C 46 5.82 2.13 14.53
C VAL C 46 5.78 3.65 14.37
N ARG C 47 4.82 4.14 13.63
CA ARG C 47 4.69 5.62 13.43
C ARG C 47 3.20 5.94 13.22
N PRO C 48 2.67 6.97 13.86
CA PRO C 48 1.23 7.33 13.72
C PRO C 48 0.67 7.05 12.33
N LEU C 49 0.02 5.93 12.18
CA LEU C 49 -0.58 5.59 10.87
C LEU C 49 -1.56 6.71 10.47
N SER C 50 -1.92 7.54 11.41
CA SER C 50 -2.87 8.65 11.09
C SER C 50 -2.30 9.51 9.96
N LEU C 51 -1.10 9.24 9.52
CA LEU C 51 -0.54 10.06 8.41
C LEU C 51 -1.21 9.64 7.10
N LYS C 52 -1.43 8.36 6.94
CA LYS C 52 -2.10 7.87 5.70
C LYS C 52 -3.40 8.65 5.50
N THR C 53 -3.99 8.55 4.34
CA THR C 53 -5.28 9.26 4.06
C THR C 53 -6.05 8.45 3.01
N ASP C 54 -7.24 8.85 2.67
CA ASP C 54 -8.01 8.10 1.63
C ASP C 54 -7.75 8.75 0.27
N VAL C 55 -6.92 9.75 0.25
CA VAL C 55 -6.59 10.46 -1.04
C VAL C 55 -5.09 10.32 -1.29
N ILE C 56 -4.69 10.01 -2.50
CA ILE C 56 -3.24 9.87 -2.82
C ILE C 56 -2.84 10.99 -3.78
N LYS C 57 -1.77 11.69 -3.48
CA LYS C 57 -1.35 12.80 -4.38
C LYS C 57 -0.60 12.22 -5.58
N LYS C 58 -0.92 12.66 -6.77
CA LYS C 58 -0.21 12.12 -7.98
C LYS C 58 1.06 12.93 -8.24
N ARG C 59 2.20 12.28 -8.35
CA ARG C 59 3.47 13.01 -8.60
C ARG C 59 3.73 13.06 -10.10
N ASN C 60 4.77 13.73 -10.53
CA ASN C 60 5.01 13.85 -12.00
C ASN C 60 5.50 12.52 -12.59
N ARG C 61 5.68 12.49 -13.88
CA ARG C 61 6.14 11.23 -14.55
C ARG C 61 7.11 11.59 -15.68
N ASN C 62 8.00 10.68 -16.02
CA ASN C 62 8.96 10.98 -17.12
C ASN C 62 8.29 10.67 -18.47
N SER C 63 8.37 11.56 -19.42
CA SER C 63 7.73 11.29 -20.73
C SER C 63 8.41 10.11 -21.42
N ALA C 64 9.71 10.09 -21.45
CA ALA C 64 10.44 8.97 -22.10
C ALA C 64 11.95 9.17 -21.94
N ASN C 65 12.47 10.25 -22.46
CA ASN C 65 13.93 10.52 -22.35
C ASN C 65 14.33 10.57 -20.87
N SER C 66 15.47 10.02 -20.53
CA SER C 66 15.90 10.04 -19.09
C SER C 66 15.94 11.49 -18.60
ZN ZN D . -0.56 0.53 4.47
N MET C 1 -11.59 -23.63 -7.77
CA MET C 1 -11.05 -24.13 -6.47
C MET C 1 -9.54 -23.93 -6.44
N LYS C 2 -8.91 -23.88 -7.59
CA LYS C 2 -7.43 -23.66 -7.63
C LYS C 2 -7.13 -22.20 -7.29
N ASN C 3 -6.01 -21.92 -6.67
CA ASN C 3 -5.68 -20.50 -6.33
C ASN C 3 -6.87 -19.87 -5.61
N GLY C 4 -7.39 -20.52 -4.61
CA GLY C 4 -8.55 -19.96 -3.86
C GLY C 4 -8.17 -18.62 -3.22
N GLU C 5 -9.14 -17.85 -2.83
CA GLU C 5 -8.84 -16.54 -2.18
C GLU C 5 -8.37 -16.76 -0.74
N GLN C 6 -7.42 -15.99 -0.30
CA GLN C 6 -6.91 -16.15 1.09
C GLN C 6 -8.06 -15.96 2.09
N ASN C 7 -8.90 -14.99 1.87
CA ASN C 7 -10.03 -14.78 2.83
C ASN C 7 -10.97 -13.71 2.28
N GLY C 8 -10.50 -12.50 2.19
CA GLY C 8 -11.36 -11.39 1.67
C GLY C 8 -10.50 -10.49 0.79
N PRO C 9 -11.12 -9.56 0.09
CA PRO C 9 -10.41 -8.62 -0.80
C PRO C 9 -9.06 -8.19 -0.24
N THR C 10 -8.08 -8.01 -1.09
CA THR C 10 -6.74 -7.61 -0.57
C THR C 10 -6.87 -6.31 0.23
N THR C 11 -6.55 -6.35 1.50
CA THR C 11 -6.66 -5.13 2.36
C THR C 11 -5.37 -4.96 3.18
N CYS C 12 -4.90 -3.75 3.31
CA CYS C 12 -3.64 -3.55 4.10
C CYS C 12 -3.88 -3.91 5.57
N THR C 13 -3.35 -5.02 5.99
CA THR C 13 -3.50 -5.44 7.41
C THR C 13 -2.83 -4.42 8.34
N ASN C 14 -2.07 -3.49 7.80
CA ASN C 14 -1.37 -2.50 8.67
C ASN C 14 -2.11 -1.15 8.69
N CYS C 15 -2.73 -0.75 7.61
CA CYS C 15 -3.47 0.57 7.63
C CYS C 15 -4.81 0.43 6.92
N PHE C 16 -5.21 -0.76 6.61
CA PHE C 16 -6.52 -0.97 5.94
C PHE C 16 -6.62 -0.19 4.63
N THR C 17 -5.59 0.48 4.19
CA THR C 17 -5.72 1.26 2.91
C THR C 17 -6.27 0.33 1.83
N GLN C 18 -7.32 0.74 1.16
CA GLN C 18 -7.93 -0.12 0.08
C GLN C 18 -7.50 0.45 -1.29
N THR C 19 -7.02 1.67 -1.32
CA THR C 19 -6.57 2.27 -2.61
C THR C 19 -5.04 2.37 -2.61
N THR C 20 -4.38 1.80 -3.59
CA THR C 20 -2.89 1.86 -3.64
C THR C 20 -2.42 1.52 -5.06
N PRO C 21 -1.34 2.12 -5.51
CA PRO C 21 -0.79 1.84 -6.87
C PRO C 21 -0.22 0.41 -6.97
N VAL C 22 0.07 -0.21 -5.86
CA VAL C 22 0.64 -1.58 -5.92
C VAL C 22 0.60 -2.21 -4.52
N TRP C 23 0.34 -3.49 -4.45
CA TRP C 23 0.29 -4.17 -3.13
C TRP C 23 1.66 -4.74 -2.76
N ARG C 24 2.11 -4.53 -1.55
CA ARG C 24 3.43 -5.05 -1.10
C ARG C 24 3.22 -6.33 -0.28
N ARG C 25 4.27 -7.07 -0.05
CA ARG C 25 4.15 -8.32 0.76
C ARG C 25 5.26 -8.33 1.82
N ASN C 26 5.09 -9.10 2.86
CA ASN C 26 6.12 -9.16 3.94
C ASN C 26 6.47 -10.64 4.17
N PRO C 27 7.68 -10.97 4.56
CA PRO C 27 8.07 -12.39 4.80
C PRO C 27 7.05 -13.18 5.65
N GLU C 28 5.98 -12.56 6.09
CA GLU C 28 4.95 -13.30 6.89
C GLU C 28 3.81 -13.69 5.95
N GLY C 29 3.79 -13.09 4.79
CA GLY C 29 2.73 -13.40 3.79
C GLY C 29 1.50 -12.52 4.00
N GLN C 30 1.59 -11.55 4.87
CA GLN C 30 0.43 -10.65 5.10
C GLN C 30 0.42 -9.57 4.00
N PRO C 31 -0.72 -9.20 3.47
CA PRO C 31 -0.82 -8.16 2.39
C PRO C 31 -0.56 -6.73 2.94
N LEU C 32 0.16 -5.93 2.21
CA LEU C 32 0.46 -4.54 2.66
C LEU C 32 0.31 -3.56 1.49
N CYS C 33 -0.10 -2.35 1.77
CA CYS C 33 -0.23 -1.37 0.66
C CYS C 33 1.17 -0.87 0.29
N ASN C 34 1.28 0.04 -0.63
CA ASN C 34 2.63 0.51 -1.04
C ASN C 34 3.29 1.36 0.06
N ALA C 35 2.56 2.21 0.72
CA ALA C 35 3.19 3.07 1.76
C ALA C 35 3.70 2.26 2.94
N CYS C 36 2.90 1.37 3.50
CA CYS C 36 3.37 0.58 4.67
C CYS C 36 4.55 -0.30 4.29
N GLY C 37 4.50 -0.95 3.15
CA GLY C 37 5.63 -1.84 2.76
C GLY C 37 6.90 -1.01 2.57
N LEU C 38 6.79 0.04 1.82
CA LEU C 38 7.98 0.90 1.57
C LEU C 38 8.44 1.57 2.86
N PHE C 39 7.56 2.18 3.59
CA PHE C 39 7.97 2.85 4.85
C PHE C 39 8.43 1.85 5.91
N LEU C 40 7.66 0.82 6.13
CA LEU C 40 8.04 -0.18 7.18
C LEU C 40 9.40 -0.79 6.84
N LYS C 41 9.58 -1.26 5.64
CA LYS C 41 10.88 -1.88 5.28
C LYS C 41 12.01 -0.83 5.32
N LEU C 42 11.75 0.34 4.81
CA LEU C 42 12.82 1.39 4.80
C LEU C 42 13.11 1.86 6.24
N HIS C 43 12.10 2.03 7.06
CA HIS C 43 12.35 2.52 8.46
C HIS C 43 12.63 1.36 9.42
N GLY C 44 11.93 0.27 9.31
CA GLY C 44 12.20 -0.86 10.23
C GLY C 44 11.69 -0.56 11.65
N VAL C 45 10.99 0.53 11.84
CA VAL C 45 10.50 0.87 13.22
C VAL C 45 9.07 1.43 13.16
N VAL C 46 8.27 1.11 14.13
CA VAL C 46 6.86 1.61 14.15
C VAL C 46 6.83 3.12 13.99
N ARG C 47 5.82 3.65 13.34
CA ARG C 47 5.72 5.12 13.15
C ARG C 47 4.23 5.48 13.08
N PRO C 48 3.78 6.49 13.80
CA PRO C 48 2.36 6.89 13.82
C PRO C 48 1.64 6.64 12.47
N LEU C 49 0.85 5.59 12.41
CA LEU C 49 0.10 5.29 11.16
C LEU C 49 -0.83 6.47 10.86
N SER C 50 -1.00 7.37 11.80
CA SER C 50 -1.92 8.53 11.59
C SER C 50 -1.44 9.34 10.40
N LEU C 51 -0.27 9.05 9.89
CA LEU C 51 0.22 9.79 8.70
C LEU C 51 -0.62 9.37 7.50
N LYS C 52 -0.91 8.10 7.42
CA LYS C 52 -1.72 7.57 6.28
C LYS C 52 -2.91 8.49 6.01
N THR C 53 -3.44 8.45 4.81
CA THR C 53 -4.63 9.28 4.47
C THR C 53 -5.46 8.54 3.42
N ASP C 54 -6.66 8.97 3.17
CA ASP C 54 -7.50 8.29 2.14
C ASP C 54 -7.27 8.97 0.79
N VAL C 55 -6.47 10.02 0.79
CA VAL C 55 -6.15 10.74 -0.48
C VAL C 55 -4.68 10.49 -0.81
N ILE C 56 -4.40 10.11 -2.01
CA ILE C 56 -3.01 9.82 -2.43
C ILE C 56 -2.49 10.95 -3.32
N LYS C 57 -1.24 11.33 -3.15
CA LYS C 57 -0.67 12.43 -3.98
C LYS C 57 -0.17 11.83 -5.29
N LYS C 58 -0.71 12.27 -6.39
CA LYS C 58 -0.29 11.73 -7.71
C LYS C 58 0.93 12.53 -8.19
N ARG C 59 2.03 11.87 -8.50
CA ARG C 59 3.24 12.60 -8.97
C ARG C 59 3.29 12.57 -10.49
N ASN C 60 4.29 13.19 -11.07
CA ASN C 60 4.36 13.25 -12.56
C ASN C 60 4.81 11.90 -13.15
N ARG C 61 4.88 11.85 -14.46
CA ARG C 61 5.29 10.60 -15.17
C ARG C 61 5.99 10.98 -16.48
N ASN C 62 6.69 10.06 -17.09
CA ASN C 62 7.37 10.39 -18.38
C ASN C 62 6.37 10.26 -19.54
N SER C 63 6.47 11.11 -20.53
CA SER C 63 5.51 11.03 -21.67
C SER C 63 5.75 9.74 -22.45
N ALA C 64 4.73 8.96 -22.69
CA ALA C 64 4.91 7.69 -23.45
C ALA C 64 3.53 7.09 -23.72
N ASN C 65 2.76 6.84 -22.69
CA ASN C 65 1.41 6.26 -22.89
C ASN C 65 0.56 7.21 -23.74
N SER C 66 0.62 8.48 -23.46
CA SER C 66 -0.19 9.45 -24.24
C SER C 66 -1.68 9.11 -24.13
ZN ZN D . -0.92 0.26 4.41
N MET C 1 -13.42 -5.36 -16.02
CA MET C 1 -13.13 -5.56 -14.57
C MET C 1 -14.44 -5.50 -13.78
N LYS C 2 -14.84 -6.59 -13.19
CA LYS C 2 -16.10 -6.60 -12.39
C LYS C 2 -15.99 -7.62 -11.26
N ASN C 3 -16.69 -7.42 -10.19
CA ASN C 3 -16.61 -8.38 -9.05
C ASN C 3 -17.84 -8.26 -8.16
N GLY C 4 -18.14 -9.27 -7.39
CA GLY C 4 -19.33 -9.21 -6.48
C GLY C 4 -19.16 -10.23 -5.36
N GLU C 5 -19.06 -11.48 -5.69
CA GLU C 5 -18.90 -12.53 -4.63
C GLU C 5 -17.42 -12.67 -4.25
N GLN C 6 -16.64 -11.64 -4.44
CA GLN C 6 -15.20 -11.73 -4.09
C GLN C 6 -15.08 -12.27 -2.66
N ASN C 7 -14.25 -13.27 -2.47
CA ASN C 7 -14.10 -13.89 -1.11
C ASN C 7 -12.64 -13.81 -0.66
N GLY C 8 -12.01 -12.69 -0.84
CA GLY C 8 -10.59 -12.56 -0.41
C GLY C 8 -10.02 -11.24 -0.95
N PRO C 9 -10.62 -10.15 -0.57
CA PRO C 9 -10.17 -8.79 -1.03
C PRO C 9 -8.86 -8.35 -0.36
N THR C 10 -7.83 -8.18 -1.13
CA THR C 10 -6.52 -7.76 -0.56
C THR C 10 -6.65 -6.42 0.15
N THR C 11 -6.36 -6.38 1.43
CA THR C 11 -6.47 -5.12 2.22
C THR C 11 -5.18 -4.91 3.02
N CYS C 12 -4.69 -3.70 3.10
CA CYS C 12 -3.43 -3.45 3.87
C CYS C 12 -3.66 -3.81 5.34
N THR C 13 -3.06 -4.86 5.80
CA THR C 13 -3.23 -5.26 7.23
C THR C 13 -2.60 -4.21 8.15
N ASN C 14 -1.82 -3.31 7.61
CA ASN C 14 -1.18 -2.27 8.48
C ASN C 14 -2.01 -0.97 8.44
N CYS C 15 -2.64 -0.65 7.34
CA CYS C 15 -3.44 0.62 7.29
C CYS C 15 -4.73 0.40 6.48
N PHE C 16 -5.15 -0.83 6.34
CA PHE C 16 -6.42 -1.14 5.61
C PHE C 16 -6.55 -0.39 4.28
N THR C 17 -5.55 0.33 3.84
CA THR C 17 -5.70 1.06 2.55
C THR C 17 -6.12 0.07 1.46
N GLN C 18 -7.27 0.29 0.87
CA GLN C 18 -7.76 -0.62 -0.20
C GLN C 18 -7.37 -0.04 -1.58
N THR C 19 -6.81 1.14 -1.60
CA THR C 19 -6.40 1.78 -2.88
C THR C 19 -4.88 2.03 -2.85
N THR C 20 -4.17 1.60 -3.87
CA THR C 20 -2.71 1.80 -3.86
C THR C 20 -2.14 1.51 -5.27
N PRO C 21 -1.09 2.19 -5.69
CA PRO C 21 -0.49 1.94 -7.03
C PRO C 21 -0.08 0.47 -7.22
N VAL C 22 0.25 -0.21 -6.15
CA VAL C 22 0.64 -1.64 -6.28
C VAL C 22 0.69 -2.29 -4.89
N TRP C 23 0.54 -3.58 -4.83
CA TRP C 23 0.55 -4.27 -3.51
C TRP C 23 1.96 -4.79 -3.19
N ARG C 24 2.41 -4.54 -1.98
CA ARG C 24 3.76 -5.01 -1.55
C ARG C 24 3.58 -6.27 -0.69
N ARG C 25 4.66 -6.94 -0.40
CA ARG C 25 4.57 -8.18 0.44
C ARG C 25 5.71 -8.17 1.45
N ASN C 26 5.60 -8.98 2.47
CA ASN C 26 6.64 -9.03 3.55
C ASN C 26 7.01 -10.50 3.83
N PRO C 27 8.23 -10.79 4.20
CA PRO C 27 8.64 -12.20 4.50
C PRO C 27 7.64 -12.94 5.41
N GLU C 28 6.59 -12.28 5.84
CA GLU C 28 5.56 -12.97 6.69
C GLU C 28 4.39 -13.36 5.78
N GLY C 29 4.29 -12.75 4.64
CA GLY C 29 3.20 -13.06 3.68
C GLY C 29 1.97 -12.18 4.00
N GLN C 30 2.15 -11.17 4.80
CA GLN C 30 1.00 -10.27 5.13
C GLN C 30 0.91 -9.18 4.04
N PRO C 31 -0.17 -9.06 3.31
CA PRO C 31 -0.28 -7.99 2.26
C PRO C 31 -0.09 -6.58 2.83
N LEU C 32 0.62 -5.74 2.12
CA LEU C 32 0.84 -4.32 2.58
C LEU C 32 0.71 -3.38 1.39
N CYS C 33 0.25 -2.17 1.62
CA CYS C 33 0.13 -1.19 0.51
C CYS C 33 1.51 -0.60 0.21
N ASN C 34 1.62 0.25 -0.76
CA ASN C 34 2.95 0.85 -1.12
C ASN C 34 3.56 1.65 0.04
N ALA C 35 2.81 2.52 0.65
CA ALA C 35 3.39 3.35 1.75
C ALA C 35 3.89 2.48 2.92
N CYS C 36 3.09 1.58 3.41
CA CYS C 36 3.54 0.74 4.57
C CYS C 36 4.74 -0.13 4.15
N GLY C 37 4.68 -0.75 3.01
CA GLY C 37 5.83 -1.61 2.58
C GLY C 37 7.09 -0.77 2.46
N LEU C 38 7.02 0.33 1.76
CA LEU C 38 8.22 1.20 1.60
C LEU C 38 8.60 1.87 2.92
N PHE C 39 7.66 2.40 3.65
CA PHE C 39 7.99 3.09 4.92
C PHE C 39 8.35 2.11 6.03
N LEU C 40 7.52 1.13 6.28
CA LEU C 40 7.79 0.19 7.40
C LEU C 40 9.14 -0.53 7.18
N LYS C 41 9.35 -1.05 6.00
CA LYS C 41 10.64 -1.77 5.74
C LYS C 41 11.83 -0.82 5.87
N LEU C 42 11.73 0.36 5.32
CA LEU C 42 12.87 1.31 5.39
C LEU C 42 13.06 1.82 6.82
N HIS C 43 12.00 2.04 7.55
CA HIS C 43 12.14 2.57 8.94
C HIS C 43 12.34 1.45 9.96
N GLY C 44 11.69 0.33 9.80
CA GLY C 44 11.88 -0.78 10.78
C GLY C 44 11.21 -0.45 12.12
N VAL C 45 10.43 0.59 12.19
CA VAL C 45 9.76 0.95 13.48
C VAL C 45 8.28 1.30 13.23
N VAL C 46 7.52 1.45 14.27
CA VAL C 46 6.08 1.78 14.12
C VAL C 46 5.91 3.03 13.24
N ARG C 47 4.84 3.08 12.48
CA ARG C 47 4.59 4.25 11.59
C ARG C 47 3.24 4.89 11.98
N PRO C 48 3.21 6.15 12.39
CA PRO C 48 1.92 6.81 12.73
C PRO C 48 0.89 6.58 11.62
N LEU C 49 0.11 5.54 11.72
CA LEU C 49 -0.90 5.26 10.67
C LEU C 49 -1.82 6.46 10.52
N SER C 50 -1.80 7.36 11.46
CA SER C 50 -2.67 8.57 11.37
C SER C 50 -2.31 9.34 10.10
N LEU C 51 -1.21 8.99 9.48
CA LEU C 51 -0.81 9.68 8.22
C LEU C 51 -1.62 9.13 7.06
N LYS C 52 -1.93 7.86 7.11
CA LYS C 52 -2.70 7.23 5.99
C LYS C 52 -3.91 8.09 5.62
N THR C 53 -4.32 8.01 4.39
CA THR C 53 -5.51 8.78 3.93
C THR C 53 -6.19 7.99 2.81
N ASP C 54 -7.36 8.38 2.41
CA ASP C 54 -8.07 7.65 1.31
C ASP C 54 -7.80 8.37 -0.01
N VAL C 55 -7.01 9.42 0.04
CA VAL C 55 -6.68 10.20 -1.20
C VAL C 55 -5.17 10.15 -1.43
N ILE C 56 -4.75 9.95 -2.66
CA ILE C 56 -3.30 9.90 -2.98
C ILE C 56 -2.98 11.01 -3.99
N LYS C 57 -1.93 11.76 -3.77
CA LYS C 57 -1.59 12.85 -4.73
C LYS C 57 -0.90 12.24 -5.95
N LYS C 58 -1.33 12.60 -7.13
CA LYS C 58 -0.70 12.07 -8.36
C LYS C 58 0.51 12.91 -8.74
N ARG C 59 1.64 12.29 -8.94
CA ARG C 59 2.88 13.06 -9.30
C ARG C 59 3.11 12.95 -10.81
N ASN C 60 4.19 13.50 -11.28
CA ASN C 60 4.46 13.49 -12.75
C ASN C 60 4.77 12.09 -13.25
N ARG C 61 4.71 11.94 -14.55
CA ARG C 61 4.98 10.63 -15.21
C ARG C 61 5.60 10.91 -16.58
N ASN C 62 6.30 9.96 -17.14
CA ASN C 62 6.92 10.18 -18.48
C ASN C 62 5.91 9.81 -19.57
N SER C 63 5.91 10.54 -20.66
CA SER C 63 4.96 10.24 -21.77
C SER C 63 5.60 9.26 -22.76
N ALA C 64 4.80 8.55 -23.49
CA ALA C 64 5.33 7.57 -24.48
C ALA C 64 4.15 6.98 -25.25
N ASN C 65 3.35 6.18 -24.60
CA ASN C 65 2.15 5.57 -25.26
C ASN C 65 2.55 5.01 -26.63
N SER C 66 1.96 5.53 -27.68
CA SER C 66 2.27 5.04 -29.05
C SER C 66 1.73 6.03 -30.08
ZN ZN D . -0.76 0.43 4.17
N MET C 1 -10.36 -31.34 0.11
CA MET C 1 -10.82 -30.28 -0.83
C MET C 1 -9.60 -29.66 -1.52
N LYS C 2 -9.76 -29.24 -2.75
CA LYS C 2 -8.61 -28.62 -3.48
C LYS C 2 -8.69 -27.10 -3.37
N ASN C 3 -7.75 -26.49 -2.70
CA ASN C 3 -7.77 -25.00 -2.57
C ASN C 3 -6.33 -24.50 -2.46
N GLY C 4 -5.62 -24.46 -3.57
CA GLY C 4 -4.21 -24.01 -3.54
C GLY C 4 -4.16 -22.50 -3.25
N GLU C 5 -4.31 -22.13 -2.01
CA GLU C 5 -4.27 -20.69 -1.62
C GLU C 5 -5.31 -19.91 -2.42
N GLN C 6 -5.78 -18.81 -1.89
CA GLN C 6 -6.80 -17.99 -2.60
C GLN C 6 -6.61 -16.52 -2.19
N ASN C 7 -7.02 -15.59 -3.03
CA ASN C 7 -6.85 -14.15 -2.64
C ASN C 7 -7.87 -13.28 -3.40
N GLY C 8 -8.24 -12.17 -2.83
CA GLY C 8 -9.24 -11.28 -3.50
C GLY C 8 -9.38 -9.99 -2.69
N PRO C 9 -9.96 -10.06 -1.52
CA PRO C 9 -10.17 -8.88 -0.63
C PRO C 9 -8.85 -8.31 -0.11
N THR C 10 -7.95 -8.02 -1.00
CA THR C 10 -6.62 -7.48 -0.59
C THR C 10 -6.79 -6.23 0.28
N THR C 11 -6.37 -6.30 1.52
CA THR C 11 -6.48 -5.14 2.44
C THR C 11 -5.16 -4.95 3.20
N CYS C 12 -4.75 -3.73 3.42
CA CYS C 12 -3.48 -3.48 4.15
C CYS C 12 -3.67 -3.72 5.65
N THR C 13 -3.13 -4.78 6.17
CA THR C 13 -3.28 -5.08 7.61
C THR C 13 -2.58 -4.02 8.46
N ASN C 14 -1.80 -3.15 7.85
CA ASN C 14 -1.08 -2.12 8.65
C ASN C 14 -1.83 -0.78 8.62
N CYS C 15 -2.48 -0.44 7.53
CA CYS C 15 -3.22 0.88 7.49
C CYS C 15 -4.61 0.68 6.88
N PHE C 16 -5.01 -0.54 6.63
CA PHE C 16 -6.37 -0.81 6.07
C PHE C 16 -6.59 -0.12 4.73
N THR C 17 -5.60 0.53 4.17
CA THR C 17 -5.83 1.20 2.86
C THR C 17 -6.27 0.16 1.83
N GLN C 18 -7.34 0.43 1.13
CA GLN C 18 -7.83 -0.52 0.10
C GLN C 18 -7.40 -0.02 -1.28
N THR C 19 -7.02 1.23 -1.38
CA THR C 19 -6.60 1.82 -2.68
C THR C 19 -5.08 2.04 -2.68
N THR C 20 -4.40 1.57 -3.69
CA THR C 20 -2.93 1.76 -3.74
C THR C 20 -2.43 1.48 -5.17
N PRO C 21 -1.37 2.12 -5.60
CA PRO C 21 -0.82 1.91 -6.96
C PRO C 21 -0.23 0.50 -7.11
N VAL C 22 0.15 -0.11 -6.02
CA VAL C 22 0.73 -1.47 -6.10
C VAL C 22 0.72 -2.12 -4.72
N TRP C 23 0.44 -3.39 -4.67
CA TRP C 23 0.38 -4.11 -3.36
C TRP C 23 1.75 -4.71 -3.02
N ARG C 24 2.20 -4.48 -1.81
CA ARG C 24 3.52 -5.01 -1.38
C ARG C 24 3.28 -6.26 -0.52
N ARG C 25 4.33 -7.00 -0.27
CA ARG C 25 4.20 -8.25 0.55
C ARG C 25 5.37 -8.30 1.54
N ASN C 26 5.23 -9.07 2.60
CA ASN C 26 6.30 -9.18 3.63
C ASN C 26 6.65 -10.66 3.82
N PRO C 27 7.89 -11.01 4.11
CA PRO C 27 8.30 -12.44 4.30
C PRO C 27 7.35 -13.24 5.21
N GLU C 28 6.31 -12.64 5.71
CA GLU C 28 5.34 -13.39 6.57
C GLU C 28 4.13 -13.76 5.70
N GLY C 29 4.04 -13.15 4.56
CA GLY C 29 2.89 -13.43 3.63
C GLY C 29 1.70 -12.54 3.96
N GLN C 30 1.89 -11.53 4.77
CA GLN C 30 0.76 -10.61 5.10
C GLN C 30 0.66 -9.53 4.01
N PRO C 31 -0.53 -9.15 3.59
CA PRO C 31 -0.69 -8.10 2.54
C PRO C 31 -0.44 -6.68 3.07
N LEU C 32 0.23 -5.87 2.29
CA LEU C 32 0.52 -4.46 2.70
C LEU C 32 0.35 -3.53 1.50
N CYS C 33 -0.02 -2.30 1.72
CA CYS C 33 -0.15 -1.35 0.58
C CYS C 33 1.24 -0.89 0.16
N ASN C 34 1.32 0.14 -0.65
CA ASN C 34 2.65 0.63 -1.10
C ASN C 34 3.33 1.45 -0.01
N ALA C 35 2.63 2.37 0.61
CA ALA C 35 3.27 3.22 1.65
C ALA C 35 3.81 2.39 2.83
N CYS C 36 3.01 1.54 3.42
CA CYS C 36 3.50 0.73 4.58
C CYS C 36 4.69 -0.14 4.19
N GLY C 37 4.60 -0.81 3.07
CA GLY C 37 5.72 -1.68 2.64
C GLY C 37 6.99 -0.85 2.46
N LEU C 38 6.89 0.25 1.75
CA LEU C 38 8.07 1.11 1.53
C LEU C 38 8.52 1.80 2.82
N PHE C 39 7.62 2.49 3.48
CA PHE C 39 8.00 3.22 4.72
C PHE C 39 8.43 2.26 5.84
N LEU C 40 7.64 1.26 6.10
CA LEU C 40 7.97 0.32 7.22
C LEU C 40 9.32 -0.37 7.00
N LYS C 41 9.54 -0.91 5.83
CA LYS C 41 10.84 -1.61 5.57
C LYS C 41 12.00 -0.62 5.74
N LEU C 42 11.86 0.56 5.23
CA LEU C 42 12.97 1.56 5.33
C LEU C 42 13.15 2.06 6.77
N HIS C 43 12.09 2.30 7.48
CA HIS C 43 12.22 2.84 8.86
C HIS C 43 12.46 1.70 9.86
N GLY C 44 11.84 0.57 9.67
CA GLY C 44 12.08 -0.56 10.62
C GLY C 44 11.42 -0.30 11.98
N VAL C 45 10.63 0.74 12.11
CA VAL C 45 9.96 1.01 13.44
C VAL C 45 8.54 1.52 13.22
N VAL C 46 7.66 1.19 14.13
CA VAL C 46 6.24 1.63 14.02
C VAL C 46 6.18 3.16 13.91
N ARG C 47 5.25 3.68 13.17
CA ARG C 47 5.13 5.16 13.00
C ARG C 47 3.63 5.53 12.93
N PRO C 48 3.18 6.57 13.59
CA PRO C 48 1.75 6.98 13.58
C PRO C 48 1.03 6.66 12.26
N LEU C 49 0.21 5.64 12.27
CA LEU C 49 -0.54 5.27 11.04
C LEU C 49 -1.47 6.43 10.65
N SER C 50 -1.77 7.28 11.59
CA SER C 50 -2.68 8.42 11.29
C SER C 50 -2.14 9.24 10.12
N LEU C 51 -0.95 8.93 9.65
CA LEU C 51 -0.41 9.69 8.49
C LEU C 51 -1.15 9.24 7.23
N LYS C 52 -1.42 7.97 7.13
CA LYS C 52 -2.15 7.43 5.95
C LYS C 52 -3.33 8.35 5.61
N THR C 53 -3.84 8.25 4.41
CA THR C 53 -5.01 9.07 4.01
C THR C 53 -5.85 8.27 3.03
N ASP C 54 -7.06 8.69 2.79
CA ASP C 54 -7.93 7.95 1.83
C ASP C 54 -7.75 8.58 0.45
N VAL C 55 -6.99 9.65 0.39
CA VAL C 55 -6.71 10.34 -0.90
C VAL C 55 -5.21 10.19 -1.17
N ILE C 56 -4.83 9.89 -2.39
CA ILE C 56 -3.38 9.73 -2.71
C ILE C 56 -2.90 10.97 -3.46
N LYS C 57 -1.82 11.54 -3.03
CA LYS C 57 -1.31 12.76 -3.73
C LYS C 57 -0.58 12.32 -5.00
N LYS C 58 -0.86 12.96 -6.10
CA LYS C 58 -0.19 12.58 -7.38
C LYS C 58 1.27 13.03 -7.35
N ARG C 59 2.13 12.33 -8.04
CA ARG C 59 3.58 12.72 -8.13
C ARG C 59 3.95 12.86 -9.60
N ASN C 60 5.01 13.54 -9.92
CA ASN C 60 5.37 13.75 -11.35
C ASN C 60 5.94 12.46 -11.96
N ARG C 61 6.18 12.49 -13.24
CA ARG C 61 6.73 11.27 -13.94
C ARG C 61 7.81 11.70 -14.94
N ASN C 62 8.94 11.04 -14.91
CA ASN C 62 10.03 11.39 -15.86
C ASN C 62 9.87 10.55 -17.13
N SER C 63 9.53 11.19 -18.22
CA SER C 63 9.34 10.45 -19.50
C SER C 63 9.93 11.29 -20.63
N ALA C 64 10.28 10.68 -21.74
CA ALA C 64 10.86 11.48 -22.86
C ALA C 64 11.99 12.36 -22.33
N ASN C 65 13.04 11.77 -21.83
CA ASN C 65 14.18 12.58 -21.31
C ASN C 65 14.75 13.46 -22.41
N SER C 66 14.86 12.96 -23.61
CA SER C 66 15.41 13.79 -24.72
C SER C 66 14.49 14.99 -24.96
ZN ZN D . -0.75 0.35 4.27
N MET C 1 -13.59 -11.33 -21.37
CA MET C 1 -13.60 -9.86 -21.12
C MET C 1 -13.38 -9.60 -19.63
N LYS C 2 -12.32 -8.93 -19.28
CA LYS C 2 -12.06 -8.65 -17.83
C LYS C 2 -13.12 -7.67 -17.32
N ASN C 3 -13.59 -7.87 -16.11
CA ASN C 3 -14.61 -6.94 -15.56
C ASN C 3 -13.95 -5.59 -15.29
N GLY C 4 -12.65 -5.57 -15.18
CA GLY C 4 -11.95 -4.29 -14.90
C GLY C 4 -11.87 -4.07 -13.38
N GLU C 5 -12.98 -4.11 -12.72
CA GLU C 5 -12.97 -3.91 -11.24
C GLU C 5 -12.81 -5.28 -10.56
N GLN C 6 -11.61 -5.80 -10.58
CA GLN C 6 -11.37 -7.12 -9.94
C GLN C 6 -11.56 -7.02 -8.43
N ASN C 7 -11.12 -5.95 -7.84
CA ASN C 7 -11.28 -5.79 -6.36
C ASN C 7 -10.75 -7.05 -5.66
N GLY C 8 -11.10 -7.23 -4.41
CA GLY C 8 -10.61 -8.43 -3.66
C GLY C 8 -10.56 -8.10 -2.17
N PRO C 9 -10.53 -9.10 -1.32
CA PRO C 9 -10.48 -8.90 0.15
C PRO C 9 -9.11 -8.44 0.61
N THR C 10 -8.25 -8.17 -0.32
CA THR C 10 -6.87 -7.73 0.02
C THR C 10 -6.91 -6.44 0.83
N THR C 11 -6.38 -6.48 2.03
CA THR C 11 -6.36 -5.26 2.90
C THR C 11 -4.99 -5.12 3.57
N CYS C 12 -4.55 -3.91 3.78
CA CYS C 12 -3.23 -3.71 4.44
C CYS C 12 -3.34 -4.02 5.93
N THR C 13 -2.77 -5.12 6.35
CA THR C 13 -2.85 -5.49 7.79
C THR C 13 -2.08 -4.48 8.66
N ASN C 14 -1.35 -3.57 8.06
CA ASN C 14 -0.57 -2.57 8.88
C ASN C 14 -1.28 -1.21 8.91
N CYS C 15 -1.98 -0.83 7.87
CA CYS C 15 -2.66 0.52 7.90
C CYS C 15 -4.07 0.43 7.31
N PHE C 16 -4.56 -0.77 7.07
CA PHE C 16 -5.94 -0.93 6.54
C PHE C 16 -6.10 -0.27 5.15
N THR C 17 -5.08 0.32 4.61
CA THR C 17 -5.26 0.98 3.27
C THR C 17 -5.85 -0.01 2.27
N GLN C 18 -6.90 0.39 1.59
CA GLN C 18 -7.54 -0.50 0.57
C GLN C 18 -7.21 0.04 -0.82
N THR C 19 -6.83 1.29 -0.91
CA THR C 19 -6.48 1.90 -2.24
C THR C 19 -4.95 2.05 -2.31
N THR C 20 -4.34 1.54 -3.34
CA THR C 20 -2.86 1.65 -3.43
C THR C 20 -2.39 1.31 -4.86
N PRO C 21 -1.34 1.94 -5.34
CA PRO C 21 -0.81 1.67 -6.71
C PRO C 21 -0.27 0.24 -6.87
N VAL C 22 0.13 -0.38 -5.79
CA VAL C 22 0.66 -1.78 -5.90
C VAL C 22 0.74 -2.43 -4.51
N TRP C 23 0.41 -3.68 -4.44
CA TRP C 23 0.44 -4.41 -3.11
C TRP C 23 1.83 -5.00 -2.85
N ARG C 24 2.34 -4.80 -1.66
CA ARG C 24 3.69 -5.34 -1.28
C ARG C 24 3.51 -6.59 -0.41
N ARG C 25 4.59 -7.30 -0.15
CA ARG C 25 4.49 -8.54 0.68
C ARG C 25 5.69 -8.61 1.64
N ASN C 26 5.60 -9.42 2.67
CA ASN C 26 6.71 -9.55 3.67
C ASN C 26 7.00 -11.05 3.89
N PRO C 27 8.24 -11.44 4.12
CA PRO C 27 8.59 -12.88 4.37
C PRO C 27 7.65 -13.60 5.33
N GLU C 28 6.64 -12.94 5.85
CA GLU C 28 5.68 -13.61 6.77
C GLU C 28 4.46 -14.04 5.96
N GLY C 29 4.29 -13.47 4.79
CA GLY C 29 3.14 -13.84 3.92
C GLY C 29 1.96 -12.90 4.19
N GLN C 30 2.17 -11.88 4.97
CA GLN C 30 1.08 -10.91 5.26
C GLN C 30 1.01 -9.87 4.14
N PRO C 31 -0.17 -9.43 3.75
CA PRO C 31 -0.33 -8.42 2.66
C PRO C 31 -0.08 -6.99 3.15
N LEU C 32 0.56 -6.16 2.35
CA LEU C 32 0.84 -4.75 2.77
C LEU C 32 0.62 -3.81 1.57
N CYS C 33 0.23 -2.59 1.84
CA CYS C 33 0.04 -1.61 0.74
C CYS C 33 1.41 -1.13 0.27
N ASN C 34 1.47 -0.21 -0.65
CA ASN C 34 2.78 0.26 -1.14
C ASN C 34 3.50 1.11 -0.08
N ALA C 35 2.80 2.00 0.57
CA ALA C 35 3.46 2.88 1.58
C ALA C 35 4.07 2.06 2.72
N CYS C 36 3.31 1.22 3.37
CA CYS C 36 3.88 0.44 4.52
C CYS C 36 5.12 -0.34 4.07
N GLY C 37 5.10 -0.89 2.90
CA GLY C 37 6.29 -1.66 2.42
C GLY C 37 7.50 -0.74 2.31
N LEU C 38 7.35 0.39 1.69
CA LEU C 38 8.51 1.32 1.53
C LEU C 38 8.92 1.93 2.88
N PHE C 39 8.01 2.58 3.56
CA PHE C 39 8.37 3.23 4.86
C PHE C 39 8.73 2.19 5.93
N LEU C 40 7.91 1.20 6.13
CA LEU C 40 8.22 0.21 7.21
C LEU C 40 9.56 -0.48 6.94
N LYS C 41 9.77 -0.97 5.75
CA LYS C 41 11.06 -1.66 5.45
C LYS C 41 12.21 -0.66 5.58
N LEU C 42 12.05 0.53 5.09
CA LEU C 42 13.17 1.52 5.18
C LEU C 42 13.35 1.97 6.63
N HIS C 43 12.30 2.17 7.37
CA HIS C 43 12.43 2.64 8.77
C HIS C 43 12.63 1.46 9.73
N GLY C 44 11.92 0.38 9.55
CA GLY C 44 12.11 -0.79 10.46
C GLY C 44 11.52 -0.52 11.84
N VAL C 45 10.70 0.49 11.99
CA VAL C 45 10.10 0.80 13.33
C VAL C 45 8.63 1.17 13.15
N VAL C 46 7.91 1.34 14.23
CA VAL C 46 6.48 1.69 14.14
C VAL C 46 6.30 2.93 13.26
N ARG C 47 5.18 3.04 12.58
CA ARG C 47 4.92 4.23 11.71
C ARG C 47 3.55 4.83 12.09
N PRO C 48 3.49 6.06 12.54
CA PRO C 48 2.18 6.68 12.87
C PRO C 48 1.18 6.50 11.72
N LEU C 49 0.37 5.48 11.80
CA LEU C 49 -0.62 5.21 10.73
C LEU C 49 -1.55 6.43 10.57
N SER C 50 -1.61 7.26 11.57
CA SER C 50 -2.50 8.45 11.50
C SER C 50 -2.09 9.36 10.33
N LEU C 51 -0.98 9.10 9.70
CA LEU C 51 -0.55 9.95 8.56
C LEU C 51 -1.43 9.60 7.35
N LYS C 52 -1.77 8.35 7.21
CA LYS C 52 -2.60 7.91 6.06
C LYS C 52 -3.76 8.86 5.77
N THR C 53 -4.27 8.78 4.58
CA THR C 53 -5.45 9.61 4.17
C THR C 53 -6.24 8.79 3.14
N ASP C 54 -7.42 9.21 2.78
CA ASP C 54 -8.22 8.43 1.78
C ASP C 54 -7.96 8.97 0.38
N VAL C 55 -7.04 9.89 0.26
CA VAL C 55 -6.70 10.46 -1.08
C VAL C 55 -5.20 10.30 -1.30
N ILE C 56 -4.78 10.02 -2.50
CA ILE C 56 -3.32 9.83 -2.78
C ILE C 56 -2.87 10.92 -3.76
N LYS C 57 -1.81 11.61 -3.45
CA LYS C 57 -1.33 12.69 -4.35
C LYS C 57 -0.58 12.06 -5.53
N LYS C 58 -0.89 12.47 -6.73
CA LYS C 58 -0.20 11.90 -7.92
C LYS C 58 1.09 12.70 -8.17
N ARG C 59 2.21 12.03 -8.27
CA ARG C 59 3.49 12.76 -8.50
C ARG C 59 3.82 12.73 -9.99
N ASN C 60 4.85 13.43 -10.39
CA ASN C 60 5.21 13.47 -11.84
C ASN C 60 6.01 12.23 -12.22
N ARG C 61 6.69 12.27 -13.33
CA ARG C 61 7.49 11.09 -13.79
C ARG C 61 8.81 11.60 -14.35
N ASN C 62 9.82 10.78 -14.44
CA ASN C 62 11.13 11.25 -14.99
C ASN C 62 11.83 10.13 -15.75
N SER C 63 11.53 9.99 -17.01
CA SER C 63 12.20 8.93 -17.82
C SER C 63 13.64 9.36 -18.13
N ALA C 64 13.87 10.65 -18.21
CA ALA C 64 15.24 11.15 -18.52
C ALA C 64 16.20 10.81 -17.36
N ASN C 65 15.69 10.39 -16.24
CA ASN C 65 16.57 10.07 -15.09
C ASN C 65 17.50 8.91 -15.46
N SER C 66 18.76 9.02 -15.14
CA SER C 66 19.73 7.92 -15.46
C SER C 66 20.87 7.94 -14.45
ZN ZN D . -0.37 0.03 4.51
N MET C 1 -15.85 7.87 -0.01
CA MET C 1 -14.97 6.69 -0.24
C MET C 1 -14.45 6.72 -1.68
N LYS C 2 -15.17 7.36 -2.56
CA LYS C 2 -14.73 7.43 -3.98
C LYS C 2 -14.39 6.02 -4.47
N ASN C 3 -13.92 5.90 -5.69
CA ASN C 3 -13.59 4.55 -6.26
C ASN C 3 -12.16 4.53 -6.78
N GLY C 4 -11.42 3.51 -6.44
CA GLY C 4 -10.00 3.42 -6.92
C GLY C 4 -9.98 3.42 -8.44
N GLU C 5 -9.68 2.30 -9.05
CA GLU C 5 -9.66 2.23 -10.54
C GLU C 5 -10.04 0.82 -10.98
N GLN C 6 -9.59 -0.18 -10.26
CA GLN C 6 -9.92 -1.60 -10.62
C GLN C 6 -10.59 -2.27 -9.43
N ASN C 7 -11.47 -3.20 -9.69
CA ASN C 7 -12.18 -3.90 -8.58
C ASN C 7 -11.21 -4.79 -7.81
N GLY C 8 -11.15 -4.65 -6.52
CA GLY C 8 -10.22 -5.49 -5.71
C GLY C 8 -10.42 -5.19 -4.20
N PRO C 9 -11.04 -6.08 -3.45
CA PRO C 9 -11.27 -5.85 -1.99
C PRO C 9 -10.05 -6.21 -1.13
N THR C 10 -8.94 -5.63 -1.43
CA THR C 10 -7.70 -5.88 -0.62
C THR C 10 -7.72 -4.97 0.62
N THR C 11 -7.12 -5.39 1.71
CA THR C 11 -7.10 -4.54 2.94
C THR C 11 -5.66 -4.49 3.49
N CYS C 12 -5.19 -3.31 3.83
CA CYS C 12 -3.81 -3.20 4.40
C CYS C 12 -3.88 -3.54 5.89
N THR C 13 -3.31 -4.65 6.28
CA THR C 13 -3.35 -5.06 7.70
C THR C 13 -2.57 -4.08 8.58
N ASN C 14 -1.82 -3.18 8.00
CA ASN C 14 -1.04 -2.21 8.83
C ASN C 14 -1.75 -0.85 8.90
N CYS C 15 -2.46 -0.45 7.87
CA CYS C 15 -3.14 0.88 7.92
C CYS C 15 -4.54 0.83 7.31
N PHE C 16 -5.05 -0.35 7.04
CA PHE C 16 -6.43 -0.48 6.47
C PHE C 16 -6.57 0.24 5.13
N THR C 17 -5.56 0.87 4.64
CA THR C 17 -5.71 1.59 3.35
C THR C 17 -6.15 0.58 2.28
N GLN C 18 -7.20 0.89 1.56
CA GLN C 18 -7.71 -0.05 0.50
C GLN C 18 -7.36 0.50 -0.88
N THR C 19 -6.80 1.69 -0.93
CA THR C 19 -6.42 2.30 -2.25
C THR C 19 -4.89 2.41 -2.31
N THR C 20 -4.28 1.93 -3.37
CA THR C 20 -2.80 2.00 -3.47
C THR C 20 -2.37 1.74 -4.91
N PRO C 21 -1.26 2.30 -5.34
CA PRO C 21 -0.75 2.09 -6.73
C PRO C 21 -0.23 0.67 -6.91
N VAL C 22 0.13 0.02 -5.83
CA VAL C 22 0.65 -1.37 -5.93
C VAL C 22 0.62 -2.03 -4.55
N TRP C 23 0.36 -3.31 -4.51
CA TRP C 23 0.30 -4.04 -3.22
C TRP C 23 1.64 -4.71 -2.91
N ARG C 24 2.14 -4.55 -1.71
CA ARG C 24 3.45 -5.16 -1.33
C ARG C 24 3.21 -6.43 -0.52
N ARG C 25 4.24 -7.22 -0.34
CA ARG C 25 4.12 -8.49 0.45
C ARG C 25 5.25 -8.53 1.47
N ASN C 26 5.11 -9.32 2.51
CA ASN C 26 6.18 -9.39 3.56
C ASN C 26 6.40 -10.87 3.93
N PRO C 27 7.62 -11.28 4.25
CA PRO C 27 7.93 -12.70 4.64
C PRO C 27 6.88 -13.37 5.55
N GLU C 28 5.90 -12.63 6.00
CA GLU C 28 4.85 -13.25 6.87
C GLU C 28 3.62 -13.55 6.01
N GLY C 29 3.53 -12.90 4.88
CA GLY C 29 2.38 -13.12 3.96
C GLY C 29 1.24 -12.16 4.32
N GLN C 30 1.52 -11.15 5.10
CA GLN C 30 0.45 -10.18 5.47
C GLN C 30 0.39 -9.09 4.38
N PRO C 31 -0.71 -8.93 3.68
CA PRO C 31 -0.80 -7.87 2.63
C PRO C 31 -0.51 -6.47 3.19
N LEU C 32 0.20 -5.67 2.44
CA LEU C 32 0.53 -4.28 2.89
C LEU C 32 0.36 -3.32 1.72
N CYS C 33 -0.03 -2.11 1.98
CA CYS C 33 -0.16 -1.13 0.87
C CYS C 33 1.26 -0.72 0.46
N ASN C 34 1.40 0.19 -0.46
CA ASN C 34 2.76 0.59 -0.88
C ASN C 34 3.50 1.37 0.22
N ALA C 35 2.83 2.27 0.89
CA ALA C 35 3.53 3.07 1.94
C ALA C 35 3.99 2.17 3.10
N CYS C 36 3.14 1.35 3.64
CA CYS C 36 3.56 0.48 4.79
C CYS C 36 4.74 -0.39 4.36
N GLY C 37 4.71 -0.93 3.17
CA GLY C 37 5.82 -1.80 2.73
C GLY C 37 7.12 -1.00 2.60
N LEU C 38 7.08 0.12 1.93
CA LEU C 38 8.31 0.94 1.78
C LEU C 38 8.74 1.53 3.11
N PHE C 39 7.85 2.18 3.80
CA PHE C 39 8.21 2.82 5.11
C PHE C 39 8.58 1.75 6.15
N LEU C 40 7.76 0.76 6.33
CA LEU C 40 8.07 -0.25 7.36
C LEU C 40 9.39 -0.95 7.02
N LYS C 41 9.58 -1.34 5.78
CA LYS C 41 10.86 -2.00 5.41
C LYS C 41 12.04 -1.06 5.65
N LEU C 42 11.92 0.18 5.24
CA LEU C 42 13.06 1.13 5.43
C LEU C 42 13.24 1.47 6.91
N HIS C 43 12.16 1.66 7.63
CA HIS C 43 12.29 2.04 9.07
C HIS C 43 12.43 0.80 9.97
N GLY C 44 11.71 -0.25 9.71
CA GLY C 44 11.83 -1.45 10.59
C GLY C 44 11.22 -1.19 11.96
N VAL C 45 10.50 -0.10 12.13
CA VAL C 45 9.87 0.19 13.45
C VAL C 45 8.49 0.79 13.26
N VAL C 46 7.57 0.42 14.11
CA VAL C 46 6.19 0.96 14.01
C VAL C 46 6.24 2.49 14.02
N ARG C 47 5.28 3.12 13.41
CA ARG C 47 5.26 4.61 13.36
C ARG C 47 3.80 5.07 13.29
N PRO C 48 3.41 6.10 14.02
CA PRO C 48 2.02 6.62 14.02
C PRO C 48 1.27 6.37 12.71
N LEU C 49 0.47 5.33 12.65
CA LEU C 49 -0.29 5.07 11.39
C LEU C 49 -1.20 6.28 11.13
N SER C 50 -1.33 7.15 12.10
CA SER C 50 -2.19 8.35 11.93
C SER C 50 -1.70 9.20 10.75
N LEU C 51 -0.58 8.85 10.19
CA LEU C 51 -0.06 9.62 9.02
C LEU C 51 -0.91 9.25 7.80
N LYS C 52 -1.23 8.00 7.68
CA LYS C 52 -2.04 7.52 6.53
C LYS C 52 -3.17 8.50 6.21
N THR C 53 -3.67 8.43 5.00
CA THR C 53 -4.80 9.31 4.60
C THR C 53 -5.62 8.57 3.55
N ASP C 54 -6.79 9.06 3.24
CA ASP C 54 -7.64 8.39 2.22
C ASP C 54 -7.35 9.05 0.86
N VAL C 55 -6.46 10.02 0.88
CA VAL C 55 -6.08 10.75 -0.37
C VAL C 55 -4.60 10.44 -0.68
N ILE C 56 -4.31 10.07 -1.89
CA ILE C 56 -2.91 9.75 -2.29
C ILE C 56 -2.41 10.84 -3.24
N LYS C 57 -1.25 11.39 -2.99
CA LYS C 57 -0.74 12.47 -3.89
C LYS C 57 -0.12 11.82 -5.14
N LYS C 58 -0.54 12.26 -6.31
CA LYS C 58 0.02 11.68 -7.57
C LYS C 58 1.26 12.48 -7.99
N ARG C 59 2.32 11.81 -8.31
CA ARG C 59 3.57 12.51 -8.72
C ARG C 59 3.66 12.55 -10.24
N ASN C 60 4.71 13.13 -10.75
CA ASN C 60 4.84 13.28 -12.22
C ASN C 60 5.04 11.92 -12.91
N ARG C 61 4.79 11.90 -14.18
CA ARG C 61 4.94 10.67 -15.00
C ARG C 61 5.37 11.08 -16.41
N ASN C 62 5.60 10.16 -17.28
CA ASN C 62 6.03 10.53 -18.66
C ASN C 62 4.82 11.04 -19.45
N SER C 63 5.05 11.91 -20.38
CA SER C 63 3.92 12.46 -21.19
C SER C 63 3.23 11.33 -21.95
N ALA C 64 3.99 10.47 -22.58
CA ALA C 64 3.37 9.34 -23.34
C ALA C 64 4.45 8.35 -23.77
N ASN C 65 4.07 7.14 -24.08
CA ASN C 65 5.09 6.13 -24.51
C ASN C 65 5.79 6.63 -25.78
N SER C 66 5.05 7.23 -26.68
CA SER C 66 5.68 7.75 -27.93
C SER C 66 4.71 8.71 -28.62
ZN ZN D . -0.75 0.39 4.63
N MET C 1 1.53 -28.82 -3.74
CA MET C 1 0.93 -27.64 -3.05
C MET C 1 -0.49 -27.97 -2.61
N LYS C 2 -1.07 -27.16 -1.76
CA LYS C 2 -2.45 -27.43 -1.27
C LYS C 2 -3.43 -27.38 -2.45
N ASN C 3 -4.39 -28.25 -2.46
CA ASN C 3 -5.39 -28.27 -3.57
C ASN C 3 -6.44 -27.18 -3.35
N GLY C 4 -7.16 -26.85 -4.39
CA GLY C 4 -8.20 -25.79 -4.27
C GLY C 4 -7.53 -24.43 -3.99
N GLU C 5 -8.20 -23.37 -4.37
CA GLU C 5 -7.63 -22.00 -4.14
C GLU C 5 -8.77 -21.07 -3.71
N GLN C 6 -8.47 -20.01 -3.02
CA GLN C 6 -9.56 -19.07 -2.57
C GLN C 6 -9.01 -17.65 -2.58
N ASN C 7 -9.87 -16.67 -2.62
CA ASN C 7 -9.40 -15.26 -2.62
C ASN C 7 -10.44 -14.35 -1.98
N GLY C 8 -10.05 -13.17 -1.57
CA GLY C 8 -11.01 -12.23 -0.94
C GLY C 8 -10.57 -10.79 -1.26
N PRO C 9 -11.04 -9.83 -0.51
CA PRO C 9 -10.69 -8.40 -0.73
C PRO C 9 -9.32 -8.02 -0.14
N THR C 10 -8.36 -7.78 -0.98
CA THR C 10 -7.01 -7.41 -0.48
C THR C 10 -7.08 -6.10 0.30
N THR C 11 -6.72 -6.14 1.55
CA THR C 11 -6.76 -4.92 2.42
C THR C 11 -5.44 -4.76 3.18
N CYS C 12 -4.96 -3.56 3.32
CA CYS C 12 -3.69 -3.37 4.05
C CYS C 12 -3.89 -3.69 5.53
N THR C 13 -3.33 -4.78 5.96
CA THR C 13 -3.47 -5.18 7.39
C THR C 13 -2.79 -4.16 8.30
N ASN C 14 -2.02 -3.25 7.75
CA ASN C 14 -1.33 -2.25 8.62
C ASN C 14 -2.09 -0.92 8.63
N CYS C 15 -2.75 -0.55 7.55
CA CYS C 15 -3.49 0.75 7.56
C CYS C 15 -4.84 0.63 6.83
N PHE C 16 -5.32 -0.57 6.62
CA PHE C 16 -6.65 -0.75 5.98
C PHE C 16 -6.72 -0.07 4.60
N THR C 17 -5.64 0.47 4.09
CA THR C 17 -5.73 1.16 2.78
C THR C 17 -6.26 0.20 1.70
N GLN C 18 -7.36 0.55 1.09
CA GLN C 18 -7.92 -0.29 0.00
C GLN C 18 -7.51 0.30 -1.34
N THR C 19 -7.05 1.54 -1.33
CA THR C 19 -6.60 2.22 -2.58
C THR C 19 -5.08 2.36 -2.53
N THR C 20 -4.39 1.86 -3.53
CA THR C 20 -2.91 1.98 -3.54
C THR C 20 -2.39 1.68 -4.96
N PRO C 21 -1.32 2.33 -5.38
CA PRO C 21 -0.74 2.10 -6.73
C PRO C 21 -0.16 0.69 -6.88
N VAL C 22 0.19 0.06 -5.79
CA VAL C 22 0.76 -1.30 -5.89
C VAL C 22 0.74 -1.97 -4.51
N TRP C 23 0.43 -3.23 -4.49
CA TRP C 23 0.36 -3.99 -3.20
C TRP C 23 1.73 -4.57 -2.87
N ARG C 24 2.17 -4.42 -1.64
CA ARG C 24 3.49 -4.95 -1.23
C ARG C 24 3.28 -6.22 -0.39
N ARG C 25 4.33 -6.95 -0.13
CA ARG C 25 4.20 -8.21 0.67
C ARG C 25 5.34 -8.28 1.70
N ASN C 26 5.17 -9.08 2.71
CA ASN C 26 6.21 -9.20 3.78
C ASN C 26 6.51 -10.69 4.01
N PRO C 27 7.72 -11.06 4.37
CA PRO C 27 8.08 -12.50 4.63
C PRO C 27 7.01 -13.26 5.44
N GLU C 28 5.95 -12.61 5.87
CA GLU C 28 4.88 -13.32 6.63
C GLU C 28 3.76 -13.68 5.66
N GLY C 29 3.78 -13.08 4.50
CA GLY C 29 2.72 -13.36 3.49
C GLY C 29 1.50 -12.47 3.73
N GLN C 30 1.60 -11.52 4.61
CA GLN C 30 0.43 -10.63 4.86
C GLN C 30 0.42 -9.54 3.78
N PRO C 31 -0.72 -9.04 3.41
CA PRO C 31 -0.82 -7.98 2.36
C PRO C 31 -0.54 -6.58 2.93
N LEU C 32 0.18 -5.77 2.19
CA LEU C 32 0.50 -4.40 2.66
C LEU C 32 0.37 -3.41 1.51
N CYS C 33 -0.04 -2.19 1.79
CA CYS C 33 -0.16 -1.19 0.68
C CYS C 33 1.22 -0.71 0.30
N ASN C 34 1.31 0.36 -0.46
CA ASN C 34 2.64 0.86 -0.89
C ASN C 34 3.34 1.61 0.25
N ALA C 35 2.67 2.53 0.91
CA ALA C 35 3.33 3.31 1.99
C ALA C 35 3.79 2.41 3.16
N CYS C 36 2.93 1.57 3.68
CA CYS C 36 3.36 0.72 4.83
C CYS C 36 4.57 -0.13 4.44
N GLY C 37 4.58 -0.66 3.26
CA GLY C 37 5.72 -1.52 2.83
C GLY C 37 7.00 -0.69 2.77
N LEU C 38 6.95 0.45 2.12
CA LEU C 38 8.17 1.29 2.00
C LEU C 38 8.58 1.89 3.35
N PHE C 39 7.68 2.54 4.04
CA PHE C 39 8.03 3.17 5.34
C PHE C 39 8.33 2.15 6.43
N LEU C 40 7.46 1.21 6.63
CA LEU C 40 7.67 0.22 7.73
C LEU C 40 8.97 -0.56 7.52
N LYS C 41 9.18 -1.08 6.34
CA LYS C 41 10.43 -1.87 6.09
C LYS C 41 11.66 -0.97 6.21
N LEU C 42 11.60 0.23 5.70
CA LEU C 42 12.77 1.14 5.77
C LEU C 42 12.99 1.60 7.22
N HIS C 43 11.92 1.87 7.93
CA HIS C 43 12.06 2.36 9.34
C HIS C 43 12.23 1.18 10.31
N GLY C 44 11.55 0.09 10.09
CA GLY C 44 11.71 -1.07 11.02
C GLY C 44 11.08 -0.79 12.38
N VAL C 45 10.35 0.30 12.51
CA VAL C 45 9.71 0.62 13.83
C VAL C 45 8.25 1.02 13.59
N VAL C 46 7.52 1.19 14.66
CA VAL C 46 6.09 1.57 14.52
C VAL C 46 5.96 2.85 13.70
N ARG C 47 4.87 2.99 13.00
CA ARG C 47 4.63 4.20 12.16
C ARG C 47 3.28 4.80 12.59
N PRO C 48 3.16 6.10 12.73
CA PRO C 48 1.87 6.72 13.11
C PRO C 48 0.86 6.59 11.97
N LEU C 49 0.00 5.61 12.04
CA LEU C 49 -0.99 5.44 10.95
C LEU C 49 -1.80 6.74 10.83
N SER C 50 -1.61 7.64 11.75
CA SER C 50 -2.36 8.93 11.70
C SER C 50 -2.05 9.65 10.38
N LEU C 51 -1.05 9.19 9.67
CA LEU C 51 -0.73 9.83 8.36
C LEU C 51 -1.75 9.33 7.33
N LYS C 52 -2.17 8.10 7.49
CA LYS C 52 -3.14 7.51 6.53
C LYS C 52 -4.25 8.50 6.20
N THR C 53 -4.66 8.51 4.97
CA THR C 53 -5.77 9.40 4.52
C THR C 53 -6.52 8.67 3.41
N ASP C 54 -7.66 9.14 3.03
CA ASP C 54 -8.43 8.44 1.95
C ASP C 54 -8.07 9.09 0.61
N VAL C 55 -7.16 10.02 0.64
CA VAL C 55 -6.73 10.72 -0.60
C VAL C 55 -5.23 10.50 -0.81
N ILE C 56 -4.83 10.22 -2.02
CA ILE C 56 -3.38 10.00 -2.34
C ILE C 56 -2.95 11.09 -3.33
N LYS C 57 -1.83 11.70 -3.09
CA LYS C 57 -1.38 12.77 -4.03
C LYS C 57 -0.77 12.13 -5.27
N LYS C 58 -1.21 12.54 -6.42
CA LYS C 58 -0.65 11.96 -7.68
C LYS C 58 0.58 12.78 -8.08
N ARG C 59 1.68 12.13 -8.34
CA ARG C 59 2.92 12.88 -8.72
C ARG C 59 3.05 12.86 -10.24
N ASN C 60 4.09 13.45 -10.76
CA ASN C 60 4.28 13.50 -12.23
C ASN C 60 4.67 12.13 -12.76
N ARG C 61 5.00 12.06 -14.02
CA ARG C 61 5.40 10.76 -14.63
C ARG C 61 6.48 11.01 -15.70
N ASN C 62 7.30 10.04 -15.96
CA ASN C 62 8.37 10.21 -16.99
C ASN C 62 8.70 8.86 -17.61
N SER C 63 7.96 8.44 -18.60
CA SER C 63 8.25 7.13 -19.24
C SER C 63 9.67 7.17 -19.82
N ALA C 64 10.04 8.28 -20.40
CA ALA C 64 11.39 8.41 -21.00
C ALA C 64 11.62 9.86 -21.42
N ASN C 65 10.76 10.38 -22.24
CA ASN C 65 10.91 11.79 -22.69
C ASN C 65 9.51 12.38 -22.93
N SER C 66 9.29 13.61 -22.57
CA SER C 66 7.95 14.23 -22.78
C SER C 66 7.87 14.76 -24.21
ZN ZN D . -0.88 0.39 4.42
N MET C 1 -17.38 -18.87 7.66
CA MET C 1 -16.15 -19.60 8.09
C MET C 1 -15.51 -18.87 9.27
N LYS C 2 -16.30 -18.27 10.11
CA LYS C 2 -15.72 -17.55 11.28
C LYS C 2 -14.65 -16.57 10.78
N ASN C 3 -14.90 -15.88 9.70
CA ASN C 3 -13.89 -14.93 9.18
C ASN C 3 -13.62 -13.87 10.25
N GLY C 4 -14.66 -13.39 10.88
CA GLY C 4 -14.49 -12.36 11.95
C GLY C 4 -14.74 -10.96 11.36
N GLU C 5 -14.08 -10.63 10.28
CA GLU C 5 -14.27 -9.27 9.67
C GLU C 5 -15.05 -9.41 8.35
N GLN C 6 -14.47 -9.06 7.24
CA GLN C 6 -15.18 -9.19 5.93
C GLN C 6 -14.20 -9.65 4.86
N ASN C 7 -14.65 -10.45 3.92
CA ASN C 7 -13.75 -10.94 2.85
C ASN C 7 -13.95 -10.12 1.57
N GLY C 8 -13.01 -9.28 1.24
CA GLY C 8 -13.13 -8.45 0.01
C GLY C 8 -11.75 -8.28 -0.62
N PRO C 9 -11.67 -7.50 -1.66
CA PRO C 9 -10.38 -7.23 -2.38
C PRO C 9 -9.20 -7.03 -1.43
N THR C 10 -8.01 -7.09 -1.96
CA THR C 10 -6.79 -6.93 -1.11
C THR C 10 -6.94 -5.72 -0.18
N THR C 11 -6.59 -5.89 1.07
CA THR C 11 -6.70 -4.77 2.06
C THR C 11 -5.37 -4.63 2.79
N CYS C 12 -4.97 -3.42 3.08
CA CYS C 12 -3.67 -3.23 3.79
C CYS C 12 -3.84 -3.57 5.28
N THR C 13 -3.25 -4.66 5.71
CA THR C 13 -3.37 -5.06 7.14
C THR C 13 -2.68 -4.02 8.04
N ASN C 14 -1.91 -3.12 7.49
CA ASN C 14 -1.21 -2.11 8.34
C ASN C 14 -1.99 -0.79 8.37
N CYS C 15 -2.66 -0.42 7.30
CA CYS C 15 -3.39 0.89 7.30
C CYS C 15 -4.77 0.76 6.63
N PHE C 16 -5.22 -0.42 6.35
CA PHE C 16 -6.58 -0.60 5.73
C PHE C 16 -6.70 0.14 4.40
N THR C 17 -5.66 0.80 3.94
CA THR C 17 -5.80 1.54 2.65
C THR C 17 -6.22 0.53 1.57
N GLN C 18 -7.27 0.85 0.85
CA GLN C 18 -7.76 -0.06 -0.22
C GLN C 18 -7.36 0.51 -1.59
N THR C 19 -6.76 1.68 -1.59
CA THR C 19 -6.34 2.31 -2.89
C THR C 19 -4.80 2.39 -2.91
N THR C 20 -4.18 1.88 -3.93
CA THR C 20 -2.69 1.92 -4.00
C THR C 20 -2.22 1.66 -5.43
N PRO C 21 -1.12 2.24 -5.83
CA PRO C 21 -0.55 2.03 -7.21
C PRO C 21 -0.01 0.60 -7.35
N VAL C 22 0.29 -0.02 -6.24
CA VAL C 22 0.82 -1.41 -6.28
C VAL C 22 0.79 -2.00 -4.86
N TRP C 23 0.68 -3.30 -4.76
CA TRP C 23 0.65 -3.96 -3.42
C TRP C 23 2.04 -4.47 -3.06
N ARG C 24 2.48 -4.18 -1.86
CA ARG C 24 3.83 -4.63 -1.41
C ARG C 24 3.69 -5.90 -0.58
N ARG C 25 4.77 -6.62 -0.39
CA ARG C 25 4.72 -7.88 0.41
C ARG C 25 5.86 -7.89 1.44
N ASN C 26 5.70 -8.63 2.49
CA ASN C 26 6.74 -8.71 3.56
C ASN C 26 7.13 -10.19 3.74
N PRO C 27 8.37 -10.48 4.06
CA PRO C 27 8.82 -11.90 4.27
C PRO C 27 7.83 -12.76 5.09
N GLU C 28 6.77 -12.19 5.59
CA GLU C 28 5.78 -12.99 6.36
C GLU C 28 4.63 -13.40 5.44
N GLY C 29 4.54 -12.81 4.28
CA GLY C 29 3.45 -13.17 3.33
C GLY C 29 2.21 -12.31 3.59
N GLN C 30 2.32 -11.33 4.44
CA GLN C 30 1.15 -10.45 4.73
C GLN C 30 1.09 -9.35 3.66
N PRO C 31 -0.09 -9.03 3.14
CA PRO C 31 -0.23 -7.98 2.09
C PRO C 31 -0.08 -6.56 2.67
N LEU C 32 0.57 -5.69 1.94
CA LEU C 32 0.78 -4.28 2.42
C LEU C 32 0.62 -3.31 1.25
N CYS C 33 0.15 -2.11 1.50
CA CYS C 33 0.01 -1.12 0.40
C CYS C 33 1.39 -0.58 0.02
N ASN C 34 1.44 0.45 -0.78
CA ASN C 34 2.78 0.98 -1.20
C ASN C 34 3.48 1.72 -0.05
N ALA C 35 2.80 2.59 0.64
CA ALA C 35 3.46 3.36 1.74
C ALA C 35 3.93 2.44 2.89
N CYS C 36 3.07 1.59 3.39
CA CYS C 36 3.49 0.72 4.52
C CYS C 36 4.70 -0.13 4.12
N GLY C 37 4.68 -0.69 2.94
CA GLY C 37 5.82 -1.54 2.49
C GLY C 37 7.11 -0.70 2.42
N LEU C 38 7.06 0.44 1.79
CA LEU C 38 8.29 1.28 1.66
C LEU C 38 8.72 1.82 3.03
N PHE C 39 7.82 2.39 3.79
CA PHE C 39 8.21 2.96 5.12
C PHE C 39 8.56 1.85 6.11
N LEU C 40 7.70 0.89 6.27
CA LEU C 40 7.95 -0.19 7.26
C LEU C 40 9.26 -0.92 6.95
N LYS C 41 9.45 -1.33 5.73
CA LYS C 41 10.70 -2.05 5.37
C LYS C 41 11.92 -1.17 5.63
N LEU C 42 11.86 0.08 5.25
CA LEU C 42 13.01 1.00 5.45
C LEU C 42 13.22 1.32 6.93
N HIS C 43 12.16 1.50 7.67
CA HIS C 43 12.32 1.88 9.11
C HIS C 43 12.47 0.64 10.02
N GLY C 44 11.74 -0.41 9.78
CA GLY C 44 11.89 -1.63 10.65
C GLY C 44 11.29 -1.37 12.03
N VAL C 45 10.51 -0.34 12.19
CA VAL C 45 9.89 -0.05 13.52
C VAL C 45 8.44 0.39 13.30
N VAL C 46 7.71 0.59 14.36
CA VAL C 46 6.30 1.01 14.23
C VAL C 46 6.21 2.29 13.40
N ARG C 47 5.14 2.44 12.66
CA ARG C 47 4.95 3.66 11.82
C ARG C 47 3.63 4.33 12.24
N PRO C 48 3.64 5.56 12.71
CA PRO C 48 2.38 6.24 13.09
C PRO C 48 1.34 6.13 11.96
N LEU C 49 0.53 5.12 12.01
CA LEU C 49 -0.49 4.92 10.93
C LEU C 49 -1.35 6.18 10.79
N SER C 50 -1.33 7.04 11.77
CA SER C 50 -2.15 8.29 11.69
C SER C 50 -1.68 9.16 10.52
N LEU C 51 -0.56 8.84 9.93
CA LEU C 51 -0.07 9.66 8.78
C LEU C 51 -0.83 9.26 7.52
N LYS C 52 -1.15 8.01 7.39
CA LYS C 52 -1.89 7.55 6.18
C LYS C 52 -3.05 8.50 5.87
N THR C 53 -3.50 8.49 4.66
CA THR C 53 -4.65 9.36 4.25
C THR C 53 -5.44 8.63 3.18
N ASP C 54 -6.63 9.10 2.87
CA ASP C 54 -7.43 8.41 1.81
C ASP C 54 -7.18 9.09 0.47
N VAL C 55 -6.36 10.11 0.48
CA VAL C 55 -6.02 10.82 -0.79
C VAL C 55 -4.55 10.54 -1.10
N ILE C 56 -4.25 10.17 -2.32
CA ILE C 56 -2.84 9.89 -2.69
C ILE C 56 -2.30 11.08 -3.50
N LYS C 57 -1.09 11.48 -3.24
CA LYS C 57 -0.52 12.63 -3.99
C LYS C 57 0.00 12.16 -5.35
N LYS C 58 -0.52 12.71 -6.42
CA LYS C 58 -0.06 12.29 -7.78
C LYS C 58 1.18 13.09 -8.18
N ARG C 59 2.25 12.40 -8.47
CA ARG C 59 3.51 13.09 -8.85
C ARG C 59 3.66 13.06 -10.37
N ASN C 60 4.72 13.62 -10.87
CA ASN C 60 4.92 13.68 -12.35
C ASN C 60 5.31 12.31 -12.89
N ARG C 61 5.52 12.25 -14.18
CA ARG C 61 5.92 10.98 -14.84
C ARG C 61 6.85 11.32 -16.02
N ASN C 62 7.65 10.38 -16.44
CA ASN C 62 8.59 10.66 -17.57
C ASN C 62 7.87 10.45 -18.90
N SER C 63 8.33 11.08 -19.95
CA SER C 63 7.68 10.91 -21.27
C SER C 63 7.80 9.46 -21.71
N ALA C 64 6.71 8.86 -22.11
CA ALA C 64 6.75 7.43 -22.56
C ALA C 64 6.69 7.37 -24.08
N ASN C 65 7.72 7.84 -24.72
CA ASN C 65 7.78 7.83 -26.21
C ASN C 65 9.16 7.35 -26.66
N SER C 66 9.96 6.90 -25.72
CA SER C 66 11.33 6.42 -26.08
C SER C 66 12.00 7.43 -27.01
ZN ZN D . -0.81 0.47 4.12
N MET C 1 -15.37 -23.94 -16.02
CA MET C 1 -15.07 -22.68 -16.76
C MET C 1 -15.39 -21.48 -15.86
N LYS C 2 -16.63 -21.10 -15.77
CA LYS C 2 -17.00 -19.94 -14.92
C LYS C 2 -16.85 -20.31 -13.44
N ASN C 3 -16.35 -19.40 -12.64
CA ASN C 3 -16.17 -19.65 -11.19
C ASN C 3 -17.09 -18.72 -10.41
N GLY C 4 -18.21 -18.37 -10.99
CA GLY C 4 -19.17 -17.46 -10.30
C GLY C 4 -18.51 -16.11 -10.04
N GLU C 5 -17.64 -16.04 -9.06
CA GLU C 5 -16.96 -14.75 -8.73
C GLU C 5 -15.47 -15.02 -8.49
N GLN C 6 -14.61 -14.10 -8.82
CA GLN C 6 -13.14 -14.32 -8.61
C GLN C 6 -12.48 -13.04 -8.10
N ASN C 7 -11.31 -13.16 -7.53
CA ASN C 7 -10.60 -11.96 -6.99
C ASN C 7 -11.45 -11.32 -5.91
N GLY C 8 -10.90 -10.42 -5.14
CA GLY C 8 -11.70 -9.77 -4.06
C GLY C 8 -11.03 -8.46 -3.64
N PRO C 9 -11.59 -7.80 -2.67
CA PRO C 9 -11.05 -6.50 -2.16
C PRO C 9 -9.82 -6.71 -1.27
N THR C 10 -8.72 -6.09 -1.61
CA THR C 10 -7.49 -6.22 -0.79
C THR C 10 -7.56 -5.22 0.38
N THR C 11 -7.00 -5.54 1.51
CA THR C 11 -7.03 -4.58 2.66
C THR C 11 -5.63 -4.49 3.29
N CYS C 12 -5.19 -3.29 3.60
CA CYS C 12 -3.85 -3.13 4.21
C CYS C 12 -3.94 -3.46 5.70
N THR C 13 -3.37 -4.55 6.11
CA THR C 13 -3.45 -4.94 7.55
C THR C 13 -2.72 -3.90 8.41
N ASN C 14 -1.97 -3.00 7.80
CA ASN C 14 -1.24 -1.97 8.60
C ASN C 14 -1.98 -0.64 8.62
N CYS C 15 -2.67 -0.26 7.56
CA CYS C 15 -3.37 1.06 7.57
C CYS C 15 -4.76 0.97 6.93
N PHE C 16 -5.30 -0.21 6.80
CA PHE C 16 -6.67 -0.37 6.23
C PHE C 16 -6.79 0.28 4.85
N THR C 17 -5.76 0.87 4.32
CA THR C 17 -5.91 1.51 2.98
C THR C 17 -6.32 0.44 1.96
N GLN C 18 -7.38 0.70 1.22
CA GLN C 18 -7.87 -0.27 0.21
C GLN C 18 -7.54 0.24 -1.19
N THR C 19 -6.96 1.42 -1.28
CA THR C 19 -6.60 2.01 -2.61
C THR C 19 -5.09 2.24 -2.65
N THR C 20 -4.42 1.80 -3.68
CA THR C 20 -2.95 2.01 -3.74
C THR C 20 -2.43 1.70 -5.15
N PRO C 21 -1.37 2.36 -5.58
CA PRO C 21 -0.78 2.12 -6.94
C PRO C 21 -0.19 0.71 -7.07
N VAL C 22 0.22 0.12 -5.98
CA VAL C 22 0.81 -1.25 -6.04
C VAL C 22 0.75 -1.91 -4.66
N TRP C 23 0.50 -3.19 -4.62
CA TRP C 23 0.40 -3.90 -3.32
C TRP C 23 1.74 -4.50 -2.90
N ARG C 24 2.15 -4.24 -1.68
CA ARG C 24 3.45 -4.78 -1.18
C ARG C 24 3.17 -5.92 -0.19
N ARG C 25 4.19 -6.61 0.21
CA ARG C 25 4.01 -7.75 1.17
C ARG C 25 5.20 -7.83 2.12
N ASN C 26 5.11 -8.65 3.13
CA ASN C 26 6.21 -8.78 4.13
C ASN C 26 6.48 -10.27 4.38
N PRO C 27 7.70 -10.68 4.65
CA PRO C 27 8.04 -12.12 4.90
C PRO C 27 7.06 -12.87 5.82
N GLU C 28 6.04 -12.22 6.32
CA GLU C 28 5.05 -12.93 7.18
C GLU C 28 3.87 -13.33 6.31
N GLY C 29 3.78 -12.76 5.13
CA GLY C 29 2.66 -13.09 4.21
C GLY C 29 1.47 -12.18 4.47
N GLN C 30 1.66 -11.16 5.27
CA GLN C 30 0.54 -10.21 5.55
C GLN C 30 0.56 -9.12 4.47
N PRO C 31 -0.44 -9.02 3.61
CA PRO C 31 -0.43 -7.98 2.54
C PRO C 31 -0.28 -6.55 3.08
N LEU C 32 0.36 -5.70 2.34
CA LEU C 32 0.56 -4.28 2.76
C LEU C 32 0.38 -3.35 1.56
N CYS C 33 -0.06 -2.14 1.79
CA CYS C 33 -0.23 -1.19 0.66
C CYS C 33 1.15 -0.69 0.24
N ASN C 34 1.21 0.22 -0.69
CA ASN C 34 2.54 0.72 -1.15
C ASN C 34 3.26 1.50 -0.06
N ALA C 35 2.60 2.43 0.59
CA ALA C 35 3.28 3.24 1.65
C ALA C 35 3.77 2.38 2.82
N CYS C 36 2.94 1.56 3.40
CA CYS C 36 3.39 0.74 4.56
C CYS C 36 4.56 -0.16 4.16
N GLY C 37 4.49 -0.79 3.03
CA GLY C 37 5.60 -1.67 2.60
C GLY C 37 6.88 -0.85 2.42
N LEU C 38 6.79 0.22 1.70
CA LEU C 38 7.99 1.07 1.48
C LEU C 38 8.47 1.69 2.79
N PHE C 39 7.57 2.29 3.53
CA PHE C 39 7.97 2.96 4.81
C PHE C 39 8.28 1.94 5.91
N LEU C 40 7.41 1.00 6.15
CA LEU C 40 7.66 0.03 7.24
C LEU C 40 8.95 -0.75 6.99
N LYS C 41 9.13 -1.26 5.80
CA LYS C 41 10.37 -2.05 5.51
C LYS C 41 11.60 -1.14 5.72
N LEU C 42 11.54 0.07 5.22
CA LEU C 42 12.70 1.00 5.35
C LEU C 42 12.89 1.46 6.80
N HIS C 43 11.83 1.74 7.50
CA HIS C 43 11.98 2.25 8.90
C HIS C 43 12.12 1.10 9.90
N GLY C 44 11.41 0.01 9.74
CA GLY C 44 11.56 -1.13 10.69
C GLY C 44 10.94 -0.79 12.06
N VAL C 45 10.22 0.30 12.15
CA VAL C 45 9.57 0.68 13.44
C VAL C 45 8.12 1.06 13.16
N VAL C 46 7.33 1.23 14.17
CA VAL C 46 5.90 1.59 13.95
C VAL C 46 5.82 2.84 13.08
N ARG C 47 4.76 2.98 12.32
CA ARG C 47 4.59 4.21 11.47
C ARG C 47 3.27 4.89 11.87
N PRO C 48 3.30 6.11 12.35
CA PRO C 48 2.05 6.83 12.71
C PRO C 48 0.96 6.61 11.66
N LEU C 49 0.16 5.59 11.83
CA LEU C 49 -0.91 5.30 10.84
C LEU C 49 -1.80 6.53 10.68
N SER C 50 -1.72 7.44 11.61
CA SER C 50 -2.55 8.68 11.51
C SER C 50 -2.19 9.43 10.22
N LEU C 51 -1.14 9.04 9.56
CA LEU C 51 -0.76 9.74 8.29
C LEU C 51 -1.65 9.22 7.16
N LYS C 52 -2.02 7.97 7.23
CA LYS C 52 -2.89 7.38 6.15
C LYS C 52 -4.08 8.30 5.88
N THR C 53 -4.59 8.23 4.69
CA THR C 53 -5.77 9.06 4.31
C THR C 53 -6.56 8.33 3.21
N ASP C 54 -7.71 8.82 2.84
CA ASP C 54 -8.49 8.14 1.77
C ASP C 54 -8.13 8.76 0.42
N VAL C 55 -7.26 9.72 0.40
CA VAL C 55 -6.83 10.38 -0.87
C VAL C 55 -5.33 10.20 -1.04
N ILE C 56 -4.88 9.90 -2.23
CA ILE C 56 -3.42 9.71 -2.49
C ILE C 56 -2.85 10.96 -3.17
N LYS C 57 -1.61 11.26 -2.91
CA LYS C 57 -1.00 12.46 -3.55
C LYS C 57 -0.54 12.06 -4.96
N LYS C 58 -1.11 12.65 -5.96
CA LYS C 58 -0.72 12.30 -7.36
C LYS C 58 0.51 13.11 -7.78
N ARG C 59 1.59 12.44 -8.10
CA ARG C 59 2.83 13.16 -8.51
C ARG C 59 2.89 13.20 -10.04
N ASN C 60 3.86 13.88 -10.57
CA ASN C 60 3.97 14.00 -12.05
C ASN C 60 4.68 12.76 -12.61
N ARG C 61 5.16 12.84 -13.82
CA ARG C 61 5.88 11.68 -14.43
C ARG C 61 7.00 12.20 -15.33
N ASN C 62 8.07 11.46 -15.46
CA ASN C 62 9.19 11.93 -16.32
C ASN C 62 10.02 10.71 -16.77
N SER C 63 10.04 10.46 -18.05
CA SER C 63 10.81 9.29 -18.58
C SER C 63 12.16 9.77 -19.10
N ALA C 64 12.51 9.43 -20.30
CA ALA C 64 13.82 9.87 -20.86
C ALA C 64 14.93 9.54 -19.86
N ASN C 65 15.97 10.34 -19.82
CA ASN C 65 17.09 10.08 -18.87
C ASN C 65 17.02 11.10 -17.73
N SER C 66 16.81 10.64 -16.52
CA SER C 66 16.73 11.58 -15.37
C SER C 66 18.12 12.15 -15.07
ZN ZN D . -0.91 0.54 4.33
N MET C 1 -21.03 -15.95 6.74
CA MET C 1 -21.86 -16.38 7.89
C MET C 1 -22.10 -15.16 8.80
N LYS C 2 -21.21 -14.22 8.78
CA LYS C 2 -21.38 -13.01 9.65
C LYS C 2 -21.92 -11.85 8.81
N ASN C 3 -23.02 -11.26 9.23
CA ASN C 3 -23.59 -10.11 8.46
C ASN C 3 -23.26 -8.80 9.18
N GLY C 4 -22.47 -8.87 10.22
CA GLY C 4 -22.12 -7.63 10.98
C GLY C 4 -21.24 -6.73 10.10
N GLU C 5 -19.98 -7.07 9.95
CA GLU C 5 -19.06 -6.25 9.10
C GLU C 5 -18.60 -7.09 7.92
N GLN C 6 -18.90 -6.66 6.72
CA GLN C 6 -18.49 -7.44 5.52
C GLN C 6 -17.04 -7.12 5.17
N ASN C 7 -16.22 -8.12 5.00
CA ASN C 7 -14.80 -7.85 4.64
C ASN C 7 -14.75 -7.36 3.20
N GLY C 8 -13.71 -6.68 2.82
CA GLY C 8 -13.58 -6.16 1.43
C GLY C 8 -12.35 -6.79 0.78
N PRO C 9 -12.14 -6.51 -0.49
CA PRO C 9 -10.96 -7.05 -1.25
C PRO C 9 -9.63 -6.89 -0.49
N THR C 10 -8.52 -7.00 -1.18
CA THR C 10 -7.20 -6.87 -0.51
C THR C 10 -7.22 -5.64 0.41
N THR C 11 -6.77 -5.80 1.63
CA THR C 11 -6.74 -4.65 2.59
C THR C 11 -5.38 -4.60 3.29
N CYS C 12 -4.86 -3.42 3.48
CA CYS C 12 -3.53 -3.30 4.16
C CYS C 12 -3.68 -3.61 5.65
N THR C 13 -3.13 -4.70 6.10
CA THR C 13 -3.26 -5.08 7.53
C THR C 13 -2.52 -4.08 8.42
N ASN C 14 -1.70 -3.23 7.86
CA ASN C 14 -0.95 -2.26 8.71
C ASN C 14 -1.65 -0.89 8.75
N CYS C 15 -2.33 -0.50 7.69
CA CYS C 15 -3.00 0.84 7.70
C CYS C 15 -4.41 0.76 7.10
N PHE C 16 -4.94 -0.41 6.96
CA PHE C 16 -6.33 -0.57 6.41
C PHE C 16 -6.47 0.06 5.01
N THR C 17 -5.43 0.61 4.46
CA THR C 17 -5.58 1.25 3.11
C THR C 17 -6.09 0.23 2.10
N GLN C 18 -7.21 0.54 1.48
CA GLN C 18 -7.80 -0.37 0.45
C GLN C 18 -7.44 0.16 -0.94
N THR C 19 -6.97 1.38 -1.01
CA THR C 19 -6.60 1.99 -2.33
C THR C 19 -5.07 2.20 -2.36
N THR C 20 -4.41 1.72 -3.39
CA THR C 20 -2.93 1.88 -3.47
C THR C 20 -2.44 1.59 -4.90
N PRO C 21 -1.36 2.21 -5.31
CA PRO C 21 -0.78 1.99 -6.68
C PRO C 21 -0.26 0.56 -6.88
N VAL C 22 0.15 -0.09 -5.83
CA VAL C 22 0.68 -1.48 -5.98
C VAL C 22 0.74 -2.16 -4.60
N TRP C 23 0.47 -3.44 -4.55
CA TRP C 23 0.48 -4.17 -3.25
C TRP C 23 1.86 -4.78 -3.00
N ARG C 24 2.39 -4.60 -1.82
CA ARG C 24 3.73 -5.15 -1.47
C ARG C 24 3.55 -6.45 -0.66
N ARG C 25 4.62 -7.18 -0.47
CA ARG C 25 4.55 -8.44 0.33
C ARG C 25 5.71 -8.44 1.32
N ASN C 26 5.61 -9.21 2.37
CA ASN C 26 6.70 -9.25 3.40
C ASN C 26 7.04 -10.71 3.70
N PRO C 27 8.28 -11.05 3.97
CA PRO C 27 8.67 -12.46 4.28
C PRO C 27 7.71 -13.16 5.27
N GLU C 28 6.72 -12.47 5.77
CA GLU C 28 5.75 -13.12 6.71
C GLU C 28 4.54 -13.58 5.90
N GLY C 29 4.36 -13.02 4.73
CA GLY C 29 3.23 -13.40 3.85
C GLY C 29 2.01 -12.49 4.12
N GLN C 30 2.20 -11.43 4.88
CA GLN C 30 1.05 -10.51 5.14
C GLN C 30 0.98 -9.46 4.02
N PRO C 31 -0.20 -9.13 3.53
CA PRO C 31 -0.34 -8.11 2.45
C PRO C 31 -0.15 -6.68 2.98
N LEU C 32 0.49 -5.84 2.21
CA LEU C 32 0.75 -4.43 2.65
C LEU C 32 0.55 -3.46 1.49
N CYS C 33 0.17 -2.24 1.76
CA CYS C 33 0.03 -1.26 0.65
C CYS C 33 1.43 -0.81 0.25
N ASN C 34 1.56 0.04 -0.72
CA ASN C 34 2.93 0.48 -1.14
C ASN C 34 3.57 1.33 -0.04
N ALA C 35 2.83 2.23 0.56
CA ALA C 35 3.45 3.10 1.61
C ALA C 35 3.98 2.28 2.80
N CYS C 36 3.16 1.45 3.40
CA CYS C 36 3.67 0.66 4.57
C CYS C 36 4.86 -0.18 4.14
N GLY C 37 4.77 -0.81 3.00
CA GLY C 37 5.91 -1.65 2.53
C GLY C 37 7.14 -0.77 2.37
N LEU C 38 7.00 0.35 1.72
CA LEU C 38 8.15 1.27 1.51
C LEU C 38 8.57 1.92 2.83
N PHE C 39 7.67 2.61 3.48
CA PHE C 39 8.02 3.31 4.75
C PHE C 39 8.50 2.31 5.82
N LEU C 40 7.75 1.26 6.04
CA LEU C 40 8.14 0.29 7.09
C LEU C 40 9.51 -0.32 6.78
N LYS C 41 9.73 -0.76 5.57
CA LYS C 41 11.03 -1.38 5.23
C LYS C 41 12.16 -0.36 5.35
N LEU C 42 11.97 0.83 4.85
CA LEU C 42 13.06 1.86 4.92
C LEU C 42 13.30 2.33 6.35
N HIS C 43 12.26 2.56 7.11
CA HIS C 43 12.46 3.05 8.51
C HIS C 43 12.67 1.87 9.46
N GLY C 44 11.97 0.80 9.29
CA GLY C 44 12.16 -0.37 10.19
C GLY C 44 11.53 -0.11 11.57
N VAL C 45 10.78 0.96 11.71
CA VAL C 45 10.14 1.25 13.03
C VAL C 45 8.73 1.80 12.84
N VAL C 46 7.83 1.45 13.71
CA VAL C 46 6.44 1.95 13.59
C VAL C 46 6.42 3.48 13.58
N ARG C 47 5.42 4.05 12.98
CA ARG C 47 5.31 5.53 12.93
C ARG C 47 3.82 5.89 12.93
N PRO C 48 3.39 6.88 13.68
CA PRO C 48 1.96 7.28 13.74
C PRO C 48 1.21 7.03 12.44
N LEU C 49 0.55 5.90 12.34
CA LEU C 49 -0.23 5.60 11.11
C LEU C 49 -1.24 6.74 10.92
N SER C 50 -1.39 7.55 11.94
CA SER C 50 -2.36 8.68 11.86
C SER C 50 -1.98 9.59 10.69
N LEU C 51 -0.85 9.36 10.08
CA LEU C 51 -0.43 10.19 8.92
C LEU C 51 -1.24 9.77 7.70
N LYS C 52 -1.53 8.50 7.61
CA LYS C 52 -2.31 7.99 6.44
C LYS C 52 -3.48 8.91 6.10
N THR C 53 -3.98 8.76 4.90
CA THR C 53 -5.14 9.57 4.44
C THR C 53 -5.93 8.75 3.43
N ASP C 54 -7.13 9.16 3.09
CA ASP C 54 -7.94 8.38 2.10
C ASP C 54 -7.75 8.98 0.71
N VAL C 55 -6.83 9.90 0.59
CA VAL C 55 -6.55 10.55 -0.73
C VAL C 55 -5.05 10.37 -1.03
N ILE C 56 -4.71 10.10 -2.26
CA ILE C 56 -3.28 9.90 -2.64
C ILE C 56 -2.87 10.95 -3.66
N LYS C 57 -1.78 11.63 -3.44
CA LYS C 57 -1.34 12.66 -4.42
C LYS C 57 -0.60 11.98 -5.57
N LYS C 58 -0.92 12.36 -6.78
CA LYS C 58 -0.23 11.77 -7.95
C LYS C 58 1.07 12.53 -8.22
N ARG C 59 2.17 11.85 -8.29
CA ARG C 59 3.48 12.54 -8.52
C ARG C 59 3.83 12.50 -10.01
N ASN C 60 4.85 13.22 -10.38
CA ASN C 60 5.28 13.26 -11.80
C ASN C 60 6.22 12.09 -12.06
N ARG C 61 7.06 12.19 -13.05
CA ARG C 61 8.02 11.09 -13.35
C ARG C 61 9.39 11.71 -13.67
N ASN C 62 10.30 11.69 -12.73
CA ASN C 62 11.66 12.29 -12.98
C ASN C 62 12.65 11.20 -13.38
N SER C 63 12.20 9.98 -13.38
CA SER C 63 13.09 8.85 -13.75
C SER C 63 12.97 8.61 -15.27
N ALA C 64 12.23 9.45 -15.92
CA ALA C 64 12.05 9.31 -17.40
C ALA C 64 13.41 9.34 -18.10
N ASN C 65 13.59 8.51 -19.10
CA ASN C 65 14.89 8.49 -19.84
C ASN C 65 14.69 9.12 -21.22
N SER C 66 15.48 10.10 -21.55
CA SER C 66 15.35 10.76 -22.88
C SER C 66 15.66 9.73 -23.98
ZN ZN D . -0.56 0.34 4.42
N MET C 1 -18.47 -20.84 3.85
CA MET C 1 -18.61 -19.55 4.61
C MET C 1 -17.86 -19.65 5.94
N LYS C 2 -17.86 -20.81 6.55
CA LYS C 2 -17.15 -20.95 7.86
C LYS C 2 -15.64 -20.77 7.65
N ASN C 3 -14.99 -20.18 8.61
CA ASN C 3 -13.52 -19.97 8.49
C ASN C 3 -13.19 -19.27 7.17
N GLY C 4 -12.42 -19.89 6.33
CA GLY C 4 -12.08 -19.25 5.02
C GLY C 4 -11.50 -17.86 5.27
N GLU C 5 -12.33 -16.85 5.30
CA GLU C 5 -11.84 -15.47 5.54
C GLU C 5 -10.80 -15.10 4.47
N GLN C 6 -10.55 -13.83 4.30
CA GLN C 6 -9.57 -13.38 3.27
C GLN C 6 -10.04 -13.84 1.88
N ASN C 7 -11.31 -13.72 1.61
CA ASN C 7 -11.84 -14.15 0.29
C ASN C 7 -11.18 -13.34 -0.84
N GLY C 8 -10.98 -12.07 -0.66
CA GLY C 8 -10.37 -11.27 -1.76
C GLY C 8 -10.09 -9.83 -1.32
N PRO C 9 -11.10 -9.09 -0.93
CA PRO C 9 -10.95 -7.67 -0.52
C PRO C 9 -9.63 -7.37 0.19
N THR C 10 -8.60 -7.21 -0.57
CA THR C 10 -7.25 -6.94 0.01
C THR C 10 -7.31 -5.70 0.88
N THR C 11 -6.90 -5.83 2.11
CA THR C 11 -6.92 -4.67 3.06
C THR C 11 -5.55 -4.56 3.75
N CYS C 12 -5.04 -3.37 3.90
CA CYS C 12 -3.72 -3.21 4.57
C CYS C 12 -3.88 -3.52 6.06
N THR C 13 -3.33 -4.62 6.50
CA THR C 13 -3.44 -5.00 7.93
C THR C 13 -2.71 -3.98 8.79
N ASN C 14 -1.96 -3.07 8.20
CA ASN C 14 -1.22 -2.07 9.01
C ASN C 14 -1.95 -0.73 9.03
N CYS C 15 -2.61 -0.35 7.96
CA CYS C 15 -3.31 0.98 7.94
C CYS C 15 -4.70 0.88 7.30
N PHE C 16 -5.17 -0.32 7.01
CA PHE C 16 -6.53 -0.49 6.42
C PHE C 16 -6.68 0.23 5.08
N THR C 17 -5.67 0.84 4.56
CA THR C 17 -5.81 1.53 3.25
C THR C 17 -6.23 0.53 2.18
N GLN C 18 -7.28 0.83 1.45
CA GLN C 18 -7.75 -0.09 0.38
C GLN C 18 -7.35 0.47 -1.00
N THR C 19 -6.89 1.69 -1.03
CA THR C 19 -6.47 2.32 -2.33
C THR C 19 -4.95 2.43 -2.37
N THR C 20 -4.35 1.92 -3.42
CA THR C 20 -2.87 1.98 -3.52
C THR C 20 -2.44 1.71 -4.97
N PRO C 21 -1.38 2.32 -5.44
CA PRO C 21 -0.87 2.10 -6.83
C PRO C 21 -0.29 0.69 -7.00
N VAL C 22 0.11 0.06 -5.93
CA VAL C 22 0.68 -1.32 -6.02
C VAL C 22 0.62 -1.99 -4.65
N TRP C 23 0.29 -3.26 -4.63
CA TRP C 23 0.21 -3.99 -3.33
C TRP C 23 1.56 -4.63 -2.99
N ARG C 24 2.03 -4.42 -1.79
CA ARG C 24 3.33 -5.01 -1.36
C ARG C 24 3.07 -6.25 -0.52
N ARG C 25 4.10 -7.03 -0.24
CA ARG C 25 3.92 -8.26 0.59
C ARG C 25 5.03 -8.30 1.64
N ASN C 26 4.82 -9.06 2.69
CA ASN C 26 5.84 -9.17 3.78
C ASN C 26 6.28 -10.64 3.92
N PRO C 27 7.54 -10.93 4.20
CA PRO C 27 8.01 -12.33 4.38
C PRO C 27 7.07 -13.18 5.27
N GLU C 28 6.06 -12.59 5.83
CA GLU C 28 5.09 -13.36 6.67
C GLU C 28 3.89 -13.74 5.80
N GLY C 29 3.81 -13.15 4.64
CA GLY C 29 2.69 -13.42 3.71
C GLY C 29 1.51 -12.50 4.03
N GLN C 30 1.71 -11.53 4.89
CA GLN C 30 0.61 -10.60 5.24
C GLN C 30 0.54 -9.49 4.16
N PRO C 31 -0.64 -9.10 3.73
CA PRO C 31 -0.78 -8.03 2.69
C PRO C 31 -0.52 -6.63 3.25
N LEU C 32 0.11 -5.78 2.47
CA LEU C 32 0.40 -4.39 2.93
C LEU C 32 0.23 -3.42 1.77
N CYS C 33 -0.18 -2.20 2.04
CA CYS C 33 -0.33 -1.22 0.93
C CYS C 33 1.07 -0.76 0.50
N ASN C 34 1.15 0.15 -0.42
CA ASN C 34 2.48 0.61 -0.89
C ASN C 34 3.23 1.41 0.18
N ALA C 35 2.57 2.29 0.87
CA ALA C 35 3.26 3.12 1.90
C ALA C 35 3.81 2.26 3.06
N CYS C 36 2.98 1.45 3.68
CA CYS C 36 3.47 0.62 4.82
C CYS C 36 4.63 -0.28 4.39
N GLY C 37 4.51 -0.91 3.25
CA GLY C 37 5.60 -1.82 2.80
C GLY C 37 6.90 -1.03 2.67
N LEU C 38 6.86 0.11 2.04
CA LEU C 38 8.11 0.92 1.87
C LEU C 38 8.57 1.50 3.20
N PHE C 39 7.72 2.23 3.87
CA PHE C 39 8.11 2.87 5.16
C PHE C 39 8.39 1.83 6.25
N LEU C 40 7.50 0.90 6.44
CA LEU C 40 7.69 -0.10 7.53
C LEU C 40 8.98 -0.90 7.32
N LYS C 41 9.20 -1.44 6.14
CA LYS C 41 10.43 -2.23 5.89
C LYS C 41 11.67 -1.34 6.09
N LEU C 42 11.62 -0.13 5.59
CA LEU C 42 12.80 0.78 5.71
C LEU C 42 13.00 1.22 7.16
N HIS C 43 11.94 1.51 7.86
CA HIS C 43 12.09 2.00 9.27
C HIS C 43 12.27 0.83 10.25
N GLY C 44 11.49 -0.20 10.12
CA GLY C 44 11.64 -1.37 11.03
C GLY C 44 11.06 -1.05 12.41
N VAL C 45 10.35 0.04 12.56
CA VAL C 45 9.76 0.39 13.88
C VAL C 45 8.30 0.81 13.71
N VAL C 46 7.58 0.94 14.80
CA VAL C 46 6.15 1.33 14.72
C VAL C 46 6.00 2.57 13.82
N ARG C 47 4.90 2.65 13.12
CA ARG C 47 4.66 3.82 12.20
C ARG C 47 3.38 4.54 12.62
N PRO C 48 3.39 5.85 12.74
CA PRO C 48 2.16 6.60 13.14
C PRO C 48 1.15 6.61 11.98
N LEU C 49 0.18 5.74 12.06
CA LEU C 49 -0.85 5.68 10.98
C LEU C 49 -1.55 7.04 10.88
N SER C 50 -1.29 7.91 11.82
CA SER C 50 -1.93 9.26 11.78
C SER C 50 -1.52 9.96 10.49
N LEU C 51 -0.49 9.48 9.84
CA LEU C 51 -0.05 10.10 8.56
C LEU C 51 -0.97 9.64 7.44
N LYS C 52 -1.33 8.39 7.45
CA LYS C 52 -2.22 7.83 6.39
C LYS C 52 -3.38 8.78 6.09
N THR C 53 -3.89 8.70 4.89
CA THR C 53 -5.05 9.57 4.49
C THR C 53 -5.88 8.83 3.45
N ASP C 54 -7.02 9.33 3.12
CA ASP C 54 -7.89 8.64 2.11
C ASP C 54 -7.58 9.22 0.71
N VAL C 55 -6.62 10.10 0.62
CA VAL C 55 -6.25 10.71 -0.68
C VAL C 55 -4.75 10.48 -0.93
N ILE C 56 -4.38 10.20 -2.16
CA ILE C 56 -2.94 9.96 -2.49
C ILE C 56 -2.47 11.05 -3.47
N LYS C 57 -1.35 11.65 -3.20
CA LYS C 57 -0.84 12.73 -4.10
C LYS C 57 -0.15 12.10 -5.32
N LYS C 58 -0.49 12.53 -6.50
CA LYS C 58 0.14 11.98 -7.73
C LYS C 58 1.34 12.84 -8.10
N ARG C 59 2.47 12.23 -8.35
CA ARG C 59 3.69 13.00 -8.73
C ARG C 59 3.84 12.99 -10.26
N ASN C 60 4.93 13.49 -10.76
CA ASN C 60 5.11 13.56 -12.23
C ASN C 60 5.27 12.16 -12.83
N ARG C 61 5.05 12.08 -14.12
CA ARG C 61 5.17 10.78 -14.85
C ARG C 61 5.66 11.05 -16.27
N ASN C 62 6.13 10.02 -16.93
CA ASN C 62 6.64 10.20 -18.32
C ASN C 62 5.47 10.13 -19.31
N SER C 63 5.19 11.21 -19.97
CA SER C 63 4.07 11.22 -20.96
C SER C 63 4.35 10.19 -22.06
N ALA C 64 5.56 10.14 -22.55
CA ALA C 64 5.90 9.17 -23.62
C ALA C 64 7.41 9.14 -23.85
N ASN C 65 7.88 8.18 -24.60
CA ASN C 65 9.34 8.09 -24.90
C ASN C 65 9.61 8.60 -26.32
N SER C 66 10.53 9.51 -26.46
CA SER C 66 10.86 10.06 -27.81
C SER C 66 12.22 9.52 -28.27
ZN ZN D . -0.82 0.47 4.69
N MET C 1 -19.54 -0.32 -17.09
CA MET C 1 -18.08 -0.44 -16.80
C MET C 1 -17.87 -1.32 -15.56
N LYS C 2 -16.95 -2.24 -15.63
CA LYS C 2 -16.69 -3.13 -14.46
C LYS C 2 -15.65 -2.47 -13.55
N ASN C 3 -16.08 -1.64 -12.64
CA ASN C 3 -15.12 -0.96 -11.73
C ASN C 3 -15.00 -1.78 -10.44
N GLY C 4 -15.78 -2.81 -10.30
CA GLY C 4 -15.71 -3.64 -9.08
C GLY C 4 -16.49 -2.98 -7.95
N GLU C 5 -17.70 -2.57 -8.23
CA GLU C 5 -18.53 -1.91 -7.18
C GLU C 5 -19.19 -2.99 -6.32
N GLN C 6 -18.47 -3.53 -5.38
CA GLN C 6 -19.04 -4.58 -4.49
C GLN C 6 -18.39 -4.47 -3.11
N ASN C 7 -17.29 -5.14 -2.92
CA ASN C 7 -16.58 -5.07 -1.60
C ASN C 7 -15.09 -4.94 -1.86
N GLY C 8 -14.39 -4.20 -1.05
CA GLY C 8 -12.92 -4.03 -1.28
C GLY C 8 -12.22 -5.37 -0.97
N PRO C 9 -11.39 -5.87 -1.85
CA PRO C 9 -10.66 -7.16 -1.62
C PRO C 9 -9.43 -6.97 -0.72
N THR C 10 -8.27 -7.03 -1.30
CA THR C 10 -7.01 -6.87 -0.51
C THR C 10 -7.11 -5.63 0.38
N THR C 11 -6.75 -5.78 1.63
CA THR C 11 -6.80 -4.63 2.59
C THR C 11 -5.46 -4.55 3.32
N CYS C 12 -4.92 -3.37 3.46
CA CYS C 12 -3.61 -3.22 4.15
C CYS C 12 -3.74 -3.58 5.63
N THR C 13 -3.17 -4.68 6.03
CA THR C 13 -3.26 -5.09 7.46
C THR C 13 -2.48 -4.12 8.34
N ASN C 14 -1.72 -3.23 7.76
CA ASN C 14 -0.94 -2.25 8.59
C ASN C 14 -1.68 -0.92 8.71
N CYS C 15 -2.37 -0.48 7.69
CA CYS C 15 -3.07 0.84 7.78
C CYS C 15 -4.47 0.75 7.16
N PHE C 16 -4.94 -0.44 6.88
CA PHE C 16 -6.30 -0.60 6.30
C PHE C 16 -6.45 0.15 4.98
N THR C 17 -5.42 0.78 4.48
CA THR C 17 -5.60 1.53 3.20
C THR C 17 -6.08 0.56 2.12
N GLN C 18 -7.15 0.90 1.45
CA GLN C 18 -7.71 0.02 0.39
C GLN C 18 -7.33 0.56 -0.99
N THR C 19 -6.66 1.69 -1.04
CA THR C 19 -6.25 2.29 -2.35
C THR C 19 -4.72 2.37 -2.39
N THR C 20 -4.12 1.85 -3.43
CA THR C 20 -2.63 1.86 -3.51
C THR C 20 -2.20 1.62 -4.97
N PRO C 21 -1.12 2.21 -5.41
CA PRO C 21 -0.64 2.01 -6.81
C PRO C 21 -0.21 0.55 -7.03
N VAL C 22 0.15 -0.14 -5.97
CA VAL C 22 0.55 -1.57 -6.11
C VAL C 22 0.59 -2.23 -4.72
N TRP C 23 0.27 -3.50 -4.66
CA TRP C 23 0.27 -4.20 -3.34
C TRP C 23 1.67 -4.76 -3.05
N ARG C 24 2.19 -4.49 -1.88
CA ARG C 24 3.55 -4.99 -1.49
C ARG C 24 3.39 -6.23 -0.63
N ARG C 25 4.47 -6.92 -0.33
CA ARG C 25 4.37 -8.14 0.52
C ARG C 25 5.49 -8.16 1.56
N ASN C 26 5.30 -8.91 2.62
CA ASN C 26 6.33 -9.01 3.70
C ASN C 26 6.66 -10.49 3.92
N PRO C 27 7.88 -10.84 4.29
CA PRO C 27 8.25 -12.26 4.55
C PRO C 27 7.20 -13.05 5.36
N GLU C 28 6.15 -12.42 5.81
CA GLU C 28 5.10 -13.15 6.57
C GLU C 28 3.98 -13.55 5.61
N GLY C 29 3.97 -12.95 4.44
CA GLY C 29 2.93 -13.26 3.43
C GLY C 29 1.69 -12.39 3.66
N GLN C 30 1.81 -11.40 4.50
CA GLN C 30 0.65 -10.50 4.76
C GLN C 30 0.64 -9.38 3.69
N PRO C 31 -0.52 -8.96 3.23
CA PRO C 31 -0.61 -7.88 2.21
C PRO C 31 -0.36 -6.49 2.82
N LEU C 32 0.43 -5.70 2.16
CA LEU C 32 0.74 -4.32 2.68
C LEU C 32 0.61 -3.32 1.53
N CYS C 33 0.17 -2.12 1.82
CA CYS C 33 0.06 -1.11 0.74
C CYS C 33 1.45 -0.57 0.40
N ASN C 34 1.55 0.27 -0.58
CA ASN C 34 2.87 0.82 -0.99
C ASN C 34 3.53 1.60 0.17
N ALA C 35 2.81 2.49 0.79
CA ALA C 35 3.42 3.30 1.88
C ALA C 35 3.92 2.41 3.03
N CYS C 36 3.10 1.55 3.59
CA CYS C 36 3.59 0.70 4.71
C CYS C 36 4.77 -0.15 4.25
N GLY C 37 4.69 -0.72 3.08
CA GLY C 37 5.81 -1.57 2.59
C GLY C 37 7.09 -0.74 2.51
N LEU C 38 7.02 0.41 1.88
CA LEU C 38 8.23 1.26 1.77
C LEU C 38 8.63 1.79 3.15
N PHE C 39 7.69 2.31 3.87
CA PHE C 39 8.01 2.86 5.22
C PHE C 39 8.42 1.77 6.20
N LEU C 40 7.66 0.72 6.29
CA LEU C 40 7.99 -0.36 7.28
C LEU C 40 9.36 -0.93 6.98
N LYS C 41 9.65 -1.29 5.74
CA LYS C 41 10.98 -1.86 5.44
C LYS C 41 12.08 -0.83 5.70
N LEU C 42 11.89 0.39 5.28
CA LEU C 42 12.94 1.45 5.49
C LEU C 42 13.07 1.84 6.96
N HIS C 43 11.98 2.03 7.65
CA HIS C 43 12.07 2.46 9.08
C HIS C 43 12.28 1.23 9.97
N GLY C 44 11.57 0.15 9.74
CA GLY C 44 11.77 -1.06 10.57
C GLY C 44 11.24 -0.82 12.00
N VAL C 45 10.55 0.26 12.24
CA VAL C 45 10.04 0.53 13.61
C VAL C 45 8.61 1.09 13.55
N VAL C 46 7.78 0.66 14.46
CA VAL C 46 6.37 1.13 14.48
C VAL C 46 6.31 2.66 14.62
N ARG C 47 5.36 3.27 13.96
CA ARG C 47 5.21 4.76 14.02
C ARG C 47 3.72 5.09 13.81
N PRO C 48 3.14 6.01 14.55
CA PRO C 48 1.70 6.38 14.40
C PRO C 48 1.14 6.18 12.99
N LEU C 49 0.34 5.17 12.81
CA LEU C 49 -0.28 4.93 11.48
C LEU C 49 -1.11 6.16 11.13
N SER C 50 -1.26 7.05 12.06
CA SER C 50 -2.06 8.29 11.80
C SER C 50 -1.45 9.03 10.61
N LEU C 51 -0.30 8.61 10.14
CA LEU C 51 0.32 9.29 8.98
C LEU C 51 -0.51 8.94 7.74
N LYS C 52 -0.96 7.72 7.66
CA LYS C 52 -1.79 7.27 6.50
C LYS C 52 -2.95 8.24 6.27
N THR C 53 -3.44 8.29 5.05
CA THR C 53 -4.59 9.17 4.71
C THR C 53 -5.42 8.49 3.62
N ASP C 54 -6.61 8.95 3.37
CA ASP C 54 -7.45 8.31 2.32
C ASP C 54 -7.20 9.01 0.99
N VAL C 55 -6.35 10.00 0.98
CA VAL C 55 -6.04 10.74 -0.29
C VAL C 55 -4.58 10.44 -0.65
N ILE C 56 -4.33 10.10 -1.90
CA ILE C 56 -2.94 9.78 -2.34
C ILE C 56 -2.38 10.94 -3.14
N LYS C 57 -1.16 11.34 -2.86
CA LYS C 57 -0.56 12.47 -3.62
C LYS C 57 -0.01 11.94 -4.95
N LYS C 58 -0.54 12.42 -6.03
CA LYS C 58 -0.05 11.97 -7.37
C LYS C 58 1.09 12.88 -7.80
N ARG C 59 2.22 12.32 -8.14
CA ARG C 59 3.38 13.15 -8.57
C ARG C 59 3.43 13.16 -10.09
N ASN C 60 4.45 13.77 -10.64
CA ASN C 60 4.56 13.86 -12.11
C ASN C 60 5.01 12.51 -12.67
N ARG C 61 5.34 12.46 -13.93
CA ARG C 61 5.79 11.18 -14.54
C ARG C 61 6.84 11.46 -15.61
N ASN C 62 7.62 10.48 -15.96
CA ASN C 62 8.67 10.70 -16.99
C ASN C 62 9.01 9.38 -17.67
N SER C 63 8.75 9.30 -18.95
CA SER C 63 9.03 8.05 -19.72
C SER C 63 9.83 8.42 -20.98
N ALA C 64 10.64 7.53 -21.46
CA ALA C 64 11.45 7.83 -22.68
C ALA C 64 10.52 8.15 -23.86
N ASN C 65 10.90 9.10 -24.69
CA ASN C 65 10.05 9.46 -25.86
C ASN C 65 9.91 8.22 -26.76
N SER C 66 10.99 7.49 -26.93
CA SER C 66 10.95 6.26 -27.80
C SER C 66 10.91 5.02 -26.89
ZN ZN D . -0.69 0.46 4.47
N MET C 1 -6.48 -23.18 -11.93
CA MET C 1 -7.40 -22.50 -10.98
C MET C 1 -8.00 -21.25 -11.64
N LYS C 2 -9.26 -21.01 -11.44
CA LYS C 2 -9.91 -19.82 -12.04
C LYS C 2 -9.22 -18.54 -11.57
N ASN C 3 -8.87 -18.48 -10.30
CA ASN C 3 -8.19 -17.27 -9.75
C ASN C 3 -9.15 -16.07 -9.83
N GLY C 4 -9.58 -15.70 -11.01
CA GLY C 4 -10.52 -14.56 -11.15
C GLY C 4 -9.96 -13.33 -10.43
N GLU C 5 -8.65 -13.21 -10.36
CA GLU C 5 -8.06 -12.04 -9.68
C GLU C 5 -8.68 -11.84 -8.29
N GLN C 6 -8.26 -10.82 -7.59
CA GLN C 6 -8.79 -10.52 -6.23
C GLN C 6 -9.09 -11.83 -5.47
N ASN C 7 -10.31 -12.26 -5.48
CA ASN C 7 -10.68 -13.53 -4.78
C ASN C 7 -10.14 -13.49 -3.35
N GLY C 8 -10.22 -12.36 -2.71
CA GLY C 8 -9.72 -12.24 -1.31
C GLY C 8 -9.58 -10.74 -1.00
N PRO C 9 -10.54 -10.13 -0.33
CA PRO C 9 -10.50 -8.68 -0.03
C PRO C 9 -9.14 -8.19 0.45
N THR C 10 -8.30 -7.79 -0.46
CA THR C 10 -6.94 -7.32 -0.07
C THR C 10 -7.06 -6.03 0.74
N THR C 11 -6.69 -6.08 2.00
CA THR C 11 -6.77 -4.88 2.88
C THR C 11 -5.45 -4.72 3.64
N CYS C 12 -4.94 -3.53 3.74
CA CYS C 12 -3.66 -3.32 4.47
C CYS C 12 -3.86 -3.65 5.94
N THR C 13 -3.30 -4.74 6.39
CA THR C 13 -3.46 -5.14 7.81
C THR C 13 -2.75 -4.13 8.72
N ASN C 14 -1.98 -3.23 8.16
CA ASN C 14 -1.26 -2.23 9.01
C ASN C 14 -2.02 -0.90 9.05
N CYS C 15 -2.68 -0.52 7.97
CA CYS C 15 -3.41 0.80 7.98
C CYS C 15 -4.78 0.68 7.30
N PHE C 16 -5.21 -0.52 7.02
CA PHE C 16 -6.56 -0.73 6.39
C PHE C 16 -6.68 -0.03 5.03
N THR C 17 -5.65 0.59 4.54
CA THR C 17 -5.79 1.28 3.22
C THR C 17 -6.18 0.24 2.17
N GLN C 18 -7.25 0.48 1.45
CA GLN C 18 -7.69 -0.48 0.39
C GLN C 18 -7.28 0.06 -0.98
N THR C 19 -6.93 1.32 -1.06
CA THR C 19 -6.51 1.92 -2.36
C THR C 19 -4.99 2.07 -2.37
N THR C 20 -4.34 1.62 -3.41
CA THR C 20 -2.86 1.75 -3.46
C THR C 20 -2.37 1.55 -4.90
N PRO C 21 -1.29 2.19 -5.29
CA PRO C 21 -0.74 2.03 -6.67
C PRO C 21 -0.31 0.58 -6.92
N VAL C 22 0.04 -0.13 -5.89
CA VAL C 22 0.46 -1.56 -6.08
C VAL C 22 0.52 -2.27 -4.72
N TRP C 23 0.18 -3.53 -4.69
CA TRP C 23 0.19 -4.27 -3.40
C TRP C 23 1.59 -4.84 -3.13
N ARG C 24 2.07 -4.64 -1.93
CA ARG C 24 3.42 -5.14 -1.54
C ARG C 24 3.23 -6.37 -0.66
N ARG C 25 4.31 -7.06 -0.35
CA ARG C 25 4.21 -8.28 0.51
C ARG C 25 5.32 -8.23 1.55
N ASN C 26 5.15 -8.95 2.62
CA ASN C 26 6.16 -8.97 3.72
C ASN C 26 6.65 -10.41 3.92
N PRO C 27 7.90 -10.64 4.27
CA PRO C 27 8.40 -12.03 4.49
C PRO C 27 7.46 -12.87 5.35
N GLU C 28 6.40 -12.28 5.86
CA GLU C 28 5.41 -13.04 6.69
C GLU C 28 4.24 -13.43 5.80
N GLY C 29 4.12 -12.80 4.67
CA GLY C 29 3.00 -13.09 3.73
C GLY C 29 1.79 -12.22 4.06
N GLN C 30 1.98 -11.23 4.90
CA GLN C 30 0.86 -10.32 5.25
C GLN C 30 0.77 -9.19 4.21
N PRO C 31 -0.29 -9.08 3.43
CA PRO C 31 -0.40 -7.99 2.42
C PRO C 31 -0.28 -6.59 3.06
N LEU C 32 0.35 -5.67 2.36
CA LEU C 32 0.52 -4.28 2.89
C LEU C 32 0.37 -3.29 1.75
N CYS C 33 -0.06 -2.09 2.04
CA CYS C 33 -0.21 -1.06 0.96
C CYS C 33 1.19 -0.53 0.60
N ASN C 34 1.27 0.39 -0.31
CA ASN C 34 2.61 0.93 -0.71
C ASN C 34 3.25 1.75 0.42
N ALA C 35 2.53 2.66 1.01
CA ALA C 35 3.15 3.51 2.08
C ALA C 35 3.67 2.66 3.25
N CYS C 36 2.86 1.81 3.81
CA CYS C 36 3.33 0.99 4.97
C CYS C 36 4.57 0.19 4.58
N GLY C 37 4.57 -0.41 3.43
CA GLY C 37 5.74 -1.24 3.01
C GLY C 37 6.99 -0.37 2.90
N LEU C 38 6.88 0.79 2.33
CA LEU C 38 8.09 1.64 2.16
C LEU C 38 8.62 2.16 3.51
N PHE C 39 7.78 2.71 4.34
CA PHE C 39 8.29 3.24 5.65
C PHE C 39 8.50 2.13 6.67
N LEU C 40 7.54 1.26 6.86
CA LEU C 40 7.69 0.22 7.90
C LEU C 40 8.91 -0.65 7.60
N LYS C 41 9.03 -1.14 6.40
CA LYS C 41 10.19 -2.00 6.05
C LYS C 41 11.51 -1.22 6.24
N LEU C 42 11.56 0.00 5.77
CA LEU C 42 12.81 0.80 5.90
C LEU C 42 13.08 1.18 7.37
N HIS C 43 12.05 1.40 8.16
CA HIS C 43 12.27 1.83 9.57
C HIS C 43 12.23 0.66 10.56
N GLY C 44 11.49 -0.38 10.28
CA GLY C 44 11.46 -1.54 11.23
C GLY C 44 10.66 -1.18 12.49
N VAL C 45 9.98 -0.06 12.51
CA VAL C 45 9.18 0.32 13.71
C VAL C 45 7.86 0.94 13.28
N VAL C 46 6.80 0.63 13.99
CA VAL C 46 5.46 1.18 13.63
C VAL C 46 5.51 2.72 13.63
N ARG C 47 4.75 3.32 12.75
CA ARG C 47 4.71 4.82 12.66
C ARG C 47 3.25 5.27 12.78
N PRO C 48 2.96 6.30 13.56
CA PRO C 48 1.56 6.79 13.73
C PRO C 48 0.75 6.66 12.45
N LEU C 49 -0.12 5.68 12.39
CA LEU C 49 -0.96 5.48 11.18
C LEU C 49 -1.77 6.75 10.93
N SER C 50 -1.78 7.65 11.88
CA SER C 50 -2.56 8.91 11.71
C SER C 50 -2.04 9.67 10.50
N LEU C 51 -0.92 9.27 9.95
CA LEU C 51 -0.39 9.97 8.75
C LEU C 51 -1.17 9.50 7.53
N LYS C 52 -1.48 8.24 7.47
CA LYS C 52 -2.24 7.69 6.32
C LYS C 52 -3.44 8.58 6.01
N THR C 53 -3.92 8.51 4.80
CA THR C 53 -5.12 9.31 4.40
C THR C 53 -5.89 8.53 3.34
N ASP C 54 -7.08 8.95 3.02
CA ASP C 54 -7.89 8.21 2.01
C ASP C 54 -7.71 8.85 0.63
N VAL C 55 -6.79 9.77 0.50
CA VAL C 55 -6.55 10.44 -0.81
C VAL C 55 -5.05 10.37 -1.12
N ILE C 56 -4.69 10.18 -2.37
CA ILE C 56 -3.25 10.09 -2.75
C ILE C 56 -2.90 11.27 -3.64
N LYS C 57 -1.79 11.92 -3.40
CA LYS C 57 -1.42 13.08 -4.26
C LYS C 57 -0.83 12.57 -5.57
N LYS C 58 -1.32 13.05 -6.69
CA LYS C 58 -0.78 12.58 -8.00
C LYS C 58 0.49 13.38 -8.34
N ARG C 59 1.58 12.69 -8.56
CA ARG C 59 2.87 13.38 -8.87
C ARG C 59 3.13 13.29 -10.38
N ASN C 60 4.23 13.82 -10.84
CA ASN C 60 4.50 13.82 -12.31
C ASN C 60 4.95 12.43 -12.79
N ARG C 61 5.29 12.34 -14.06
CA ARG C 61 5.73 11.05 -14.64
C ARG C 61 6.78 11.29 -15.73
N ASN C 62 7.57 10.29 -16.02
CA ASN C 62 8.64 10.44 -17.05
C ASN C 62 8.04 10.26 -18.46
N SER C 63 8.12 11.27 -19.28
CA SER C 63 7.56 11.15 -20.65
C SER C 63 8.47 10.26 -21.50
N ALA C 64 7.91 9.26 -22.13
CA ALA C 64 8.75 8.36 -22.96
C ALA C 64 7.85 7.52 -23.89
N ASN C 65 6.79 6.97 -23.35
CA ASN C 65 5.88 6.14 -24.19
C ASN C 65 4.56 5.93 -23.45
N SER C 66 3.89 4.83 -23.70
CA SER C 66 2.60 4.58 -23.00
C SER C 66 1.68 5.78 -23.17
ZN ZN D . -0.92 0.50 4.72
N MET C 1 -1.73 -12.85 -8.00
CA MET C 1 -2.05 -13.86 -6.96
C MET C 1 -3.25 -14.70 -7.41
N LYS C 2 -4.37 -14.55 -6.76
CA LYS C 2 -5.58 -15.33 -7.16
C LYS C 2 -6.35 -14.57 -8.24
N ASN C 3 -6.64 -15.22 -9.33
CA ASN C 3 -7.40 -14.55 -10.43
C ASN C 3 -6.83 -13.14 -10.68
N GLY C 4 -7.51 -12.34 -11.46
CA GLY C 4 -7.02 -10.95 -11.74
C GLY C 4 -8.20 -9.97 -11.75
N GLU C 5 -8.82 -9.78 -12.88
CA GLU C 5 -9.97 -8.81 -13.02
C GLU C 5 -10.65 -8.56 -11.66
N GLN C 6 -10.31 -7.48 -11.02
CA GLN C 6 -10.90 -7.16 -9.69
C GLN C 6 -10.76 -8.39 -8.78
N ASN C 7 -11.77 -8.74 -8.04
CA ASN C 7 -11.65 -9.92 -7.14
C ASN C 7 -10.37 -9.81 -6.32
N GLY C 8 -10.09 -8.65 -5.79
CA GLY C 8 -8.85 -8.45 -4.98
C GLY C 8 -9.21 -7.78 -3.64
N PRO C 9 -9.77 -8.51 -2.72
CA PRO C 9 -10.18 -7.95 -1.39
C PRO C 9 -8.96 -7.60 -0.54
N THR C 10 -7.83 -7.59 -1.15
CA THR C 10 -6.56 -7.28 -0.43
C THR C 10 -6.72 -5.97 0.35
N THR C 11 -6.41 -6.00 1.62
CA THR C 11 -6.54 -4.78 2.49
C THR C 11 -5.23 -4.58 3.27
N CYS C 12 -4.78 -3.36 3.40
CA CYS C 12 -3.50 -3.13 4.13
C CYS C 12 -3.70 -3.38 5.63
N THR C 13 -3.12 -4.44 6.12
CA THR C 13 -3.26 -4.79 7.55
C THR C 13 -2.57 -3.74 8.44
N ASN C 14 -1.79 -2.87 7.87
CA ASN C 14 -1.09 -1.83 8.71
C ASN C 14 -1.84 -0.49 8.66
N CYS C 15 -2.49 -0.16 7.56
CA CYS C 15 -3.21 1.16 7.50
C CYS C 15 -4.58 0.99 6.82
N PHE C 16 -5.04 -0.22 6.67
CA PHE C 16 -6.39 -0.47 6.06
C PHE C 16 -6.47 0.09 4.64
N THR C 17 -5.43 0.70 4.12
CA THR C 17 -5.52 1.26 2.75
C THR C 17 -5.99 0.19 1.77
N GLN C 18 -7.05 0.45 1.05
CA GLN C 18 -7.58 -0.53 0.06
C GLN C 18 -7.20 -0.06 -1.35
N THR C 19 -6.73 1.16 -1.46
CA THR C 19 -6.32 1.72 -2.79
C THR C 19 -4.81 1.97 -2.76
N THR C 20 -4.09 1.50 -3.74
CA THR C 20 -2.61 1.72 -3.73
C THR C 20 -2.03 1.44 -5.13
N PRO C 21 -0.97 2.11 -5.51
CA PRO C 21 -0.35 1.89 -6.84
C PRO C 21 0.02 0.42 -7.05
N VAL C 22 0.39 -0.26 -6.01
CA VAL C 22 0.74 -1.70 -6.15
C VAL C 22 0.81 -2.33 -4.76
N TRP C 23 0.59 -3.62 -4.69
CA TRP C 23 0.61 -4.32 -3.37
C TRP C 23 2.01 -4.85 -3.09
N ARG C 24 2.50 -4.59 -1.91
CA ARG C 24 3.87 -5.07 -1.53
C ARG C 24 3.73 -6.30 -0.62
N ARG C 25 4.83 -6.93 -0.30
CA ARG C 25 4.77 -8.13 0.60
C ARG C 25 5.92 -8.07 1.60
N ASN C 26 5.82 -8.80 2.68
CA ASN C 26 6.88 -8.78 3.73
C ASN C 26 7.28 -10.23 4.05
N PRO C 27 8.53 -10.50 4.39
CA PRO C 27 8.98 -11.89 4.74
C PRO C 27 8.02 -12.63 5.66
N GLU C 28 6.96 -12.00 6.11
CA GLU C 28 5.99 -12.69 7.02
C GLU C 28 4.83 -13.23 6.17
N GLY C 29 4.67 -12.70 4.98
CA GLY C 29 3.58 -13.15 4.08
C GLY C 29 2.33 -12.29 4.28
N GLN C 30 2.43 -11.21 5.02
CA GLN C 30 1.23 -10.34 5.22
C GLN C 30 1.15 -9.30 4.09
N PRO C 31 -0.04 -8.93 3.66
CA PRO C 31 -0.21 -7.93 2.56
C PRO C 31 -0.09 -6.47 3.06
N LEU C 32 0.70 -5.68 2.37
CA LEU C 32 0.87 -4.24 2.79
C LEU C 32 0.77 -3.32 1.57
N CYS C 33 0.33 -2.11 1.78
CA CYS C 33 0.24 -1.14 0.65
C CYS C 33 1.64 -0.61 0.34
N ASN C 34 1.75 0.23 -0.66
CA ASN C 34 3.09 0.78 -1.03
C ASN C 34 3.69 1.60 0.11
N ALA C 35 2.93 2.48 0.71
CA ALA C 35 3.48 3.34 1.79
C ALA C 35 3.97 2.51 2.99
N CYS C 36 3.14 1.66 3.53
CA CYS C 36 3.58 0.85 4.73
C CYS C 36 4.79 0.00 4.37
N GLY C 37 4.80 -0.59 3.21
CA GLY C 37 5.96 -1.45 2.83
C GLY C 37 7.21 -0.58 2.69
N LEU C 38 7.09 0.51 1.99
CA LEU C 38 8.27 1.40 1.81
C LEU C 38 8.66 2.04 3.14
N PHE C 39 7.71 2.59 3.86
CA PHE C 39 8.03 3.25 5.15
C PHE C 39 8.38 2.25 6.25
N LEU C 40 7.57 1.25 6.46
CA LEU C 40 7.84 0.28 7.57
C LEU C 40 9.20 -0.40 7.37
N LYS C 41 9.46 -0.94 6.20
CA LYS C 41 10.76 -1.63 5.98
C LYS C 41 11.92 -0.62 6.11
N LEU C 42 11.79 0.55 5.55
CA LEU C 42 12.90 1.54 5.64
C LEU C 42 13.05 2.07 7.06
N HIS C 43 11.95 2.31 7.74
CA HIS C 43 12.06 2.87 9.12
C HIS C 43 12.28 1.76 10.15
N GLY C 44 11.60 0.65 10.04
CA GLY C 44 11.83 -0.44 11.03
C GLY C 44 11.18 -0.08 12.38
N VAL C 45 10.37 0.94 12.42
CA VAL C 45 9.71 1.35 13.69
C VAL C 45 8.24 1.71 13.40
N VAL C 46 7.46 1.89 14.43
CA VAL C 46 6.02 2.22 14.23
C VAL C 46 5.87 3.44 13.32
N ARG C 47 4.80 3.47 12.56
CA ARG C 47 4.55 4.61 11.63
C ARG C 47 3.25 5.32 12.03
N PRO C 48 3.27 6.58 12.39
CA PRO C 48 2.02 7.30 12.75
C PRO C 48 0.92 7.00 11.73
N LEU C 49 0.20 5.94 11.93
CA LEU C 49 -0.86 5.58 10.95
C LEU C 49 -1.84 6.75 10.83
N SER C 50 -1.75 7.69 11.73
CA SER C 50 -2.66 8.87 11.67
C SER C 50 -2.44 9.61 10.34
N LEU C 51 -1.41 9.23 9.62
CA LEU C 51 -1.13 9.87 8.31
C LEU C 51 -2.09 9.31 7.27
N LYS C 52 -2.50 8.08 7.45
CA LYS C 52 -3.42 7.42 6.47
C LYS C 52 -4.50 8.40 5.99
N THR C 53 -4.82 8.32 4.72
CA THR C 53 -5.87 9.18 4.12
C THR C 53 -6.55 8.39 2.99
N ASP C 54 -7.67 8.85 2.52
CA ASP C 54 -8.39 8.11 1.43
C ASP C 54 -8.06 8.70 0.07
N VAL C 55 -7.15 9.65 0.01
CA VAL C 55 -6.76 10.28 -1.29
C VAL C 55 -5.26 10.13 -1.45
N ILE C 56 -4.81 9.79 -2.62
CA ILE C 56 -3.34 9.63 -2.87
C ILE C 56 -2.84 10.83 -3.68
N LYS C 57 -1.61 11.22 -3.50
CA LYS C 57 -1.10 12.38 -4.29
C LYS C 57 -0.71 11.88 -5.68
N LYS C 58 -1.41 12.30 -6.70
CA LYS C 58 -1.07 11.85 -8.08
C LYS C 58 0.09 12.70 -8.60
N ARG C 59 1.20 12.08 -8.93
CA ARG C 59 2.36 12.86 -9.44
C ARG C 59 2.42 12.74 -10.95
N ASN C 60 3.39 13.37 -11.57
CA ASN C 60 3.49 13.31 -13.05
C ASN C 60 4.10 11.97 -13.46
N ARG C 61 4.57 11.88 -14.67
CA ARG C 61 5.19 10.62 -15.16
C ARG C 61 6.28 10.96 -16.19
N ASN C 62 7.47 10.47 -15.99
CA ASN C 62 8.57 10.77 -16.96
C ASN C 62 8.67 9.65 -18.01
N SER C 63 8.60 9.99 -19.27
CA SER C 63 8.68 8.94 -20.34
C SER C 63 9.42 9.50 -21.57
N ALA C 64 10.01 8.63 -22.35
CA ALA C 64 10.75 9.08 -23.57
C ALA C 64 10.01 8.62 -24.83
N ASN C 65 8.92 7.92 -24.68
CA ASN C 65 8.17 7.46 -25.88
C ASN C 65 7.66 8.68 -26.65
N SER C 66 7.21 9.68 -25.94
CA SER C 66 6.71 10.91 -26.61
C SER C 66 5.69 10.52 -27.69
ZN ZN D . -0.65 0.57 4.32
N MET C 1 -24.25 -17.91 1.06
CA MET C 1 -23.61 -17.57 -0.24
C MET C 1 -22.11 -17.37 -0.03
N LYS C 2 -21.31 -17.72 -1.01
CA LYS C 2 -19.84 -17.55 -0.86
C LYS C 2 -19.50 -16.07 -0.67
N ASN C 3 -20.16 -15.21 -1.40
CA ASN C 3 -19.88 -13.75 -1.27
C ASN C 3 -20.77 -13.16 -0.18
N GLY C 4 -20.91 -13.86 0.91
CA GLY C 4 -21.77 -13.35 2.02
C GLY C 4 -21.30 -11.95 2.42
N GLU C 5 -22.22 -11.04 2.58
CA GLU C 5 -21.85 -9.64 2.97
C GLU C 5 -20.75 -9.12 2.03
N GLN C 6 -20.05 -8.09 2.43
CA GLN C 6 -19.00 -7.52 1.56
C GLN C 6 -17.91 -8.57 1.29
N ASN C 7 -17.34 -8.55 0.11
CA ASN C 7 -16.29 -9.55 -0.25
C ASN C 7 -15.09 -9.43 0.70
N GLY C 8 -14.70 -8.25 1.06
CA GLY C 8 -13.52 -8.10 1.97
C GLY C 8 -12.26 -8.55 1.23
N PRO C 9 -11.85 -7.81 0.23
CA PRO C 9 -10.64 -8.15 -0.59
C PRO C 9 -9.33 -7.78 0.11
N THR C 10 -8.27 -7.66 -0.65
CA THR C 10 -6.95 -7.34 -0.05
C THR C 10 -7.05 -6.07 0.80
N THR C 11 -6.65 -6.17 2.04
CA THR C 11 -6.70 -4.99 2.97
C THR C 11 -5.32 -4.84 3.65
N CYS C 12 -4.84 -3.63 3.79
CA CYS C 12 -3.52 -3.44 4.44
C CYS C 12 -3.63 -3.77 5.94
N THR C 13 -3.05 -4.85 6.35
CA THR C 13 -3.12 -5.24 7.78
C THR C 13 -2.37 -4.22 8.65
N ASN C 14 -1.63 -3.32 8.05
CA ASN C 14 -0.86 -2.33 8.86
C ASN C 14 -1.58 -0.97 8.88
N CYS C 15 -2.26 -0.58 7.82
CA CYS C 15 -2.93 0.76 7.83
C CYS C 15 -4.34 0.67 7.22
N PHE C 16 -4.87 -0.52 7.07
CA PHE C 16 -6.24 -0.67 6.51
C PHE C 16 -6.39 -0.02 5.13
N THR C 17 -5.37 0.57 4.57
CA THR C 17 -5.54 1.22 3.24
C THR C 17 -6.08 0.22 2.22
N GLN C 18 -7.11 0.61 1.51
CA GLN C 18 -7.70 -0.28 0.46
C GLN C 18 -7.34 0.25 -0.92
N THR C 19 -6.86 1.47 -1.00
CA THR C 19 -6.47 2.06 -2.32
C THR C 19 -4.95 2.19 -2.40
N THR C 20 -4.34 1.68 -3.44
CA THR C 20 -2.86 1.77 -3.55
C THR C 20 -2.42 1.44 -4.99
N PRO C 21 -1.36 2.04 -5.48
CA PRO C 21 -0.86 1.77 -6.86
C PRO C 21 -0.30 0.35 -7.00
N VAL C 22 0.09 -0.26 -5.91
CA VAL C 22 0.64 -1.64 -5.98
C VAL C 22 0.63 -2.28 -4.59
N TRP C 23 0.30 -3.55 -4.53
CA TRP C 23 0.27 -4.25 -3.21
C TRP C 23 1.66 -4.81 -2.91
N ARG C 24 2.15 -4.55 -1.72
CA ARG C 24 3.49 -5.05 -1.33
C ARG C 24 3.32 -6.32 -0.51
N ARG C 25 4.36 -7.09 -0.37
CA ARG C 25 4.27 -8.36 0.43
C ARG C 25 5.47 -8.47 1.35
N ASN C 26 5.39 -9.31 2.33
CA ASN C 26 6.51 -9.48 3.31
C ASN C 26 6.82 -10.98 3.44
N PRO C 27 8.05 -11.38 3.65
CA PRO C 27 8.42 -12.82 3.82
C PRO C 27 7.49 -13.56 4.80
N GLU C 28 6.51 -12.87 5.36
CA GLU C 28 5.55 -13.55 6.29
C GLU C 28 4.31 -13.93 5.49
N GLY C 29 4.14 -13.33 4.35
CA GLY C 29 2.97 -13.63 3.49
C GLY C 29 1.80 -12.70 3.81
N GLN C 30 2.01 -11.73 4.65
CA GLN C 30 0.89 -10.78 4.98
C GLN C 30 0.83 -9.69 3.90
N PRO C 31 -0.34 -9.24 3.50
CA PRO C 31 -0.46 -8.17 2.46
C PRO C 31 -0.21 -6.77 3.03
N LEU C 32 0.45 -5.93 2.28
CA LEU C 32 0.72 -4.53 2.74
C LEU C 32 0.48 -3.57 1.58
N CYS C 33 0.04 -2.37 1.85
CA CYS C 33 -0.18 -1.40 0.74
C CYS C 33 1.17 -0.91 0.24
N ASN C 34 1.20 0.05 -0.65
CA ASN C 34 2.51 0.54 -1.16
C ASN C 34 3.25 1.37 -0.10
N ALA C 35 2.59 2.28 0.54
CA ALA C 35 3.28 3.14 1.55
C ALA C 35 3.86 2.30 2.71
N CYS C 36 3.09 1.45 3.32
CA CYS C 36 3.64 0.66 4.47
C CYS C 36 4.85 -0.15 4.01
N GLY C 37 4.79 -0.73 2.84
CA GLY C 37 5.95 -1.53 2.36
C GLY C 37 7.18 -0.63 2.27
N LEU C 38 7.04 0.52 1.67
CA LEU C 38 8.19 1.45 1.54
C LEU C 38 8.56 2.02 2.91
N PHE C 39 7.62 2.60 3.61
CA PHE C 39 7.92 3.21 4.94
C PHE C 39 8.32 2.14 5.97
N LEU C 40 7.53 1.10 6.11
CA LEU C 40 7.84 0.07 7.14
C LEU C 40 9.21 -0.55 6.87
N LYS C 41 9.44 -0.98 5.65
CA LYS C 41 10.74 -1.63 5.33
C LYS C 41 11.90 -0.64 5.59
N LEU C 42 11.79 0.56 5.10
CA LEU C 42 12.89 1.55 5.30
C LEU C 42 12.99 2.03 6.76
N HIS C 43 11.88 2.30 7.39
CA HIS C 43 11.96 2.81 8.79
C HIS C 43 12.15 1.66 9.78
N GLY C 44 11.43 0.59 9.64
CA GLY C 44 11.60 -0.54 10.59
C GLY C 44 11.09 -0.18 11.98
N VAL C 45 10.47 0.97 12.13
CA VAL C 45 9.96 1.37 13.49
C VAL C 45 8.57 1.99 13.37
N VAL C 46 7.71 1.66 14.30
CA VAL C 46 6.32 2.20 14.27
C VAL C 46 6.33 3.73 14.36
N ARG C 47 5.41 4.36 13.67
CA ARG C 47 5.30 5.84 13.70
C ARG C 47 3.82 6.19 13.45
N PRO C 48 3.23 7.12 14.17
CA PRO C 48 1.80 7.50 14.01
C PRO C 48 1.21 7.18 12.64
N LEU C 49 0.51 6.08 12.53
CA LEU C 49 -0.12 5.75 11.22
C LEU C 49 -1.08 6.89 10.89
N SER C 50 -1.34 7.73 11.86
CA SER C 50 -2.27 8.88 11.64
C SER C 50 -1.74 9.74 10.48
N LEU C 51 -0.58 9.43 9.98
CA LEU C 51 -0.06 10.21 8.82
C LEU C 51 -0.86 9.80 7.60
N LYS C 52 -1.21 8.55 7.53
CA LYS C 52 -1.99 8.03 6.37
C LYS C 52 -3.15 8.97 6.03
N THR C 53 -3.65 8.81 4.84
CA THR C 53 -4.81 9.62 4.37
C THR C 53 -5.61 8.78 3.39
N ASP C 54 -6.79 9.21 3.03
CA ASP C 54 -7.61 8.40 2.06
C ASP C 54 -7.43 9.01 0.67
N VAL C 55 -6.52 9.94 0.54
CA VAL C 55 -6.27 10.60 -0.77
C VAL C 55 -4.81 10.38 -1.17
N ILE C 56 -4.55 10.09 -2.41
CA ILE C 56 -3.15 9.86 -2.88
C ILE C 56 -2.78 10.91 -3.92
N LYS C 57 -1.63 11.52 -3.77
CA LYS C 57 -1.21 12.58 -4.73
C LYS C 57 -0.61 11.94 -5.99
N LYS C 58 -1.06 12.37 -7.14
CA LYS C 58 -0.54 11.82 -8.42
C LYS C 58 0.72 12.58 -8.85
N ARG C 59 1.78 11.87 -9.12
CA ARG C 59 3.05 12.56 -9.54
C ARG C 59 3.19 12.45 -11.06
N ASN C 60 4.24 12.99 -11.60
CA ASN C 60 4.42 12.97 -13.08
C ASN C 60 4.80 11.56 -13.57
N ARG C 61 5.10 11.45 -14.83
CA ARG C 61 5.49 10.14 -15.41
C ARG C 61 6.49 10.34 -16.54
N ASN C 62 7.18 9.32 -16.94
CA ASN C 62 8.19 9.45 -18.03
C ASN C 62 7.48 9.40 -19.39
N SER C 63 7.93 10.19 -20.33
CA SER C 63 7.29 10.19 -21.67
C SER C 63 7.46 8.82 -22.33
N ALA C 64 7.89 8.77 -23.56
CA ALA C 64 8.05 7.45 -24.25
C ALA C 64 6.67 6.83 -24.49
N ASN C 65 5.93 6.59 -23.44
CA ASN C 65 4.58 5.99 -23.61
C ASN C 65 3.68 6.96 -24.40
N SER C 66 3.80 8.22 -24.12
CA SER C 66 2.95 9.22 -24.84
C SER C 66 1.48 8.80 -24.79
ZN ZN D . -0.61 0.26 4.49
N MET C 1 -11.60 0.41 -18.81
CA MET C 1 -12.94 -0.16 -19.10
C MET C 1 -13.54 -0.70 -17.80
N LYS C 2 -13.25 -0.09 -16.69
CA LYS C 2 -13.81 -0.57 -15.40
C LYS C 2 -13.51 -2.06 -15.27
N ASN C 3 -12.30 -2.44 -15.57
CA ASN C 3 -11.91 -3.88 -15.49
C ASN C 3 -11.93 -4.35 -14.03
N GLY C 4 -11.49 -5.55 -13.78
CA GLY C 4 -11.50 -6.07 -12.39
C GLY C 4 -12.95 -6.39 -11.99
N GLU C 5 -13.28 -7.65 -11.91
CA GLU C 5 -14.67 -8.04 -11.54
C GLU C 5 -14.78 -8.14 -10.01
N GLN C 6 -13.86 -7.53 -9.31
CA GLN C 6 -13.92 -7.56 -7.81
C GLN C 6 -14.02 -9.00 -7.30
N ASN C 7 -13.08 -9.84 -7.65
CA ASN C 7 -13.14 -11.25 -7.16
C ASN C 7 -13.05 -11.23 -5.63
N GLY C 8 -12.21 -10.38 -5.10
CA GLY C 8 -12.06 -10.29 -3.61
C GLY C 8 -11.37 -8.97 -3.26
N PRO C 9 -11.81 -8.27 -2.23
CA PRO C 9 -11.17 -6.98 -1.83
C PRO C 9 -9.90 -7.18 -1.00
N THR C 10 -8.82 -6.54 -1.36
CA THR C 10 -7.57 -6.67 -0.55
C THR C 10 -7.64 -5.69 0.63
N THR C 11 -7.05 -6.01 1.75
CA THR C 11 -7.08 -5.07 2.92
C THR C 11 -5.70 -5.04 3.60
N CYS C 12 -5.08 -3.88 3.64
CA CYS C 12 -3.73 -3.76 4.28
C CYS C 12 -3.83 -4.11 5.77
N THR C 13 -3.19 -5.17 6.17
CA THR C 13 -3.25 -5.59 7.61
C THR C 13 -2.57 -4.55 8.51
N ASN C 14 -1.81 -3.64 7.96
CA ASN C 14 -1.13 -2.62 8.81
C ASN C 14 -1.94 -1.32 8.81
N CYS C 15 -2.62 -1.01 7.74
CA CYS C 15 -3.41 0.28 7.71
C CYS C 15 -4.73 0.10 6.94
N PHE C 16 -5.17 -1.12 6.75
CA PHE C 16 -6.46 -1.40 6.05
C PHE C 16 -6.63 -0.58 4.76
N THR C 17 -5.64 0.13 4.32
CA THR C 17 -5.80 0.95 3.07
C THR C 17 -6.30 0.04 1.93
N GLN C 18 -7.33 0.46 1.23
CA GLN C 18 -7.88 -0.36 0.10
C GLN C 18 -7.40 0.21 -1.24
N THR C 19 -6.76 1.35 -1.23
CA THR C 19 -6.27 1.96 -2.50
C THR C 19 -4.75 2.12 -2.45
N THR C 20 -4.04 1.61 -3.43
CA THR C 20 -2.55 1.75 -3.41
C THR C 20 -1.97 1.50 -4.81
N PRO C 21 -0.94 2.22 -5.20
CA PRO C 21 -0.29 2.02 -6.53
C PRO C 21 -0.10 0.54 -6.87
N VAL C 22 0.36 -0.23 -5.92
CA VAL C 22 0.55 -1.69 -6.15
C VAL C 22 0.73 -2.38 -4.80
N TRP C 23 0.33 -3.62 -4.71
CA TRP C 23 0.40 -4.35 -3.41
C TRP C 23 1.80 -4.90 -3.16
N ARG C 24 2.27 -4.70 -1.96
CA ARG C 24 3.62 -5.21 -1.55
C ARG C 24 3.45 -6.46 -0.72
N ARG C 25 4.52 -7.19 -0.49
CA ARG C 25 4.45 -8.43 0.33
C ARG C 25 5.64 -8.41 1.29
N ASN C 26 5.60 -9.19 2.33
CA ASN C 26 6.72 -9.21 3.33
C ASN C 26 7.17 -10.67 3.55
N PRO C 27 8.44 -10.90 3.82
CA PRO C 27 8.96 -12.28 4.07
C PRO C 27 8.07 -13.13 4.99
N GLU C 28 7.01 -12.56 5.52
CA GLU C 28 6.10 -13.32 6.42
C GLU C 28 4.88 -13.79 5.62
N GLY C 29 4.65 -13.18 4.48
CA GLY C 29 3.50 -13.56 3.61
C GLY C 29 2.27 -12.71 3.94
N GLN C 30 2.41 -11.71 4.77
CA GLN C 30 1.24 -10.85 5.09
C GLN C 30 1.09 -9.78 3.99
N PRO C 31 -0.12 -9.44 3.58
CA PRO C 31 -0.33 -8.41 2.53
C PRO C 31 -0.17 -6.99 3.10
N LEU C 32 0.54 -6.15 2.40
CA LEU C 32 0.75 -4.75 2.88
C LEU C 32 0.63 -3.78 1.70
N CYS C 33 0.15 -2.59 1.93
CA CYS C 33 0.02 -1.61 0.83
C CYS C 33 1.39 -1.03 0.48
N ASN C 34 1.45 -0.07 -0.40
CA ASN C 34 2.76 0.53 -0.79
C ASN C 34 3.37 1.35 0.35
N ALA C 35 2.61 2.23 0.96
CA ALA C 35 3.20 3.08 2.04
C ALA C 35 3.73 2.21 3.19
N CYS C 36 2.96 1.29 3.68
CA CYS C 36 3.46 0.45 4.82
C CYS C 36 4.71 -0.32 4.41
N GLY C 37 4.68 -0.96 3.26
CA GLY C 37 5.87 -1.73 2.82
C GLY C 37 7.08 -0.80 2.69
N LEU C 38 6.93 0.30 2.01
CA LEU C 38 8.07 1.24 1.85
C LEU C 38 8.42 1.89 3.19
N PHE C 39 7.46 2.50 3.84
CA PHE C 39 7.74 3.19 5.13
C PHE C 39 8.17 2.18 6.20
N LEU C 40 7.42 1.12 6.39
CA LEU C 40 7.77 0.14 7.46
C LEU C 40 9.18 -0.44 7.22
N LYS C 41 9.46 -0.90 6.04
CA LYS C 41 10.80 -1.49 5.76
C LYS C 41 11.89 -0.42 5.93
N LEU C 42 11.67 0.76 5.41
CA LEU C 42 12.71 1.82 5.52
C LEU C 42 12.83 2.32 6.96
N HIS C 43 11.74 2.54 7.64
CA HIS C 43 11.84 3.07 9.05
C HIS C 43 12.10 1.95 10.04
N GLY C 44 11.44 0.82 9.90
CA GLY C 44 11.69 -0.30 10.85
C GLY C 44 11.09 -0.02 12.23
N VAL C 45 10.31 1.01 12.38
CA VAL C 45 9.71 1.32 13.73
C VAL C 45 8.27 1.78 13.60
N VAL C 46 7.43 1.33 14.50
CA VAL C 46 6.00 1.71 14.47
C VAL C 46 5.85 3.24 14.54
N ARG C 47 4.89 3.78 13.85
CA ARG C 47 4.65 5.25 13.86
C ARG C 47 3.16 5.50 13.59
N PRO C 48 2.51 6.39 14.32
CA PRO C 48 1.06 6.68 14.13
C PRO C 48 0.58 6.49 12.69
N LEU C 49 -0.22 5.49 12.47
CA LEU C 49 -0.78 5.25 11.12
C LEU C 49 -1.65 6.44 10.74
N SER C 50 -1.88 7.31 11.69
CA SER C 50 -2.73 8.51 11.42
C SER C 50 -2.14 9.30 10.25
N LEU C 51 -0.97 8.95 9.81
CA LEU C 51 -0.36 9.68 8.67
C LEU C 51 -1.08 9.28 7.38
N LYS C 52 -1.39 8.03 7.23
CA LYS C 52 -2.08 7.53 6.00
C LYS C 52 -3.36 8.34 5.76
N THR C 53 -3.93 8.26 4.59
CA THR C 53 -5.19 9.00 4.29
C THR C 53 -5.99 8.21 3.24
N ASP C 54 -7.22 8.59 2.99
CA ASP C 54 -8.04 7.86 1.97
C ASP C 54 -7.88 8.55 0.63
N VAL C 55 -7.10 9.61 0.61
CA VAL C 55 -6.85 10.37 -0.66
C VAL C 55 -5.35 10.31 -0.96
N ILE C 56 -4.98 10.12 -2.20
CA ILE C 56 -3.52 10.06 -2.55
C ILE C 56 -3.21 11.10 -3.63
N LYS C 57 -2.13 11.81 -3.50
CA LYS C 57 -1.78 12.84 -4.51
C LYS C 57 -1.02 12.18 -5.67
N LYS C 58 -1.36 12.54 -6.88
CA LYS C 58 -0.65 11.95 -8.07
C LYS C 58 0.56 12.82 -8.40
N ARG C 59 1.70 12.22 -8.61
CA ARG C 59 2.91 13.02 -8.95
C ARG C 59 3.09 13.04 -10.47
N ASN C 60 4.12 13.69 -10.94
CA ASN C 60 4.34 13.77 -12.41
C ASN C 60 4.90 12.44 -12.93
N ARG C 61 5.32 12.40 -14.16
CA ARG C 61 5.86 11.14 -14.74
C ARG C 61 7.04 11.49 -15.66
N ASN C 62 7.66 10.51 -16.27
CA ASN C 62 8.82 10.80 -17.16
C ASN C 62 8.34 11.29 -18.54
N SER C 63 9.23 11.86 -19.32
CA SER C 63 8.85 12.38 -20.67
C SER C 63 9.79 11.78 -21.73
N ALA C 64 9.38 11.80 -22.97
CA ALA C 64 10.24 11.24 -24.06
C ALA C 64 11.53 12.06 -24.20
N ASN C 65 12.59 11.43 -24.59
CA ASN C 65 13.89 12.14 -24.76
C ASN C 65 14.17 13.04 -23.56
N SER C 66 14.20 14.34 -23.77
CA SER C 66 14.49 15.29 -22.66
C SER C 66 15.83 14.92 -22.01
ZN ZN D . -0.82 -0.05 4.56
N MET C 1 -17.86 -3.22 -10.03
CA MET C 1 -19.07 -3.25 -9.16
C MET C 1 -19.74 -4.63 -9.25
N LYS C 2 -18.96 -5.68 -9.25
CA LYS C 2 -19.56 -7.05 -9.34
C LYS C 2 -19.72 -7.64 -7.94
N ASN C 3 -18.99 -8.67 -7.63
CA ASN C 3 -19.11 -9.27 -6.26
C ASN C 3 -18.26 -8.47 -5.29
N GLY C 4 -16.97 -8.50 -5.46
CA GLY C 4 -16.06 -7.74 -4.54
C GLY C 4 -15.61 -6.46 -5.25
N GLU C 5 -14.36 -6.42 -5.64
CA GLU C 5 -13.82 -5.21 -6.34
C GLU C 5 -12.70 -5.67 -7.28
N GLN C 6 -11.49 -5.64 -6.82
CA GLN C 6 -10.36 -6.10 -7.67
C GLN C 6 -10.43 -7.63 -7.81
N ASN C 7 -10.65 -8.33 -6.72
CA ASN C 7 -10.73 -9.81 -6.77
C ASN C 7 -11.17 -10.35 -5.41
N GLY C 8 -10.28 -10.31 -4.45
CA GLY C 8 -10.59 -10.82 -3.08
C GLY C 8 -10.61 -9.64 -2.10
N PRO C 9 -10.97 -9.90 -0.87
CA PRO C 9 -11.04 -8.85 0.20
C PRO C 9 -9.63 -8.39 0.62
N THR C 10 -8.81 -8.11 -0.34
CA THR C 10 -7.42 -7.66 -0.02
C THR C 10 -7.49 -6.41 0.86
N THR C 11 -6.93 -6.49 2.04
CA THR C 11 -6.95 -5.31 2.97
C THR C 11 -5.59 -5.18 3.67
N CYS C 12 -5.04 -3.99 3.70
CA CYS C 12 -3.72 -3.80 4.36
C CYS C 12 -3.83 -4.16 5.84
N THR C 13 -3.22 -5.24 6.24
CA THR C 13 -3.29 -5.67 7.66
C THR C 13 -2.63 -4.64 8.57
N ASN C 14 -1.93 -3.68 8.02
CA ASN C 14 -1.25 -2.65 8.88
C ASN C 14 -2.04 -1.35 8.89
N CYS C 15 -2.69 -0.98 7.81
CA CYS C 15 -3.46 0.31 7.81
C CYS C 15 -4.76 0.13 7.03
N PHE C 16 -5.19 -1.08 6.82
CA PHE C 16 -6.46 -1.35 6.09
C PHE C 16 -6.61 -0.51 4.82
N THR C 17 -5.60 0.19 4.40
CA THR C 17 -5.76 1.02 3.17
C THR C 17 -6.32 0.17 2.03
N GLN C 18 -7.34 0.67 1.39
CA GLN C 18 -7.97 -0.07 0.25
C GLN C 18 -7.52 0.58 -1.07
N THR C 19 -7.04 1.79 -0.99
CA THR C 19 -6.59 2.51 -2.23
C THR C 19 -5.05 2.59 -2.25
N THR C 20 -4.44 2.07 -3.27
CA THR C 20 -2.94 2.10 -3.34
C THR C 20 -2.50 1.82 -4.78
N PRO C 21 -1.42 2.41 -5.23
CA PRO C 21 -0.90 2.19 -6.61
C PRO C 21 -0.28 0.79 -6.75
N VAL C 22 0.05 0.17 -5.66
CA VAL C 22 0.67 -1.18 -5.73
C VAL C 22 0.64 -1.84 -4.34
N TRP C 23 0.46 -3.14 -4.32
CA TRP C 23 0.40 -3.88 -3.02
C TRP C 23 1.77 -4.43 -2.65
N ARG C 24 2.18 -4.24 -1.42
CA ARG C 24 3.51 -4.74 -0.94
C ARG C 24 3.29 -5.92 0.01
N ARG C 25 4.35 -6.57 0.40
CA ARG C 25 4.23 -7.73 1.34
C ARG C 25 5.45 -7.79 2.26
N ASN C 26 5.41 -8.64 3.26
CA ASN C 26 6.54 -8.77 4.21
C ASN C 26 6.90 -10.26 4.30
N PRO C 27 8.15 -10.62 4.49
CA PRO C 27 8.57 -12.05 4.56
C PRO C 27 7.71 -12.91 5.52
N GLU C 28 6.69 -12.35 6.10
CA GLU C 28 5.82 -13.16 7.02
C GLU C 28 4.63 -13.67 6.19
N GLY C 29 4.45 -13.08 5.03
CA GLY C 29 3.34 -13.52 4.12
C GLY C 29 2.09 -12.65 4.29
N GLN C 30 2.13 -11.64 5.13
CA GLN C 30 0.92 -10.78 5.29
C GLN C 30 0.90 -9.72 4.18
N PRO C 31 -0.25 -9.38 3.65
CA PRO C 31 -0.36 -8.34 2.58
C PRO C 31 -0.18 -6.93 3.14
N LEU C 32 0.43 -6.06 2.37
CA LEU C 32 0.64 -4.64 2.85
C LEU C 32 0.41 -3.69 1.68
N CYS C 33 -0.05 -2.49 1.95
CA CYS C 33 -0.28 -1.52 0.84
C CYS C 33 1.06 -0.96 0.36
N ASN C 34 1.05 0.15 -0.32
CA ASN C 34 2.32 0.72 -0.86
C ASN C 34 3.14 1.45 0.22
N ALA C 35 2.55 2.40 0.90
CA ALA C 35 3.31 3.19 1.91
C ALA C 35 3.78 2.33 3.09
N CYS C 36 2.97 1.44 3.59
CA CYS C 36 3.38 0.61 4.76
C CYS C 36 4.68 -0.14 4.46
N GLY C 37 4.79 -0.73 3.31
CA GLY C 37 6.01 -1.52 2.98
C GLY C 37 7.24 -0.61 2.82
N LEU C 38 7.11 0.50 2.16
CA LEU C 38 8.30 1.38 1.95
C LEU C 38 8.79 1.99 3.27
N PHE C 39 7.93 2.60 4.03
CA PHE C 39 8.39 3.24 5.29
C PHE C 39 8.74 2.18 6.34
N LEU C 40 7.89 1.20 6.52
CA LEU C 40 8.16 0.17 7.55
C LEU C 40 9.47 -0.55 7.27
N LYS C 41 9.66 -1.03 6.05
CA LYS C 41 10.92 -1.75 5.72
C LYS C 41 12.12 -0.81 5.88
N LEU C 42 11.98 0.42 5.47
CA LEU C 42 13.12 1.39 5.57
C LEU C 42 13.40 1.77 7.03
N HIS C 43 12.38 1.92 7.83
CA HIS C 43 12.61 2.35 9.26
C HIS C 43 12.74 1.15 10.19
N GLY C 44 12.15 0.03 9.90
CA GLY C 44 12.28 -1.14 10.81
C GLY C 44 11.50 -0.91 12.10
N VAL C 45 10.72 0.14 12.18
CA VAL C 45 9.95 0.42 13.44
C VAL C 45 8.57 0.96 13.09
N VAL C 46 7.60 0.69 13.93
CA VAL C 46 6.20 1.17 13.66
C VAL C 46 6.24 2.66 13.28
N ARG C 47 5.32 3.09 12.47
CA ARG C 47 5.26 4.51 12.05
C ARG C 47 3.88 5.07 12.44
N PRO C 48 3.80 6.20 13.11
CA PRO C 48 2.49 6.78 13.49
C PRO C 48 1.48 6.64 12.34
N LEU C 49 0.70 5.59 12.38
CA LEU C 49 -0.30 5.35 11.29
C LEU C 49 -1.22 6.57 11.19
N SER C 50 -1.22 7.41 12.17
CA SER C 50 -2.10 8.62 12.14
C SER C 50 -1.66 9.55 11.00
N LEU C 51 -0.51 9.34 10.43
CA LEU C 51 -0.06 10.22 9.32
C LEU C 51 -0.84 9.90 8.05
N LYS C 52 -1.07 8.64 7.81
CA LYS C 52 -1.79 8.24 6.57
C LYS C 52 -3.01 9.13 6.34
N THR C 53 -3.51 9.11 5.14
CA THR C 53 -4.71 9.90 4.78
C THR C 53 -5.49 9.12 3.72
N ASP C 54 -6.69 9.52 3.40
CA ASP C 54 -7.48 8.77 2.39
C ASP C 54 -7.24 9.39 1.01
N VAL C 55 -6.35 10.34 0.93
CA VAL C 55 -6.03 11.01 -0.37
C VAL C 55 -4.57 10.71 -0.73
N ILE C 56 -4.32 10.33 -1.96
CA ILE C 56 -2.92 10.03 -2.39
C ILE C 56 -2.48 11.13 -3.36
N LYS C 57 -1.32 11.71 -3.14
CA LYS C 57 -0.87 12.80 -4.05
C LYS C 57 -0.29 12.19 -5.33
N LYS C 58 -0.77 12.63 -6.46
CA LYS C 58 -0.26 12.11 -7.76
C LYS C 58 0.98 12.92 -8.17
N ARG C 59 2.07 12.26 -8.42
CA ARG C 59 3.31 12.98 -8.83
C ARG C 59 3.45 12.89 -10.35
N ASN C 60 4.48 13.47 -10.89
CA ASN C 60 4.66 13.45 -12.36
C ASN C 60 5.12 12.07 -12.82
N ARG C 61 5.58 11.98 -14.03
CA ARG C 61 6.05 10.69 -14.58
C ARG C 61 7.24 10.97 -15.51
N ASN C 62 8.11 10.02 -15.69
CA ASN C 62 9.28 10.27 -16.58
C ASN C 62 9.71 8.95 -17.23
N SER C 63 9.59 8.85 -18.52
CA SER C 63 10.00 7.61 -19.24
C SER C 63 10.49 7.99 -20.64
N ALA C 64 11.53 7.35 -21.11
CA ALA C 64 12.06 7.68 -22.45
C ALA C 64 11.18 7.04 -23.53
N ASN C 65 11.26 7.55 -24.74
CA ASN C 65 10.44 6.98 -25.85
C ASN C 65 10.99 5.61 -26.25
N SER C 66 10.13 4.63 -26.37
CA SER C 66 10.59 3.27 -26.76
C SER C 66 9.42 2.48 -27.36
ZN ZN D . -0.92 0.03 4.61
N MET C 1 -17.36 -14.18 -3.48
CA MET C 1 -16.03 -13.81 -4.03
C MET C 1 -16.17 -12.56 -4.89
N LYS C 2 -16.55 -11.45 -4.29
CA LYS C 2 -16.71 -10.20 -5.08
C LYS C 2 -15.37 -9.79 -5.69
N ASN C 3 -14.32 -9.94 -4.93
CA ASN C 3 -12.98 -9.56 -5.45
C ASN C 3 -11.91 -10.17 -4.55
N GLY C 4 -11.33 -11.26 -4.98
CA GLY C 4 -10.26 -11.92 -4.18
C GLY C 4 -10.55 -13.41 -4.09
N GLU C 5 -9.72 -14.22 -4.68
CA GLU C 5 -9.95 -15.69 -4.62
C GLU C 5 -9.88 -16.11 -3.15
N GLN C 6 -8.84 -15.71 -2.47
CA GLN C 6 -8.69 -16.08 -1.03
C GLN C 6 -9.75 -15.38 -0.19
N ASN C 7 -10.07 -15.94 0.94
CA ASN C 7 -11.10 -15.32 1.82
C ASN C 7 -10.53 -14.05 2.47
N GLY C 8 -11.37 -13.09 2.72
CA GLY C 8 -10.90 -11.81 3.37
C GLY C 8 -10.29 -10.88 2.32
N PRO C 9 -11.04 -9.92 1.82
CA PRO C 9 -10.51 -8.97 0.80
C PRO C 9 -9.13 -8.42 1.17
N THR C 10 -8.31 -8.13 0.19
CA THR C 10 -6.95 -7.61 0.48
C THR C 10 -7.03 -6.35 1.36
N THR C 11 -6.51 -6.43 2.56
CA THR C 11 -6.55 -5.25 3.48
C THR C 11 -5.16 -5.04 4.10
N CYS C 12 -4.72 -3.82 4.24
CA CYS C 12 -3.37 -3.59 4.82
C CYS C 12 -3.38 -3.88 6.33
N THR C 13 -2.76 -4.93 6.74
CA THR C 13 -2.75 -5.28 8.19
C THR C 13 -2.06 -4.17 9.00
N ASN C 14 -1.41 -3.24 8.34
CA ASN C 14 -0.69 -2.16 9.09
C ASN C 14 -1.49 -0.84 9.09
N CYS C 15 -2.22 -0.54 8.04
CA CYS C 15 -2.96 0.77 8.02
C CYS C 15 -4.36 0.62 7.42
N PHE C 16 -4.82 -0.59 7.22
CA PHE C 16 -6.20 -0.82 6.67
C PHE C 16 -6.39 -0.18 5.29
N THR C 17 -5.37 0.35 4.69
CA THR C 17 -5.56 1.00 3.36
C THR C 17 -6.10 -0.04 2.36
N GLN C 18 -7.17 0.29 1.66
CA GLN C 18 -7.75 -0.64 0.66
C GLN C 18 -7.44 -0.14 -0.75
N THR C 19 -6.85 1.02 -0.85
CA THR C 19 -6.51 1.61 -2.20
C THR C 19 -5.00 1.83 -2.26
N THR C 20 -4.33 1.36 -3.30
CA THR C 20 -2.86 1.54 -3.38
C THR C 20 -2.37 1.21 -4.80
N PRO C 21 -1.34 1.86 -5.30
CA PRO C 21 -0.81 1.57 -6.65
C PRO C 21 -0.26 0.14 -6.76
N VAL C 22 0.11 -0.44 -5.66
CA VAL C 22 0.67 -1.83 -5.70
C VAL C 22 0.67 -2.43 -4.29
N TRP C 23 0.39 -3.70 -4.18
CA TRP C 23 0.38 -4.36 -2.83
C TRP C 23 1.76 -4.90 -2.50
N ARG C 24 2.25 -4.58 -1.33
CA ARG C 24 3.60 -5.08 -0.90
C ARG C 24 3.37 -6.21 0.12
N ARG C 25 4.41 -6.93 0.47
CA ARG C 25 4.23 -8.03 1.46
C ARG C 25 5.50 -8.16 2.32
N ASN C 26 5.45 -8.98 3.34
CA ASN C 26 6.62 -9.15 4.25
C ASN C 26 6.96 -10.65 4.38
N PRO C 27 8.21 -11.03 4.56
CA PRO C 27 8.58 -12.46 4.72
C PRO C 27 7.68 -13.21 5.73
N GLU C 28 6.71 -12.56 6.29
CA GLU C 28 5.79 -13.25 7.24
C GLU C 28 4.58 -13.72 6.44
N GLY C 29 4.43 -13.19 5.26
CA GLY C 29 3.29 -13.58 4.37
C GLY C 29 2.09 -12.68 4.61
N GLN C 30 2.19 -11.69 5.46
CA GLN C 30 1.02 -10.78 5.68
C GLN C 30 1.00 -9.71 4.58
N PRO C 31 -0.16 -9.26 4.17
CA PRO C 31 -0.27 -8.22 3.10
C PRO C 31 -0.01 -6.80 3.61
N LEU C 32 0.59 -5.99 2.80
CA LEU C 32 0.88 -4.57 3.18
C LEU C 32 0.63 -3.68 1.96
N CYS C 33 0.19 -2.47 2.17
CA CYS C 33 -0.04 -1.56 1.02
C CYS C 33 1.31 -1.04 0.53
N ASN C 34 1.31 -0.02 -0.29
CA ASN C 34 2.60 0.50 -0.84
C ASN C 34 3.37 1.36 0.18
N ALA C 35 2.74 2.32 0.79
CA ALA C 35 3.47 3.21 1.76
C ALA C 35 4.00 2.40 2.96
N CYS C 36 3.19 1.60 3.59
CA CYS C 36 3.68 0.83 4.78
C CYS C 36 4.93 0.06 4.42
N GLY C 37 4.96 -0.55 3.28
CA GLY C 37 6.16 -1.33 2.88
C GLY C 37 7.38 -0.40 2.78
N LEU C 38 7.23 0.75 2.19
CA LEU C 38 8.40 1.67 2.06
C LEU C 38 8.80 2.26 3.41
N PHE C 39 7.88 2.89 4.09
CA PHE C 39 8.20 3.51 5.40
C PHE C 39 8.56 2.46 6.46
N LEU C 40 7.75 1.45 6.61
CA LEU C 40 8.02 0.42 7.66
C LEU C 40 9.37 -0.25 7.42
N LYS C 41 9.63 -0.69 6.22
CA LYS C 41 10.93 -1.36 5.94
C LYS C 41 12.09 -0.38 6.16
N LEU C 42 11.95 0.82 5.67
CA LEU C 42 13.06 1.81 5.83
C LEU C 42 13.22 2.24 7.28
N HIS C 43 12.14 2.44 7.99
CA HIS C 43 12.26 2.89 9.40
C HIS C 43 12.48 1.70 10.35
N GLY C 44 11.81 0.60 10.15
CA GLY C 44 12.03 -0.56 11.05
C GLY C 44 11.39 -0.32 12.42
N VAL C 45 10.52 0.65 12.54
CA VAL C 45 9.86 0.93 13.86
C VAL C 45 8.39 1.26 13.63
N VAL C 46 7.66 1.45 14.70
CA VAL C 46 6.21 1.79 14.55
C VAL C 46 6.07 3.00 13.64
N ARG C 47 4.98 3.08 12.90
CA ARG C 47 4.74 4.25 12.00
C ARG C 47 3.41 4.90 12.41
N PRO C 48 3.40 6.13 12.83
CA PRO C 48 2.12 6.80 13.21
C PRO C 48 1.04 6.53 12.16
N LEU C 49 0.26 5.51 12.34
CA LEU C 49 -0.80 5.19 11.34
C LEU C 49 -1.74 6.39 11.21
N SER C 50 -1.64 7.32 12.12
CA SER C 50 -2.51 8.53 12.06
C SER C 50 -2.26 9.29 10.75
N LEU C 51 -1.25 8.90 10.03
CA LEU C 51 -0.94 9.60 8.73
C LEU C 51 -1.92 9.12 7.66
N LYS C 52 -2.35 7.90 7.78
CA LYS C 52 -3.29 7.30 6.78
C LYS C 52 -4.30 8.34 6.27
N THR C 53 -4.64 8.23 5.02
CA THR C 53 -5.64 9.16 4.40
C THR C 53 -6.40 8.38 3.33
N ASP C 54 -7.54 8.85 2.91
CA ASP C 54 -8.33 8.11 1.88
C ASP C 54 -8.02 8.66 0.48
N VAL C 55 -7.14 9.62 0.40
CA VAL C 55 -6.76 10.21 -0.92
C VAL C 55 -5.26 10.03 -1.13
N ILE C 56 -4.85 9.75 -2.34
CA ILE C 56 -3.40 9.57 -2.65
C ILE C 56 -3.00 10.69 -3.62
N LYS C 57 -1.91 11.35 -3.36
CA LYS C 57 -1.50 12.46 -4.28
C LYS C 57 -0.84 11.86 -5.52
N LYS C 58 -1.25 12.30 -6.68
CA LYS C 58 -0.65 11.76 -7.93
C LYS C 58 0.58 12.58 -8.31
N ARG C 59 1.70 11.95 -8.54
CA ARG C 59 2.93 12.72 -8.91
C ARG C 59 3.09 12.68 -10.43
N ASN C 60 4.14 13.28 -10.94
CA ASN C 60 4.33 13.34 -12.41
C ASN C 60 4.77 11.99 -12.97
N ARG C 61 4.97 11.91 -14.26
CA ARG C 61 5.40 10.63 -14.89
C ARG C 61 6.28 10.93 -16.11
N ASN C 62 7.03 9.97 -16.56
CA ASN C 62 7.92 10.21 -17.74
C ASN C 62 7.11 10.06 -19.04
N SER C 63 7.45 10.83 -20.04
CA SER C 63 6.70 10.75 -21.34
C SER C 63 7.01 9.42 -22.04
N ALA C 64 8.11 8.79 -21.69
CA ALA C 64 8.48 7.50 -22.34
C ALA C 64 7.35 6.47 -22.14
N ASN C 65 7.06 5.69 -23.14
CA ASN C 65 5.99 4.68 -23.00
C ASN C 65 6.48 3.54 -22.12
N SER C 66 5.60 2.93 -21.37
CA SER C 66 6.02 1.80 -20.49
C SER C 66 7.22 2.24 -19.64
ZN ZN D . -0.60 0.23 4.72
N MET C 1 -23.98 -6.85 5.49
CA MET C 1 -23.38 -8.17 5.13
C MET C 1 -23.62 -8.45 3.65
N LYS C 2 -24.56 -7.77 3.04
CA LYS C 2 -24.84 -7.99 1.60
C LYS C 2 -23.62 -7.61 0.76
N ASN C 3 -22.96 -6.54 1.11
CA ASN C 3 -21.76 -6.10 0.34
C ASN C 3 -20.56 -6.02 1.29
N GLY C 4 -19.41 -6.49 0.85
CA GLY C 4 -18.21 -6.43 1.72
C GLY C 4 -17.50 -5.09 1.53
N GLU C 5 -18.13 -4.19 0.83
CA GLU C 5 -17.51 -2.85 0.59
C GLU C 5 -16.14 -3.01 -0.07
N GLN C 6 -15.67 -1.96 -0.68
CA GLN C 6 -14.37 -2.00 -1.39
C GLN C 6 -13.25 -2.39 -0.42
N ASN C 7 -13.36 -2.04 0.83
CA ASN C 7 -12.30 -2.40 1.80
C ASN C 7 -12.33 -3.91 2.05
N GLY C 8 -13.47 -4.43 2.43
CA GLY C 8 -13.63 -5.90 2.73
C GLY C 8 -12.53 -6.75 2.08
N PRO C 9 -12.49 -6.82 0.77
CA PRO C 9 -11.46 -7.62 0.04
C PRO C 9 -10.03 -7.30 0.46
N THR C 10 -9.13 -7.18 -0.48
CA THR C 10 -7.72 -6.87 -0.15
C THR C 10 -7.67 -5.59 0.69
N THR C 11 -7.14 -5.67 1.89
CA THR C 11 -7.08 -4.47 2.78
C THR C 11 -5.70 -4.36 3.43
N CYS C 12 -5.15 -3.17 3.48
CA CYS C 12 -3.81 -3.01 4.12
C CYS C 12 -3.93 -3.35 5.60
N THR C 13 -3.35 -4.44 6.01
CA THR C 13 -3.41 -4.84 7.45
C THR C 13 -2.70 -3.80 8.31
N ASN C 14 -1.98 -2.89 7.71
CA ASN C 14 -1.25 -1.86 8.52
C ASN C 14 -2.01 -0.52 8.53
N CYS C 15 -2.66 -0.12 7.46
CA CYS C 15 -3.37 1.21 7.47
C CYS C 15 -4.74 1.10 6.81
N PHE C 16 -5.19 -0.09 6.54
CA PHE C 16 -6.54 -0.28 5.93
C PHE C 16 -6.68 0.44 4.59
N THR C 17 -5.64 1.06 4.08
CA THR C 17 -5.79 1.78 2.77
C THR C 17 -6.23 0.79 1.69
N GLN C 18 -7.27 1.12 0.95
CA GLN C 18 -7.76 0.22 -0.13
C GLN C 18 -7.28 0.75 -1.49
N THR C 19 -6.98 2.02 -1.55
CA THR C 19 -6.52 2.63 -2.84
C THR C 19 -5.00 2.80 -2.82
N THR C 20 -4.32 2.29 -3.82
CA THR C 20 -2.83 2.42 -3.84
C THR C 20 -2.33 2.06 -5.25
N PRO C 21 -1.24 2.67 -5.69
CA PRO C 21 -0.69 2.36 -7.05
C PRO C 21 -0.11 0.94 -7.12
N VAL C 22 0.17 0.34 -6.00
CA VAL C 22 0.73 -1.04 -6.03
C VAL C 22 0.68 -1.67 -4.64
N TRP C 23 0.49 -2.97 -4.59
CA TRP C 23 0.42 -3.69 -3.29
C TRP C 23 1.78 -4.27 -2.92
N ARG C 24 2.20 -4.09 -1.70
CA ARG C 24 3.51 -4.63 -1.22
C ARG C 24 3.22 -5.80 -0.27
N ARG C 25 4.24 -6.50 0.14
CA ARG C 25 4.02 -7.65 1.07
C ARG C 25 5.20 -7.74 2.04
N ASN C 26 5.08 -8.58 3.04
CA ASN C 26 6.16 -8.74 4.07
C ASN C 26 6.46 -10.24 4.20
N PRO C 27 7.69 -10.63 4.49
CA PRO C 27 8.05 -12.08 4.65
C PRO C 27 7.05 -12.88 5.51
N GLU C 28 5.97 -12.28 5.96
CA GLU C 28 4.96 -13.02 6.75
C GLU C 28 3.83 -13.43 5.81
N GLY C 29 3.80 -12.84 4.65
CA GLY C 29 2.74 -13.16 3.65
C GLY C 29 1.51 -12.27 3.87
N GLN C 30 1.62 -11.26 4.70
CA GLN C 30 0.45 -10.36 4.91
C GLN C 30 0.46 -9.28 3.82
N PRO C 31 -0.68 -8.89 3.31
CA PRO C 31 -0.76 -7.83 2.24
C PRO C 31 -0.58 -6.42 2.82
N LEU C 32 0.13 -5.58 2.11
CA LEU C 32 0.37 -4.19 2.59
C LEU C 32 0.25 -3.21 1.42
N CYS C 33 -0.21 -2.01 1.67
CA CYS C 33 -0.33 -1.03 0.55
C CYS C 33 1.08 -0.57 0.15
N ASN C 34 1.18 0.33 -0.79
CA ASN C 34 2.54 0.77 -1.23
C ASN C 34 3.25 1.60 -0.15
N ALA C 35 2.56 2.50 0.49
CA ALA C 35 3.22 3.36 1.52
C ALA C 35 3.75 2.53 2.70
N CYS C 36 2.92 1.70 3.30
CA CYS C 36 3.40 0.91 4.47
C CYS C 36 4.57 0.01 4.06
N GLY C 37 4.45 -0.66 2.96
CA GLY C 37 5.56 -1.56 2.52
C GLY C 37 6.84 -0.74 2.35
N LEU C 38 6.78 0.31 1.60
CA LEU C 38 8.00 1.17 1.39
C LEU C 38 8.43 1.82 2.71
N PHE C 39 7.51 2.45 3.40
CA PHE C 39 7.87 3.13 4.68
C PHE C 39 8.26 2.13 5.77
N LEU C 40 7.49 1.09 5.94
CA LEU C 40 7.80 0.11 7.02
C LEU C 40 9.19 -0.49 6.76
N LYS C 41 9.45 -0.93 5.57
CA LYS C 41 10.78 -1.53 5.28
C LYS C 41 11.89 -0.49 5.46
N LEU C 42 11.70 0.70 4.94
CA LEU C 42 12.76 1.74 5.06
C LEU C 42 12.92 2.20 6.51
N HIS C 43 11.84 2.37 7.23
CA HIS C 43 11.96 2.86 8.63
C HIS C 43 12.22 1.70 9.60
N GLY C 44 11.55 0.59 9.43
CA GLY C 44 11.80 -0.56 10.36
C GLY C 44 11.23 -0.29 11.76
N VAL C 45 10.48 0.76 11.94
CA VAL C 45 9.91 1.04 13.30
C VAL C 45 8.50 1.61 13.18
N VAL C 46 7.65 1.26 14.11
CA VAL C 46 6.24 1.75 14.07
C VAL C 46 6.20 3.27 13.97
N ARG C 47 5.26 3.79 13.23
CA ARG C 47 5.12 5.26 13.08
C ARG C 47 3.61 5.60 13.02
N PRO C 48 3.14 6.58 13.76
CA PRO C 48 1.70 6.94 13.77
C PRO C 48 1.00 6.66 12.44
N LEU C 49 0.26 5.60 12.36
CA LEU C 49 -0.47 5.28 11.10
C LEU C 49 -1.42 6.44 10.80
N SER C 50 -1.65 7.28 11.76
CA SER C 50 -2.56 8.44 11.57
C SER C 50 -2.05 9.27 10.39
N LEU C 51 -0.91 8.93 9.86
CA LEU C 51 -0.37 9.70 8.69
C LEU C 51 -1.17 9.30 7.45
N LYS C 52 -1.50 8.04 7.35
CA LYS C 52 -2.28 7.55 6.17
C LYS C 52 -3.46 8.50 5.89
N THR C 53 -3.92 8.52 4.67
CA THR C 53 -5.08 9.38 4.31
C THR C 53 -5.85 8.71 3.16
N ASP C 54 -7.01 9.21 2.83
CA ASP C 54 -7.79 8.58 1.72
C ASP C 54 -7.50 9.29 0.40
N VAL C 55 -6.69 10.32 0.44
CA VAL C 55 -6.33 11.06 -0.82
C VAL C 55 -4.84 10.84 -1.12
N ILE C 56 -4.51 10.54 -2.35
CA ILE C 56 -3.08 10.29 -2.71
C ILE C 56 -2.59 11.41 -3.62
N LYS C 57 -1.45 11.99 -3.31
CA LYS C 57 -0.92 13.08 -4.16
C LYS C 57 -0.25 12.47 -5.39
N LYS C 58 -0.66 12.86 -6.57
CA LYS C 58 -0.05 12.28 -7.81
C LYS C 58 1.09 13.16 -8.30
N ARG C 59 2.19 12.56 -8.69
CA ARG C 59 3.34 13.34 -9.20
C ARG C 59 3.37 13.27 -10.72
N ASN C 60 4.34 13.87 -11.35
CA ASN C 60 4.38 13.86 -12.83
C ASN C 60 4.88 12.51 -13.36
N ARG C 61 5.18 12.45 -14.62
CA ARG C 61 5.68 11.18 -15.24
C ARG C 61 6.61 11.52 -16.40
N ASN C 62 7.34 10.55 -16.90
CA ASN C 62 8.26 10.82 -18.04
C ASN C 62 7.47 10.80 -19.35
N SER C 63 7.65 11.79 -20.17
CA SER C 63 6.89 11.85 -21.46
C SER C 63 7.30 10.68 -22.35
N ALA C 64 6.34 10.02 -22.96
CA ALA C 64 6.68 8.87 -23.85
C ALA C 64 7.26 9.40 -25.16
N ASN C 65 8.08 8.61 -25.80
CA ASN C 65 8.70 9.06 -27.07
C ASN C 65 9.47 10.36 -26.83
N SER C 66 9.24 11.36 -27.64
CA SER C 66 9.95 12.65 -27.45
C SER C 66 11.45 12.40 -27.28
ZN ZN D . -0.89 0.70 4.27
N MET C 1 -13.69 1.58 -16.70
CA MET C 1 -13.24 2.49 -15.60
C MET C 1 -14.24 2.47 -14.46
N LYS C 2 -14.83 1.34 -14.17
CA LYS C 2 -15.82 1.27 -13.07
C LYS C 2 -15.10 0.97 -11.75
N ASN C 3 -15.45 1.66 -10.70
CA ASN C 3 -14.78 1.43 -9.38
C ASN C 3 -15.85 1.17 -8.31
N GLY C 4 -15.96 -0.05 -7.86
CA GLY C 4 -16.97 -0.40 -6.81
C GLY C 4 -16.36 -1.42 -5.86
N GLU C 5 -16.91 -2.61 -5.80
CA GLU C 5 -16.35 -3.65 -4.90
C GLU C 5 -16.42 -5.02 -5.59
N GLN C 6 -15.45 -5.86 -5.33
CA GLN C 6 -15.43 -7.22 -5.95
C GLN C 6 -14.86 -8.21 -4.92
N ASN C 7 -14.93 -9.48 -5.20
CA ASN C 7 -14.39 -10.47 -4.23
C ASN C 7 -12.87 -10.31 -4.14
N GLY C 8 -12.42 -9.27 -3.50
CA GLY C 8 -10.96 -9.02 -3.36
C GLY C 8 -10.63 -8.58 -1.92
N PRO C 9 -10.80 -9.44 -0.96
CA PRO C 9 -10.52 -9.11 0.47
C PRO C 9 -9.07 -8.68 0.71
N THR C 10 -8.32 -8.55 -0.34
CA THR C 10 -6.90 -8.12 -0.18
C THR C 10 -6.86 -6.70 0.36
N THR C 11 -6.55 -6.55 1.63
CA THR C 11 -6.51 -5.19 2.25
C THR C 11 -5.25 -5.05 3.11
N CYS C 12 -4.69 -3.88 3.18
CA CYS C 12 -3.46 -3.67 3.99
C CYS C 12 -3.74 -4.01 5.45
N THR C 13 -3.20 -5.09 5.92
CA THR C 13 -3.41 -5.50 7.34
C THR C 13 -2.75 -4.49 8.28
N ASN C 14 -1.95 -3.60 7.76
CA ASN C 14 -1.26 -2.61 8.64
C ASN C 14 -1.99 -1.26 8.65
N CYS C 15 -2.63 -0.88 7.57
CA CYS C 15 -3.34 0.44 7.55
C CYS C 15 -4.68 0.29 6.82
N PHE C 16 -5.16 -0.92 6.68
CA PHE C 16 -6.46 -1.20 6.02
C PHE C 16 -6.61 -0.46 4.68
N THR C 17 -5.63 0.26 4.24
CA THR C 17 -5.79 0.98 2.93
C THR C 17 -6.20 -0.03 1.85
N GLN C 18 -7.28 0.22 1.16
CA GLN C 18 -7.75 -0.71 0.09
C GLN C 18 -7.33 -0.19 -1.28
N THR C 19 -6.72 0.97 -1.33
CA THR C 19 -6.28 1.55 -2.65
C THR C 19 -4.77 1.74 -2.62
N THR C 20 -4.06 1.24 -3.59
CA THR C 20 -2.58 1.41 -3.60
C THR C 20 -2.01 1.13 -5.00
N PRO C 21 -1.04 1.91 -5.46
CA PRO C 21 -0.42 1.70 -6.78
C PRO C 21 -0.03 0.24 -6.99
N VAL C 22 0.35 -0.42 -5.93
CA VAL C 22 0.77 -1.85 -6.04
C VAL C 22 0.79 -2.48 -4.65
N TRP C 23 0.54 -3.77 -4.58
CA TRP C 23 0.52 -4.47 -3.27
C TRP C 23 1.92 -5.02 -2.94
N ARG C 24 2.38 -4.79 -1.74
CA ARG C 24 3.73 -5.29 -1.31
C ARG C 24 3.54 -6.55 -0.45
N ARG C 25 4.61 -7.25 -0.17
CA ARG C 25 4.49 -8.48 0.69
C ARG C 25 5.63 -8.52 1.70
N ASN C 26 5.48 -9.33 2.71
CA ASN C 26 6.51 -9.43 3.78
C ASN C 26 6.79 -10.91 4.06
N PRO C 27 8.02 -11.29 4.37
CA PRO C 27 8.38 -12.72 4.66
C PRO C 27 7.35 -13.47 5.55
N GLU C 28 6.30 -12.83 5.96
CA GLU C 28 5.27 -13.52 6.79
C GLU C 28 4.12 -13.92 5.87
N GLY C 29 4.05 -13.30 4.72
CA GLY C 29 2.98 -13.61 3.73
C GLY C 29 1.77 -12.71 3.95
N GLN C 30 1.88 -11.69 4.77
CA GLN C 30 0.72 -10.77 4.97
C GLN C 30 0.75 -9.68 3.89
N PRO C 31 -0.38 -9.26 3.39
CA PRO C 31 -0.43 -8.20 2.34
C PRO C 31 -0.20 -6.79 2.92
N LEU C 32 0.47 -5.96 2.18
CA LEU C 32 0.74 -4.56 2.66
C LEU C 32 0.58 -3.58 1.48
N CYS C 33 0.15 -2.38 1.75
CA CYS C 33 0.01 -1.39 0.65
C CYS C 33 1.39 -0.89 0.28
N ASN C 34 1.49 0.02 -0.65
CA ASN C 34 2.84 0.52 -1.05
C ASN C 34 3.46 1.38 0.06
N ALA C 35 2.71 2.23 0.70
CA ALA C 35 3.30 3.10 1.76
C ALA C 35 3.83 2.27 2.95
N CYS C 36 3.04 1.38 3.49
CA CYS C 36 3.52 0.60 4.66
C CYS C 36 4.77 -0.21 4.29
N GLY C 37 4.76 -0.83 3.14
CA GLY C 37 5.94 -1.64 2.72
C GLY C 37 7.18 -0.75 2.60
N LEU C 38 7.09 0.32 1.85
CA LEU C 38 8.27 1.21 1.69
C LEU C 38 8.62 1.90 3.01
N PHE C 39 7.67 2.50 3.65
CA PHE C 39 7.97 3.21 4.93
C PHE C 39 8.40 2.23 6.01
N LEU C 40 7.65 1.18 6.22
CA LEU C 40 8.02 0.22 7.31
C LEU C 40 9.41 -0.36 7.03
N LYS C 41 9.64 -0.80 5.84
CA LYS C 41 10.98 -1.38 5.51
C LYS C 41 12.07 -0.32 5.64
N LEU C 42 11.85 0.86 5.12
CA LEU C 42 12.90 1.91 5.20
C LEU C 42 13.11 2.40 6.64
N HIS C 43 12.05 2.56 7.39
CA HIS C 43 12.20 3.05 8.78
C HIS C 43 12.43 1.91 9.77
N GLY C 44 11.76 0.79 9.61
CA GLY C 44 12.00 -0.35 10.55
C GLY C 44 11.34 -0.09 11.92
N VAL C 45 10.56 0.94 12.06
CA VAL C 45 9.90 1.20 13.38
C VAL C 45 8.49 1.74 13.16
N VAL C 46 7.58 1.41 14.04
CA VAL C 46 6.19 1.91 13.90
C VAL C 46 6.18 3.44 13.84
N ARG C 47 5.28 3.99 13.07
CA ARG C 47 5.19 5.47 12.94
C ARG C 47 3.69 5.82 12.80
N PRO C 48 3.20 6.85 13.47
CA PRO C 48 1.77 7.24 13.41
C PRO C 48 1.08 6.89 12.09
N LEU C 49 0.40 5.78 12.07
CA LEU C 49 -0.32 5.36 10.83
C LEU C 49 -1.34 6.45 10.47
N SER C 50 -1.74 7.24 11.42
CA SER C 50 -2.75 8.30 11.15
C SER C 50 -2.24 9.23 10.04
N LEU C 51 -1.02 9.03 9.60
CA LEU C 51 -0.49 9.88 8.51
C LEU C 51 -1.12 9.43 7.20
N LYS C 52 -1.33 8.15 7.06
CA LYS C 52 -1.96 7.62 5.81
C LYS C 52 -3.21 8.45 5.49
N THR C 53 -3.72 8.33 4.29
CA THR C 53 -4.95 9.10 3.93
C THR C 53 -5.74 8.30 2.88
N ASP C 54 -6.94 8.71 2.58
CA ASP C 54 -7.77 7.97 1.58
C ASP C 54 -7.61 8.61 0.20
N VAL C 55 -6.78 9.61 0.09
CA VAL C 55 -6.56 10.30 -1.22
C VAL C 55 -5.06 10.32 -1.51
N ILE C 56 -4.67 10.23 -2.75
CA ILE C 56 -3.22 10.23 -3.11
C ILE C 56 -2.96 11.25 -4.22
N LYS C 57 -1.86 11.96 -4.11
CA LYS C 57 -1.53 12.99 -5.15
C LYS C 57 -0.89 12.31 -6.36
N LYS C 58 -1.34 12.66 -7.54
CA LYS C 58 -0.76 12.05 -8.77
C LYS C 58 0.52 12.79 -9.15
N ARG C 59 1.61 12.09 -9.29
CA ARG C 59 2.90 12.76 -9.63
C ARG C 59 3.16 12.63 -11.13
N ASN C 60 4.26 13.16 -11.59
CA ASN C 60 4.55 13.15 -13.05
C ASN C 60 4.87 11.74 -13.54
N ARG C 61 4.80 11.57 -14.83
CA ARG C 61 5.09 10.25 -15.46
C ARG C 61 5.66 10.47 -16.86
N ASN C 62 6.33 9.51 -17.42
CA ASN C 62 6.88 9.67 -18.80
C ASN C 62 5.80 9.25 -19.79
N SER C 63 5.10 10.19 -20.37
CA SER C 63 4.03 9.83 -21.34
C SER C 63 4.61 9.84 -22.76
N ALA C 64 5.81 10.33 -22.91
CA ALA C 64 6.43 10.37 -24.26
C ALA C 64 5.43 11.01 -25.24
N ASN C 65 4.71 12.02 -24.80
CA ASN C 65 3.71 12.67 -25.69
C ASN C 65 4.38 13.81 -26.46
N SER C 66 3.87 14.13 -27.63
CA SER C 66 4.45 15.24 -28.44
C SER C 66 3.66 16.52 -28.16
ZN ZN D . -0.71 0.13 4.39
N MET C 1 -21.31 -7.55 -9.15
CA MET C 1 -21.35 -7.07 -10.57
C MET C 1 -19.98 -7.25 -11.22
N LYS C 2 -19.14 -8.08 -10.64
CA LYS C 2 -17.78 -8.30 -11.23
C LYS C 2 -17.09 -6.94 -11.45
N ASN C 3 -17.27 -6.03 -10.52
CA ASN C 3 -16.62 -4.68 -10.66
C ASN C 3 -16.09 -4.24 -9.30
N GLY C 4 -16.92 -4.25 -8.29
CA GLY C 4 -16.43 -3.83 -6.94
C GLY C 4 -15.55 -4.94 -6.36
N GLU C 5 -16.08 -6.12 -6.20
CA GLU C 5 -15.29 -7.24 -5.63
C GLU C 5 -14.47 -7.92 -6.73
N GLN C 6 -13.20 -8.12 -6.49
CA GLN C 6 -12.35 -8.80 -7.52
C GLN C 6 -12.24 -10.29 -7.20
N ASN C 7 -11.41 -10.63 -6.24
CA ASN C 7 -11.24 -12.07 -5.86
C ASN C 7 -11.08 -12.18 -4.34
N GLY C 8 -11.34 -11.12 -3.64
CA GLY C 8 -11.20 -11.17 -2.15
C GLY C 8 -11.06 -9.73 -1.62
N PRO C 9 -11.41 -9.50 -0.38
CA PRO C 9 -11.31 -8.14 0.23
C PRO C 9 -9.89 -7.74 0.59
N THR C 10 -9.09 -7.48 -0.39
CA THR C 10 -7.67 -7.09 -0.12
C THR C 10 -7.63 -5.83 0.75
N THR C 11 -7.04 -5.92 1.92
CA THR C 11 -6.96 -4.74 2.84
C THR C 11 -5.55 -4.62 3.41
N CYS C 12 -5.03 -3.42 3.50
CA CYS C 12 -3.66 -3.26 4.07
C CYS C 12 -3.74 -3.54 5.57
N THR C 13 -3.17 -4.63 5.99
CA THR C 13 -3.21 -5.00 7.43
C THR C 13 -2.49 -3.97 8.30
N ASN C 14 -1.76 -3.05 7.72
CA ASN C 14 -1.03 -2.05 8.56
C ASN C 14 -1.76 -0.70 8.57
N CYS C 15 -2.46 -0.35 7.52
CA CYS C 15 -3.15 0.99 7.50
C CYS C 15 -4.55 0.90 6.89
N PHE C 16 -5.06 -0.28 6.67
CA PHE C 16 -6.44 -0.43 6.10
C PHE C 16 -6.58 0.29 4.75
N THR C 17 -5.53 0.88 4.24
CA THR C 17 -5.69 1.59 2.94
C THR C 17 -6.23 0.61 1.89
N GLN C 18 -7.32 0.94 1.27
CA GLN C 18 -7.92 0.04 0.23
C GLN C 18 -7.51 0.53 -1.15
N THR C 19 -6.91 1.69 -1.23
CA THR C 19 -6.48 2.26 -2.55
C THR C 19 -4.96 2.40 -2.52
N THR C 20 -4.27 1.89 -3.51
CA THR C 20 -2.78 2.00 -3.50
C THR C 20 -2.23 1.71 -4.90
N PRO C 21 -1.20 2.42 -5.34
CA PRO C 21 -0.61 2.19 -6.69
C PRO C 21 -0.43 0.70 -6.97
N VAL C 22 -0.04 -0.04 -5.97
CA VAL C 22 0.17 -1.50 -6.16
C VAL C 22 0.25 -2.18 -4.78
N TRP C 23 -0.07 -3.44 -4.71
CA TRP C 23 -0.04 -4.16 -3.40
C TRP C 23 1.34 -4.78 -3.15
N ARG C 24 1.87 -4.57 -1.98
CA ARG C 24 3.19 -5.13 -1.61
C ARG C 24 2.99 -6.42 -0.82
N ARG C 25 4.02 -7.21 -0.69
CA ARG C 25 3.92 -8.48 0.09
C ARG C 25 5.18 -8.63 0.95
N ASN C 26 5.13 -9.45 1.95
CA ASN C 26 6.32 -9.62 2.86
C ASN C 26 6.52 -11.12 3.13
N PRO C 27 7.75 -11.59 3.31
CA PRO C 27 8.03 -13.03 3.60
C PRO C 27 7.07 -13.68 4.60
N GLU C 28 6.13 -12.95 5.13
CA GLU C 28 5.13 -13.55 6.08
C GLU C 28 3.83 -13.81 5.29
N GLY C 29 3.68 -13.14 4.18
CA GLY C 29 2.46 -13.30 3.34
C GLY C 29 1.34 -12.36 3.81
N GLN C 30 1.68 -11.35 4.56
CA GLN C 30 0.62 -10.39 5.04
C GLN C 30 0.49 -9.25 4.00
N PRO C 31 -0.66 -9.06 3.38
CA PRO C 31 -0.84 -7.95 2.38
C PRO C 31 -0.50 -6.57 2.95
N LEU C 32 0.19 -5.77 2.19
CA LEU C 32 0.56 -4.39 2.63
C LEU C 32 0.44 -3.44 1.44
N CYS C 33 0.08 -2.20 1.67
CA CYS C 33 -0.03 -1.23 0.54
C CYS C 33 1.37 -0.73 0.15
N ASN C 34 1.44 0.23 -0.73
CA ASN C 34 2.77 0.75 -1.17
C ASN C 34 3.47 1.51 -0.03
N ALA C 35 2.79 2.43 0.60
CA ALA C 35 3.45 3.23 1.67
C ALA C 35 3.96 2.34 2.82
N CYS C 36 3.10 1.55 3.42
CA CYS C 36 3.57 0.69 4.55
C CYS C 36 4.75 -0.18 4.12
N GLY C 37 4.68 -0.76 2.96
CA GLY C 37 5.79 -1.62 2.49
C GLY C 37 7.05 -0.77 2.35
N LEU C 38 6.92 0.38 1.76
CA LEU C 38 8.10 1.27 1.57
C LEU C 38 8.59 1.82 2.92
N PHE C 39 7.71 2.37 3.71
CA PHE C 39 8.13 2.96 5.01
C PHE C 39 8.47 1.88 6.05
N LEU C 40 7.61 0.92 6.24
CA LEU C 40 7.87 -0.11 7.29
C LEU C 40 9.18 -0.85 6.98
N LYS C 41 9.33 -1.31 5.77
CA LYS C 41 10.58 -2.05 5.41
C LYS C 41 11.80 -1.14 5.55
N LEU C 42 11.72 0.07 5.05
CA LEU C 42 12.90 0.98 5.14
C LEU C 42 13.17 1.38 6.59
N HIS C 43 12.16 1.64 7.35
CA HIS C 43 12.38 2.09 8.75
C HIS C 43 12.61 0.89 9.68
N GLY C 44 11.86 -0.16 9.54
CA GLY C 44 12.07 -1.35 10.43
C GLY C 44 11.57 -1.06 11.85
N VAL C 45 10.83 0.00 12.05
CA VAL C 45 10.31 0.31 13.43
C VAL C 45 8.84 0.71 13.35
N VAL C 46 8.21 0.89 14.47
CA VAL C 46 6.76 1.29 14.48
C VAL C 46 6.59 2.54 13.63
N ARG C 47 5.45 2.67 13.00
CA ARG C 47 5.16 3.86 12.14
C ARG C 47 3.80 4.45 12.56
N PRO C 48 3.67 5.75 12.66
CA PRO C 48 2.37 6.36 13.03
C PRO C 48 1.38 6.23 11.87
N LEU C 49 0.46 5.31 11.98
CA LEU C 49 -0.52 5.14 10.88
C LEU C 49 -1.31 6.44 10.69
N SER C 50 -1.19 7.35 11.62
CA SER C 50 -1.94 8.65 11.50
C SER C 50 -1.52 9.38 10.23
N LEU C 51 -0.46 8.94 9.60
CA LEU C 51 -0.02 9.61 8.36
C LEU C 51 -0.94 9.17 7.22
N LYS C 52 -1.33 7.93 7.23
CA LYS C 52 -2.21 7.42 6.14
C LYS C 52 -3.34 8.42 5.84
N THR C 53 -3.86 8.38 4.66
CA THR C 53 -4.97 9.30 4.27
C THR C 53 -5.83 8.61 3.21
N ASP C 54 -6.97 9.18 2.88
CA ASP C 54 -7.86 8.53 1.86
C ASP C 54 -7.61 9.18 0.49
N VAL C 55 -6.76 10.18 0.45
CA VAL C 55 -6.43 10.85 -0.85
C VAL C 55 -4.94 10.64 -1.12
N ILE C 56 -4.58 10.38 -2.36
CA ILE C 56 -3.14 10.14 -2.69
C ILE C 56 -2.61 11.31 -3.52
N LYS C 57 -1.40 11.73 -3.26
CA LYS C 57 -0.81 12.86 -4.02
C LYS C 57 -0.34 12.36 -5.38
N LYS C 58 -0.88 12.90 -6.44
CA LYS C 58 -0.48 12.46 -7.80
C LYS C 58 0.78 13.22 -8.25
N ARG C 59 1.84 12.52 -8.54
CA ARG C 59 3.09 13.20 -8.99
C ARG C 59 3.12 13.17 -10.51
N ASN C 60 4.12 13.77 -11.10
CA ASN C 60 4.19 13.78 -12.59
C ASN C 60 4.66 12.42 -13.09
N ARG C 61 5.08 12.35 -14.32
CA ARG C 61 5.55 11.05 -14.89
C ARG C 61 6.67 11.34 -15.88
N ASN C 62 7.49 10.37 -16.20
CA ASN C 62 8.61 10.61 -17.16
C ASN C 62 8.88 9.35 -17.97
N SER C 63 7.85 8.78 -18.55
CA SER C 63 8.03 7.53 -19.34
C SER C 63 6.94 7.45 -20.42
N ALA C 64 7.18 6.73 -21.48
CA ALA C 64 6.16 6.63 -22.56
C ALA C 64 5.97 8.01 -23.20
N ASN C 65 6.54 8.22 -24.35
CA ASN C 65 6.39 9.55 -25.01
C ASN C 65 6.89 10.66 -24.08
N SER C 66 7.99 10.44 -23.41
CA SER C 66 8.51 11.50 -22.48
C SER C 66 10.04 11.48 -22.50
ZN ZN D . -0.71 0.41 4.26
N MET C 1 -11.49 -9.09 -15.08
CA MET C 1 -11.72 -9.12 -16.55
C MET C 1 -13.02 -9.85 -16.85
N LYS C 2 -14.02 -9.14 -17.32
CA LYS C 2 -15.32 -9.80 -17.63
C LYS C 2 -15.80 -10.61 -16.42
N ASN C 3 -15.59 -10.12 -15.22
CA ASN C 3 -16.03 -10.88 -14.02
C ASN C 3 -16.42 -9.90 -12.91
N GLY C 4 -17.61 -9.36 -12.96
CA GLY C 4 -18.05 -8.41 -11.91
C GLY C 4 -16.96 -7.38 -11.63
N GLU C 5 -16.43 -6.77 -12.66
CA GLU C 5 -15.36 -5.75 -12.46
C GLU C 5 -14.21 -6.34 -11.64
N GLN C 6 -13.05 -5.75 -11.71
CA GLN C 6 -11.89 -6.27 -10.93
C GLN C 6 -12.16 -6.13 -9.44
N ASN C 7 -11.76 -7.12 -8.67
CA ASN C 7 -11.97 -7.06 -7.19
C ASN C 7 -10.69 -7.51 -6.49
N GLY C 8 -10.43 -7.02 -5.31
CA GLY C 8 -9.19 -7.43 -4.59
C GLY C 8 -9.39 -7.24 -3.08
N PRO C 9 -10.04 -8.17 -2.45
CA PRO C 9 -10.30 -8.11 -0.98
C PRO C 9 -9.02 -7.82 -0.18
N THR C 10 -7.93 -7.74 -0.85
CA THR C 10 -6.64 -7.47 -0.16
C THR C 10 -6.81 -6.26 0.76
N THR C 11 -6.47 -6.42 2.01
CA THR C 11 -6.59 -5.30 3.00
C THR C 11 -5.25 -5.12 3.70
N CYS C 12 -4.77 -3.91 3.81
CA CYS C 12 -3.46 -3.70 4.49
C CYS C 12 -3.59 -4.03 5.97
N THR C 13 -3.00 -5.13 6.36
CA THR C 13 -3.06 -5.53 7.80
C THR C 13 -2.32 -4.50 8.66
N ASN C 14 -1.62 -3.59 8.05
CA ASN C 14 -0.87 -2.56 8.84
C ASN C 14 -1.66 -1.24 8.92
N CYS C 15 -2.35 -0.86 7.87
CA CYS C 15 -3.11 0.44 7.91
C CYS C 15 -4.52 0.27 7.32
N PHE C 16 -4.93 -0.94 7.05
CA PHE C 16 -6.31 -1.18 6.51
C PHE C 16 -6.54 -0.43 5.20
N THR C 17 -5.55 0.25 4.66
CA THR C 17 -5.81 1.00 3.39
C THR C 17 -6.29 0.03 2.32
N GLN C 18 -7.38 0.34 1.66
CA GLN C 18 -7.91 -0.55 0.59
C GLN C 18 -7.53 -0.01 -0.78
N THR C 19 -6.88 1.14 -0.84
CA THR C 19 -6.49 1.73 -2.16
C THR C 19 -4.97 1.88 -2.21
N THR C 20 -4.35 1.40 -3.26
CA THR C 20 -2.86 1.52 -3.33
C THR C 20 -2.41 1.26 -4.78
N PRO C 21 -1.38 1.94 -5.26
CA PRO C 21 -0.88 1.76 -6.65
C PRO C 21 -0.32 0.35 -6.86
N VAL C 22 0.05 -0.32 -5.80
CA VAL C 22 0.60 -1.71 -5.94
C VAL C 22 0.65 -2.38 -4.57
N TRP C 23 0.31 -3.64 -4.52
CA TRP C 23 0.32 -4.37 -3.22
C TRP C 23 1.70 -4.95 -2.96
N ARG C 24 2.20 -4.78 -1.76
CA ARG C 24 3.55 -5.30 -1.41
C ARG C 24 3.41 -6.58 -0.60
N ARG C 25 4.47 -7.32 -0.42
CA ARG C 25 4.42 -8.58 0.37
C ARG C 25 5.60 -8.61 1.34
N ASN C 26 5.50 -9.42 2.38
CA ASN C 26 6.60 -9.48 3.39
C ASN C 26 7.01 -10.96 3.59
N PRO C 27 8.27 -11.25 3.86
CA PRO C 27 8.73 -12.66 4.08
C PRO C 27 7.81 -13.47 5.02
N GLU C 28 6.77 -12.86 5.54
CA GLU C 28 5.83 -13.57 6.44
C GLU C 28 4.61 -14.01 5.62
N GLY C 29 4.40 -13.39 4.50
CA GLY C 29 3.23 -13.73 3.63
C GLY C 29 2.04 -12.85 3.97
N GLN C 30 2.23 -11.84 4.79
CA GLN C 30 1.11 -10.93 5.15
C GLN C 30 0.99 -9.82 4.08
N PRO C 31 -0.20 -9.48 3.62
CA PRO C 31 -0.37 -8.42 2.58
C PRO C 31 -0.18 -7.00 3.14
N LEU C 32 0.44 -6.13 2.38
CA LEU C 32 0.67 -4.72 2.85
C LEU C 32 0.50 -3.75 1.68
N CYS C 33 0.07 -2.54 1.95
CA CYS C 33 -0.09 -1.54 0.86
C CYS C 33 1.29 -1.03 0.43
N ASN C 34 1.34 -0.07 -0.47
CA ASN C 34 2.67 0.43 -0.93
C ASN C 34 3.36 1.27 0.14
N ALA C 35 2.64 2.13 0.81
CA ALA C 35 3.29 3.00 1.85
C ALA C 35 3.83 2.18 3.02
N CYS C 36 3.04 1.33 3.62
CA CYS C 36 3.55 0.54 4.80
C CYS C 36 4.77 -0.30 4.41
N GLY C 37 4.71 -0.95 3.29
CA GLY C 37 5.86 -1.80 2.87
C GLY C 37 7.11 -0.93 2.66
N LEU C 38 6.94 0.19 2.02
CA LEU C 38 8.11 1.08 1.76
C LEU C 38 8.65 1.69 3.06
N PHE C 39 7.82 2.30 3.85
CA PHE C 39 8.31 2.91 5.11
C PHE C 39 8.68 1.82 6.14
N LEU C 40 7.85 0.84 6.30
CA LEU C 40 8.15 -0.21 7.32
C LEU C 40 9.48 -0.88 6.98
N LYS C 41 9.67 -1.30 5.76
CA LYS C 41 10.96 -1.96 5.40
C LYS C 41 12.14 -0.99 5.60
N LEU C 42 12.01 0.23 5.15
CA LEU C 42 13.14 1.21 5.29
C LEU C 42 13.36 1.62 6.75
N HIS C 43 12.32 1.84 7.51
CA HIS C 43 12.51 2.30 8.92
C HIS C 43 12.63 1.11 9.88
N GLY C 44 11.91 0.04 9.67
CA GLY C 44 12.03 -1.12 10.59
C GLY C 44 11.39 -0.82 11.95
N VAL C 45 10.70 0.29 12.11
CA VAL C 45 10.07 0.60 13.42
C VAL C 45 8.68 1.22 13.22
N VAL C 46 7.77 0.92 14.12
CA VAL C 46 6.39 1.47 14.00
C VAL C 46 6.43 3.00 13.96
N ARG C 47 5.46 3.59 13.31
CA ARG C 47 5.39 5.07 13.21
C ARG C 47 3.91 5.46 13.17
N PRO C 48 3.48 6.49 13.89
CA PRO C 48 2.05 6.91 13.91
C PRO C 48 1.33 6.64 12.58
N LEU C 49 0.54 5.60 12.53
CA LEU C 49 -0.21 5.30 11.28
C LEU C 49 -1.15 6.47 10.98
N SER C 50 -1.41 7.30 11.95
CA SER C 50 -2.32 8.46 11.73
C SER C 50 -1.79 9.31 10.57
N LEU C 51 -0.61 9.02 10.08
CA LEU C 51 -0.07 9.81 8.95
C LEU C 51 -0.82 9.38 7.69
N LYS C 52 -1.07 8.11 7.58
CA LYS C 52 -1.81 7.59 6.40
C LYS C 52 -3.08 8.43 6.18
N THR C 53 -3.65 8.32 5.02
CA THR C 53 -4.91 9.07 4.72
C THR C 53 -5.70 8.27 3.69
N ASP C 54 -6.92 8.64 3.42
CA ASP C 54 -7.73 7.89 2.42
C ASP C 54 -7.53 8.53 1.05
N VAL C 55 -6.68 9.53 0.98
CA VAL C 55 -6.41 10.21 -0.33
C VAL C 55 -4.93 10.07 -0.66
N ILE C 56 -4.61 9.82 -1.90
CA ILE C 56 -3.19 9.66 -2.32
C ILE C 56 -2.80 10.87 -3.20
N LYS C 57 -1.68 11.48 -2.94
CA LYS C 57 -1.29 12.65 -3.77
C LYS C 57 -0.68 12.15 -5.09
N LYS C 58 -1.15 12.65 -6.19
CA LYS C 58 -0.63 12.20 -7.51
C LYS C 58 0.59 13.02 -7.92
N ARG C 59 1.70 12.37 -8.20
CA ARG C 59 2.93 13.11 -8.61
C ARG C 59 3.01 13.11 -10.14
N ASN C 60 4.01 13.77 -10.69
CA ASN C 60 4.12 13.84 -12.17
C ASN C 60 4.65 12.53 -12.74
N ARG C 61 4.96 12.51 -14.01
CA ARG C 61 5.49 11.28 -14.65
C ARG C 61 6.51 11.65 -15.73
N ASN C 62 7.41 10.78 -16.04
CA ASN C 62 8.44 11.09 -17.08
C ASN C 62 7.87 10.83 -18.47
N SER C 63 7.97 11.79 -19.35
CA SER C 63 7.45 11.61 -20.74
C SER C 63 8.60 11.29 -21.68
N ALA C 64 8.57 10.16 -22.32
CA ALA C 64 9.67 9.79 -23.26
C ALA C 64 9.12 8.84 -24.33
N ASN C 65 9.00 9.31 -25.55
CA ASN C 65 8.47 8.43 -26.63
C ASN C 65 9.58 7.52 -27.18
N SER C 66 10.81 7.88 -26.97
CA SER C 66 11.94 7.03 -27.47
C SER C 66 13.24 7.49 -26.82
ZN ZN D . -0.70 0.09 4.63
N MET C 1 -15.33 -9.80 -14.35
CA MET C 1 -14.90 -10.66 -13.22
C MET C 1 -14.50 -9.79 -12.02
N LYS C 2 -13.57 -8.88 -12.21
CA LYS C 2 -13.14 -8.01 -11.07
C LYS C 2 -13.90 -6.68 -11.15
N ASN C 3 -14.91 -6.51 -10.35
CA ASN C 3 -15.67 -5.23 -10.38
C ASN C 3 -14.74 -4.08 -9.98
N GLY C 4 -13.92 -4.30 -8.99
CA GLY C 4 -12.98 -3.23 -8.54
C GLY C 4 -12.61 -3.49 -7.07
N GLU C 5 -13.56 -3.98 -6.31
CA GLU C 5 -13.28 -4.28 -4.87
C GLU C 5 -14.00 -5.57 -4.49
N GLN C 6 -15.31 -5.55 -4.50
CA GLN C 6 -16.12 -6.76 -4.15
C GLN C 6 -16.26 -6.87 -2.62
N ASN C 7 -16.88 -7.91 -2.14
CA ASN C 7 -17.07 -8.07 -0.66
C ASN C 7 -15.75 -8.36 0.05
N GLY C 8 -14.78 -8.90 -0.65
CA GLY C 8 -13.46 -9.23 0.00
C GLY C 8 -12.30 -8.66 -0.83
N PRO C 9 -12.11 -7.37 -0.77
CA PRO C 9 -11.02 -6.67 -1.50
C PRO C 9 -9.73 -6.59 -0.68
N THR C 10 -8.59 -6.69 -1.32
CA THR C 10 -7.31 -6.62 -0.57
C THR C 10 -7.29 -5.36 0.29
N THR C 11 -6.92 -5.48 1.54
CA THR C 11 -6.89 -4.30 2.45
C THR C 11 -5.57 -4.29 3.24
N CYS C 12 -4.98 -3.13 3.41
CA CYS C 12 -3.70 -3.06 4.16
C CYS C 12 -3.91 -3.46 5.62
N THR C 13 -3.39 -4.58 6.02
CA THR C 13 -3.56 -5.04 7.43
C THR C 13 -2.80 -4.11 8.38
N ASN C 14 -1.98 -3.22 7.87
CA ASN C 14 -1.21 -2.31 8.77
C ASN C 14 -1.88 -0.94 8.87
N CYS C 15 -2.51 -0.46 7.83
CA CYS C 15 -3.16 0.89 7.90
C CYS C 15 -4.54 0.84 7.24
N PHE C 16 -5.05 -0.34 7.00
CA PHE C 16 -6.41 -0.49 6.41
C PHE C 16 -6.50 0.19 5.04
N THR C 17 -5.45 0.78 4.55
CA THR C 17 -5.55 1.46 3.22
C THR C 17 -6.02 0.43 2.19
N GLN C 18 -7.10 0.72 1.51
CA GLN C 18 -7.65 -0.22 0.48
C GLN C 18 -7.27 0.28 -0.92
N THR C 19 -6.81 1.50 -1.02
CA THR C 19 -6.41 2.04 -2.36
C THR C 19 -4.88 2.17 -2.39
N THR C 20 -4.25 1.69 -3.42
CA THR C 20 -2.76 1.78 -3.49
C THR C 20 -2.27 1.51 -4.91
N PRO C 21 -1.19 2.13 -5.33
CA PRO C 21 -0.62 1.92 -6.69
C PRO C 21 -0.01 0.52 -6.84
N VAL C 22 0.34 -0.10 -5.75
CA VAL C 22 0.94 -1.45 -5.83
C VAL C 22 0.91 -2.13 -4.46
N TRP C 23 0.59 -3.39 -4.43
CA TRP C 23 0.52 -4.14 -3.14
C TRP C 23 1.89 -4.73 -2.80
N ARG C 24 2.34 -4.53 -1.59
CA ARG C 24 3.66 -5.07 -1.15
C ARG C 24 3.41 -6.32 -0.29
N ARG C 25 4.45 -7.06 0.02
CA ARG C 25 4.28 -8.29 0.85
C ARG C 25 5.36 -8.34 1.92
N ASN C 26 5.17 -9.14 2.94
CA ASN C 26 6.16 -9.21 4.06
C ASN C 26 6.45 -10.69 4.36
N PRO C 27 7.63 -11.03 4.84
CA PRO C 27 7.97 -12.46 5.17
C PRO C 27 6.85 -13.18 5.95
N GLU C 28 5.79 -12.50 6.29
CA GLU C 28 4.67 -13.16 7.02
C GLU C 28 3.60 -13.55 6.01
N GLY C 29 3.64 -12.95 4.85
CA GLY C 29 2.65 -13.26 3.78
C GLY C 29 1.42 -12.36 3.92
N GLN C 30 1.44 -11.40 4.81
CA GLN C 30 0.27 -10.49 4.95
C GLN C 30 0.38 -9.37 3.92
N PRO C 31 -0.72 -8.87 3.41
CA PRO C 31 -0.70 -7.77 2.38
C PRO C 31 -0.43 -6.39 3.00
N LEU C 32 0.28 -5.55 2.28
CA LEU C 32 0.58 -4.16 2.80
C LEU C 32 0.47 -3.17 1.64
N CYS C 33 0.05 -1.96 1.91
CA CYS C 33 -0.05 -0.94 0.83
C CYS C 33 1.37 -0.51 0.47
N ASN C 34 1.54 0.32 -0.52
CA ASN C 34 2.92 0.75 -0.90
C ASN C 34 3.56 1.56 0.22
N ALA C 35 2.82 2.44 0.85
CA ALA C 35 3.42 3.27 1.93
C ALA C 35 3.94 2.41 3.08
N CYS C 36 3.11 1.54 3.64
CA CYS C 36 3.59 0.70 4.78
C CYS C 36 4.79 -0.15 4.34
N GLY C 37 4.71 -0.73 3.17
CA GLY C 37 5.84 -1.58 2.71
C GLY C 37 7.12 -0.75 2.64
N LEU C 38 7.06 0.38 1.98
CA LEU C 38 8.28 1.24 1.87
C LEU C 38 8.64 1.84 3.24
N PHE C 39 7.69 2.45 3.89
CA PHE C 39 7.99 3.07 5.22
C PHE C 39 8.40 2.01 6.24
N LEU C 40 7.61 0.97 6.39
CA LEU C 40 7.94 -0.06 7.41
C LEU C 40 9.30 -0.69 7.11
N LYS C 41 9.52 -1.10 5.89
CA LYS C 41 10.83 -1.72 5.53
C LYS C 41 11.97 -0.72 5.76
N LEU C 42 11.82 0.49 5.28
CA LEU C 42 12.91 1.49 5.45
C LEU C 42 13.05 1.93 6.91
N HIS C 43 11.96 2.13 7.61
CA HIS C 43 12.06 2.60 9.03
C HIS C 43 12.30 1.41 9.96
N GLY C 44 11.57 0.34 9.80
CA GLY C 44 11.77 -0.83 10.69
C GLY C 44 11.24 -0.55 12.11
N VAL C 45 10.54 0.55 12.31
CA VAL C 45 10.03 0.86 13.68
C VAL C 45 8.60 1.42 13.61
N VAL C 46 7.78 1.03 14.54
CA VAL C 46 6.37 1.51 14.55
C VAL C 46 6.33 3.04 14.67
N ARG C 47 5.38 3.66 14.01
CA ARG C 47 5.24 5.14 14.07
C ARG C 47 3.75 5.47 13.82
N PRO C 48 3.16 6.40 14.54
CA PRO C 48 1.73 6.76 14.36
C PRO C 48 1.16 6.49 12.97
N LEU C 49 0.42 5.42 12.83
CA LEU C 49 -0.21 5.11 11.52
C LEU C 49 -1.12 6.29 11.17
N SER C 50 -1.35 7.15 12.12
CA SER C 50 -2.24 8.32 11.88
C SER C 50 -1.74 9.12 10.69
N LEU C 51 -0.58 8.77 10.16
CA LEU C 51 -0.06 9.50 8.97
C LEU C 51 -0.90 9.09 7.78
N LYS C 52 -1.24 7.83 7.71
CA LYS C 52 -2.05 7.31 6.58
C LYS C 52 -3.24 8.24 6.31
N THR C 53 -3.71 8.22 5.10
CA THR C 53 -4.90 9.05 4.71
C THR C 53 -5.66 8.28 3.63
N ASP C 54 -6.85 8.72 3.30
CA ASP C 54 -7.63 8.00 2.24
C ASP C 54 -7.46 8.74 0.91
N VAL C 55 -6.62 9.73 0.89
CA VAL C 55 -6.35 10.50 -0.36
C VAL C 55 -4.87 10.33 -0.71
N ILE C 56 -4.58 10.04 -1.95
CA ILE C 56 -3.16 9.86 -2.39
C ILE C 56 -2.79 11.01 -3.33
N LYS C 57 -1.69 11.67 -3.09
CA LYS C 57 -1.29 12.80 -3.97
C LYS C 57 -0.68 12.26 -5.26
N LYS C 58 -1.13 12.76 -6.38
CA LYS C 58 -0.59 12.26 -7.68
C LYS C 58 0.71 13.00 -8.01
N ARG C 59 1.78 12.28 -8.21
CA ARG C 59 3.08 12.92 -8.53
C ARG C 59 3.25 12.99 -10.05
N ASN C 60 4.28 13.63 -10.51
CA ASN C 60 4.48 13.75 -11.98
C ASN C 60 4.99 12.42 -12.55
N ARG C 61 5.43 12.42 -13.77
CA ARG C 61 5.92 11.15 -14.39
C ARG C 61 7.07 11.45 -15.35
N ASN C 62 7.81 10.44 -15.73
CA ASN C 62 8.96 10.65 -16.67
C ASN C 62 9.04 9.46 -17.63
N SER C 63 8.90 9.72 -18.91
CA SER C 63 8.98 8.62 -19.91
C SER C 63 9.67 9.14 -21.18
N ALA C 64 10.05 8.27 -22.07
CA ALA C 64 10.72 8.73 -23.31
C ALA C 64 9.78 9.67 -24.06
N ASN C 65 8.51 9.32 -24.15
CA ASN C 65 7.54 10.20 -24.86
C ASN C 65 7.01 11.25 -23.89
N SER C 66 7.45 11.19 -22.66
CA SER C 66 6.97 12.19 -21.65
C SER C 66 5.45 12.30 -21.71
ZN ZN D . -0.67 0.52 4.63
N MET C 1 -19.00 -14.97 -0.59
CA MET C 1 -20.41 -15.40 -0.64
C MET C 1 -20.64 -16.36 -1.82
N LYS C 2 -19.72 -16.41 -2.76
CA LYS C 2 -19.90 -17.34 -3.91
C LYS C 2 -19.20 -18.65 -3.60
N ASN C 3 -19.94 -19.65 -3.17
CA ASN C 3 -19.32 -20.96 -2.84
C ASN C 3 -18.06 -20.76 -2.00
N GLY C 4 -16.92 -21.12 -2.54
CA GLY C 4 -15.64 -20.97 -1.78
C GLY C 4 -15.51 -19.54 -1.23
N GLU C 5 -14.93 -19.43 -0.06
CA GLU C 5 -14.73 -18.08 0.56
C GLU C 5 -13.57 -18.15 1.55
N GLN C 6 -13.06 -17.03 2.00
CA GLN C 6 -11.92 -17.07 2.96
C GLN C 6 -11.83 -15.74 3.72
N ASN C 7 -11.83 -14.64 3.01
CA ASN C 7 -11.75 -13.33 3.69
C ASN C 7 -12.20 -12.21 2.74
N GLY C 8 -12.21 -10.99 3.19
CA GLY C 8 -12.62 -9.86 2.32
C GLY C 8 -11.54 -9.59 1.27
N PRO C 9 -11.80 -8.72 0.34
CA PRO C 9 -10.82 -8.37 -0.73
C PRO C 9 -9.48 -7.89 -0.16
N THR C 10 -8.54 -7.58 -1.01
CA THR C 10 -7.20 -7.13 -0.52
C THR C 10 -7.35 -5.88 0.36
N THR C 11 -6.92 -5.97 1.59
CA THR C 11 -7.03 -4.82 2.54
C THR C 11 -5.72 -4.66 3.31
N CYS C 12 -5.19 -3.46 3.40
CA CYS C 12 -3.93 -3.27 4.16
C CYS C 12 -4.18 -3.55 5.63
N THR C 13 -3.67 -4.66 6.12
CA THR C 13 -3.87 -5.02 7.54
C THR C 13 -3.12 -4.06 8.46
N ASN C 14 -2.28 -3.22 7.92
CA ASN C 14 -1.51 -2.27 8.77
C ASN C 14 -2.18 -0.90 8.78
N CYS C 15 -2.81 -0.48 7.69
CA CYS C 15 -3.46 0.87 7.69
C CYS C 15 -4.83 0.80 7.00
N PHE C 16 -5.30 -0.37 6.66
CA PHE C 16 -6.64 -0.52 6.01
C PHE C 16 -6.74 0.26 4.71
N THR C 17 -5.70 0.90 4.27
CA THR C 17 -5.81 1.67 3.00
C THR C 17 -6.31 0.74 1.89
N GLN C 18 -7.36 1.12 1.22
CA GLN C 18 -7.91 0.28 0.12
C GLN C 18 -7.45 0.85 -1.21
N THR C 19 -7.04 2.09 -1.23
CA THR C 19 -6.58 2.73 -2.49
C THR C 19 -5.05 2.76 -2.53
N THR C 20 -4.45 2.18 -3.55
CA THR C 20 -2.96 2.16 -3.61
C THR C 20 -2.50 1.85 -5.06
N PRO C 21 -1.39 2.42 -5.49
CA PRO C 21 -0.86 2.18 -6.86
C PRO C 21 -0.32 0.75 -7.02
N VAL C 22 0.01 0.12 -5.93
CA VAL C 22 0.55 -1.27 -6.02
C VAL C 22 0.52 -1.93 -4.65
N TRP C 23 0.20 -3.20 -4.63
CA TRP C 23 0.13 -3.94 -3.34
C TRP C 23 1.49 -4.59 -3.04
N ARG C 24 1.97 -4.42 -1.83
CA ARG C 24 3.28 -5.02 -1.45
C ARG C 24 3.04 -6.30 -0.67
N ARG C 25 4.07 -7.09 -0.47
CA ARG C 25 3.94 -8.37 0.30
C ARG C 25 5.04 -8.38 1.36
N ASN C 26 4.85 -9.13 2.42
CA ASN C 26 5.88 -9.18 3.51
C ASN C 26 6.29 -10.64 3.76
N PRO C 27 7.54 -10.91 4.09
CA PRO C 27 8.01 -12.30 4.37
C PRO C 27 7.04 -13.12 5.24
N GLU C 28 5.99 -12.52 5.74
CA GLU C 28 5.01 -13.27 6.57
C GLU C 28 3.82 -13.65 5.69
N GLY C 29 3.70 -13.03 4.54
CA GLY C 29 2.58 -13.34 3.61
C GLY C 29 1.39 -12.43 3.89
N GLN C 30 1.54 -11.45 4.75
CA GLN C 30 0.40 -10.54 5.03
C GLN C 30 0.37 -9.42 3.97
N PRO C 31 -0.79 -9.05 3.47
CA PRO C 31 -0.92 -7.99 2.43
C PRO C 31 -0.70 -6.58 3.00
N LEU C 32 0.00 -5.75 2.27
CA LEU C 32 0.25 -4.35 2.73
C LEU C 32 0.12 -3.39 1.54
N CYS C 33 -0.26 -2.17 1.78
CA CYS C 33 -0.37 -1.20 0.66
C CYS C 33 1.04 -0.75 0.25
N ASN C 34 1.16 0.23 -0.61
CA ASN C 34 2.52 0.66 -1.04
C ASN C 34 3.24 1.47 0.04
N ALA C 35 2.58 2.39 0.68
CA ALA C 35 3.27 3.22 1.72
C ALA C 35 3.75 2.36 2.90
N CYS C 36 2.90 1.54 3.47
CA CYS C 36 3.32 0.71 4.64
C CYS C 36 4.57 -0.09 4.30
N GLY C 37 4.67 -0.58 3.10
CA GLY C 37 5.86 -1.39 2.72
C GLY C 37 7.11 -0.50 2.64
N LEU C 38 6.99 0.65 2.05
CA LEU C 38 8.17 1.56 1.90
C LEU C 38 8.64 2.12 3.24
N PHE C 39 7.74 2.72 3.98
CA PHE C 39 8.14 3.34 5.28
C PHE C 39 8.55 2.30 6.32
N LEU C 40 7.74 1.30 6.51
CA LEU C 40 8.04 0.27 7.55
C LEU C 40 9.35 -0.46 7.26
N LYS C 41 9.53 -0.96 6.06
CA LYS C 41 10.77 -1.70 5.74
C LYS C 41 12.00 -0.76 5.84
N LEU C 42 11.87 0.44 5.36
CA LEU C 42 13.03 1.39 5.42
C LEU C 42 13.27 1.81 6.88
N HIS C 43 12.22 2.04 7.62
CA HIS C 43 12.39 2.50 9.03
C HIS C 43 12.69 1.30 9.95
N GLY C 44 12.03 0.18 9.74
CA GLY C 44 12.31 -1.00 10.60
C GLY C 44 11.76 -0.81 12.02
N VAL C 45 10.94 0.19 12.23
CA VAL C 45 10.39 0.44 13.60
C VAL C 45 8.90 0.80 13.50
N VAL C 46 8.25 0.97 14.62
CA VAL C 46 6.79 1.31 14.59
C VAL C 46 6.57 2.56 13.73
N ARG C 47 5.42 2.65 13.12
CA ARG C 47 5.11 3.83 12.24
C ARG C 47 3.88 4.56 12.80
N PRO C 48 3.92 5.87 13.00
CA PRO C 48 2.73 6.60 13.49
C PRO C 48 1.63 6.58 12.43
N LEU C 49 0.79 5.59 12.49
CA LEU C 49 -0.30 5.48 11.48
C LEU C 49 -1.15 6.76 11.54
N SER C 50 -0.88 7.60 12.50
CA SER C 50 -1.64 8.87 12.64
C SER C 50 -1.45 9.72 11.38
N LEU C 51 -0.47 9.40 10.57
CA LEU C 51 -0.25 10.19 9.33
C LEU C 51 -1.28 9.73 8.29
N LYS C 52 -1.69 8.49 8.38
CA LYS C 52 -2.69 7.90 7.43
C LYS C 52 -3.67 8.96 6.91
N THR C 53 -3.94 8.90 5.64
CA THR C 53 -4.92 9.84 5.01
C THR C 53 -5.63 9.08 3.88
N ASP C 54 -6.76 9.57 3.44
CA ASP C 54 -7.51 8.86 2.36
C ASP C 54 -7.22 9.53 1.01
N VAL C 55 -6.33 10.49 1.01
CA VAL C 55 -5.97 11.20 -0.26
C VAL C 55 -4.52 10.88 -0.63
N ILE C 56 -4.28 10.52 -1.86
CA ILE C 56 -2.89 10.19 -2.32
C ILE C 56 -2.40 11.30 -3.24
N LYS C 57 -1.18 11.74 -3.07
CA LYS C 57 -0.66 12.84 -3.92
C LYS C 57 -0.20 12.26 -5.27
N LYS C 58 -0.75 12.77 -6.34
CA LYS C 58 -0.37 12.25 -7.69
C LYS C 58 0.87 13.01 -8.19
N ARG C 59 1.91 12.31 -8.53
CA ARG C 59 3.14 12.98 -9.03
C ARG C 59 3.16 12.94 -10.55
N ASN C 60 4.17 13.52 -11.16
CA ASN C 60 4.23 13.52 -12.65
C ASN C 60 4.66 12.16 -13.16
N ARG C 61 5.06 12.10 -14.41
CA ARG C 61 5.49 10.80 -15.00
C ARG C 61 6.58 11.08 -16.02
N ASN C 62 7.22 10.05 -16.52
CA ASN C 62 8.29 10.27 -17.53
C ASN C 62 7.63 10.48 -18.90
N SER C 63 8.12 11.43 -19.66
CA SER C 63 7.52 11.69 -20.99
C SER C 63 7.84 10.52 -21.93
N ALA C 64 6.84 10.02 -22.63
CA ALA C 64 7.05 8.88 -23.57
C ALA C 64 6.51 9.27 -24.95
N ASN C 65 7.13 8.78 -25.99
CA ASN C 65 6.68 9.11 -27.38
C ASN C 65 6.51 7.81 -28.18
N SER C 66 5.42 7.69 -28.89
CA SER C 66 5.20 6.46 -29.70
C SER C 66 5.48 5.22 -28.85
ZN ZN D . -0.98 0.39 4.40
N MET C 1 -26.07 -3.84 -9.19
CA MET C 1 -26.89 -4.58 -8.20
C MET C 1 -26.15 -4.63 -6.86
N LYS C 2 -26.43 -3.69 -5.98
CA LYS C 2 -25.75 -3.71 -4.65
C LYS C 2 -24.24 -3.69 -4.87
N ASN C 3 -23.76 -2.75 -5.64
CA ASN C 3 -22.28 -2.65 -5.90
C ASN C 3 -21.67 -1.60 -4.97
N GLY C 4 -22.42 -1.14 -4.01
CA GLY C 4 -21.90 -0.11 -3.07
C GLY C 4 -20.82 -0.75 -2.19
N GLU C 5 -21.20 -1.69 -1.37
CA GLU C 5 -20.21 -2.36 -0.47
C GLU C 5 -19.69 -3.63 -1.13
N GLN C 6 -19.42 -3.60 -2.41
CA GLN C 6 -18.93 -4.82 -3.10
C GLN C 6 -17.59 -5.24 -2.50
N ASN C 7 -17.39 -6.52 -2.33
CA ASN C 7 -16.11 -7.03 -1.76
C ASN C 7 -15.21 -7.57 -2.89
N GLY C 8 -13.95 -7.74 -2.64
CA GLY C 8 -13.03 -8.26 -3.69
C GLY C 8 -11.67 -7.54 -3.62
N PRO C 9 -11.69 -6.23 -3.60
CA PRO C 9 -10.44 -5.41 -3.54
C PRO C 9 -9.46 -5.88 -2.45
N THR C 10 -8.23 -5.48 -2.56
CA THR C 10 -7.20 -5.88 -1.55
C THR C 10 -7.30 -4.94 -0.32
N THR C 11 -6.72 -5.32 0.79
CA THR C 11 -6.78 -4.46 2.01
C THR C 11 -5.38 -4.38 2.66
N CYS C 12 -5.02 -3.23 3.15
CA CYS C 12 -3.68 -3.08 3.81
C CYS C 12 -3.82 -3.40 5.30
N THR C 13 -3.26 -4.50 5.73
CA THR C 13 -3.34 -4.89 7.16
C THR C 13 -2.56 -3.89 8.02
N ASN C 14 -1.77 -3.03 7.43
CA ASN C 14 -0.98 -2.06 8.25
C ASN C 14 -1.68 -0.69 8.32
N CYS C 15 -2.38 -0.29 7.29
CA CYS C 15 -3.07 1.05 7.34
C CYS C 15 -4.47 0.97 6.73
N PHE C 16 -4.96 -0.22 6.51
CA PHE C 16 -6.34 -0.38 5.97
C PHE C 16 -6.53 0.36 4.65
N THR C 17 -5.53 1.04 4.15
CA THR C 17 -5.73 1.77 2.87
C THR C 17 -6.18 0.77 1.80
N GLN C 18 -7.24 1.09 1.09
CA GLN C 18 -7.74 0.18 0.03
C GLN C 18 -7.37 0.73 -1.35
N THR C 19 -6.80 1.91 -1.39
CA THR C 19 -6.41 2.53 -2.69
C THR C 19 -4.87 2.62 -2.76
N THR C 20 -4.28 2.09 -3.79
CA THR C 20 -2.79 2.14 -3.89
C THR C 20 -2.35 1.82 -5.32
N PRO C 21 -1.29 2.42 -5.80
CA PRO C 21 -0.77 2.16 -7.18
C PRO C 21 -0.20 0.74 -7.32
N VAL C 22 0.16 0.13 -6.23
CA VAL C 22 0.73 -1.24 -6.29
C VAL C 22 0.68 -1.90 -4.92
N TRP C 23 0.44 -3.17 -4.87
CA TRP C 23 0.36 -3.90 -3.56
C TRP C 23 1.70 -4.54 -3.23
N ARG C 24 2.16 -4.34 -2.02
CA ARG C 24 3.46 -4.93 -1.57
C ARG C 24 3.17 -6.17 -0.72
N ARG C 25 4.18 -6.92 -0.38
CA ARG C 25 3.98 -8.15 0.47
C ARG C 25 5.03 -8.18 1.58
N ASN C 26 4.76 -8.94 2.61
CA ASN C 26 5.69 -9.05 3.76
C ASN C 26 6.18 -10.50 3.87
N PRO C 27 7.40 -10.76 4.30
CA PRO C 27 7.91 -12.15 4.42
C PRO C 27 6.92 -13.07 5.18
N GLU C 28 5.82 -12.55 5.64
CA GLU C 28 4.81 -13.40 6.35
C GLU C 28 3.65 -13.69 5.40
N GLY C 29 3.64 -13.05 4.25
CA GLY C 29 2.56 -13.27 3.26
C GLY C 29 1.37 -12.34 3.54
N GLN C 30 1.55 -11.34 4.36
CA GLN C 30 0.43 -10.40 4.66
C GLN C 30 0.38 -9.32 3.56
N PRO C 31 -0.79 -8.87 3.18
CA PRO C 31 -0.94 -7.82 2.11
C PRO C 31 -0.65 -6.41 2.64
N LEU C 32 0.18 -5.66 1.94
CA LEU C 32 0.52 -4.26 2.38
C LEU C 32 0.42 -3.31 1.20
N CYS C 33 0.03 -2.07 1.44
CA CYS C 33 -0.06 -1.08 0.33
C CYS C 33 1.35 -0.64 -0.05
N ASN C 34 1.49 0.29 -0.96
CA ASN C 34 2.84 0.74 -1.38
C ASN C 34 3.52 1.55 -0.27
N ALA C 35 2.81 2.43 0.38
CA ALA C 35 3.44 3.27 1.45
C ALA C 35 3.96 2.41 2.61
N CYS C 36 3.14 1.54 3.15
CA CYS C 36 3.61 0.71 4.31
C CYS C 36 4.82 -0.13 3.91
N GLY C 37 4.77 -0.75 2.77
CA GLY C 37 5.92 -1.60 2.33
C GLY C 37 7.17 -0.73 2.17
N LEU C 38 7.06 0.37 1.47
CA LEU C 38 8.23 1.25 1.27
C LEU C 38 8.64 1.87 2.61
N PHE C 39 7.71 2.49 3.27
CA PHE C 39 8.01 3.17 4.56
C PHE C 39 8.43 2.16 5.64
N LEU C 40 7.66 1.13 5.85
CA LEU C 40 8.00 0.15 6.91
C LEU C 40 9.36 -0.50 6.60
N LYS C 41 9.55 -0.95 5.40
CA LYS C 41 10.86 -1.58 5.05
C LYS C 41 12.00 -0.58 5.25
N LEU C 42 11.83 0.63 4.76
CA LEU C 42 12.91 1.64 4.91
C LEU C 42 13.05 2.08 6.36
N HIS C 43 11.96 2.31 7.05
CA HIS C 43 12.06 2.78 8.47
C HIS C 43 12.26 1.60 9.42
N GLY C 44 11.50 0.54 9.27
CA GLY C 44 11.70 -0.64 10.17
C GLY C 44 11.21 -0.35 11.59
N VAL C 45 10.51 0.74 11.81
CA VAL C 45 10.02 1.05 13.18
C VAL C 45 8.61 1.63 13.11
N VAL C 46 7.79 1.34 14.08
CA VAL C 46 6.39 1.86 14.07
C VAL C 46 6.40 3.38 13.92
N ARG C 47 5.41 3.92 13.26
CA ARG C 47 5.33 5.40 13.09
C ARG C 47 3.84 5.78 12.99
N PRO C 48 3.38 6.77 13.73
CA PRO C 48 1.95 7.20 13.70
C PRO C 48 1.27 6.96 12.34
N LEU C 49 0.48 5.92 12.26
CA LEU C 49 -0.24 5.63 10.99
C LEU C 49 -1.12 6.84 10.64
N SER C 50 -1.33 7.71 11.58
CA SER C 50 -2.19 8.90 11.32
C SER C 50 -1.63 9.66 10.10
N LEU C 51 -0.49 9.28 9.62
CA LEU C 51 0.07 9.96 8.42
C LEU C 51 -0.76 9.54 7.22
N LYS C 52 -1.12 8.28 7.17
CA LYS C 52 -1.94 7.76 6.05
C LYS C 52 -3.09 8.73 5.74
N THR C 53 -3.58 8.71 4.52
CA THR C 53 -4.71 9.59 4.13
C THR C 53 -5.54 8.88 3.06
N ASP C 54 -6.72 9.37 2.76
CA ASP C 54 -7.56 8.71 1.73
C ASP C 54 -7.27 9.34 0.37
N VAL C 55 -6.47 10.38 0.36
CA VAL C 55 -6.12 11.07 -0.92
C VAL C 55 -4.64 10.81 -1.21
N ILE C 56 -4.34 10.45 -2.44
CA ILE C 56 -2.92 10.18 -2.83
C ILE C 56 -2.44 11.30 -3.75
N LYS C 57 -1.25 11.80 -3.54
CA LYS C 57 -0.76 12.91 -4.41
C LYS C 57 -0.25 12.30 -5.72
N LYS C 58 -0.75 12.76 -6.83
CA LYS C 58 -0.31 12.19 -8.14
C LYS C 58 0.95 12.90 -8.62
N ARG C 59 1.99 12.16 -8.89
CA ARG C 59 3.27 12.77 -9.36
C ARG C 59 3.32 12.70 -10.89
N ASN C 60 4.32 13.30 -11.48
CA ASN C 60 4.41 13.29 -12.97
C ASN C 60 4.93 11.93 -13.43
N ARG C 61 5.33 11.83 -14.67
CA ARG C 61 5.86 10.53 -15.18
C ARG C 61 6.95 10.79 -16.21
N ASN C 62 7.90 9.90 -16.32
CA ASN C 62 9.01 10.09 -17.31
C ASN C 62 8.59 9.48 -18.66
N SER C 63 8.78 10.20 -19.72
CA SER C 63 8.37 9.67 -21.07
C SER C 63 9.51 8.82 -21.65
N ALA C 64 10.08 7.96 -20.87
CA ALA C 64 11.19 7.11 -21.40
C ALA C 64 12.25 8.01 -22.03
N ASN C 65 12.35 9.23 -21.58
CA ASN C 65 13.36 10.16 -22.15
C ASN C 65 13.63 11.28 -21.14
N SER C 66 14.86 11.66 -20.98
CA SER C 66 15.19 12.76 -20.02
C SER C 66 16.51 13.41 -20.44
ZN ZN D . -0.66 0.53 4.09
N MET C 1 -13.57 -25.37 -1.11
CA MET C 1 -14.16 -25.04 -2.44
C MET C 1 -13.69 -23.64 -2.86
N LYS C 2 -12.97 -23.55 -3.93
CA LYS C 2 -12.50 -22.20 -4.38
C LYS C 2 -11.85 -21.45 -3.21
N ASN C 3 -12.05 -20.16 -3.13
CA ASN C 3 -11.44 -19.38 -2.00
C ASN C 3 -12.39 -18.25 -1.59
N GLY C 4 -13.14 -18.45 -0.52
CA GLY C 4 -14.08 -17.40 -0.05
C GLY C 4 -13.32 -16.34 0.74
N GLU C 5 -12.19 -15.92 0.24
CA GLU C 5 -11.37 -14.88 0.95
C GLU C 5 -11.07 -15.32 2.38
N GLN C 6 -10.00 -14.84 2.95
CA GLN C 6 -9.66 -15.19 4.35
C GLN C 6 -10.07 -14.02 5.25
N ASN C 7 -9.87 -12.82 4.78
CA ASN C 7 -10.24 -11.61 5.58
C ASN C 7 -10.64 -10.48 4.63
N GLY C 8 -11.92 -10.27 4.45
CA GLY C 8 -12.39 -9.18 3.54
C GLY C 8 -11.57 -9.19 2.25
N PRO C 9 -11.65 -8.13 1.47
CA PRO C 9 -10.89 -8.03 0.19
C PRO C 9 -9.46 -7.55 0.43
N THR C 10 -8.76 -7.24 -0.63
CA THR C 10 -7.35 -6.76 -0.45
C THR C 10 -7.38 -5.47 0.38
N THR C 11 -6.94 -5.54 1.60
CA THR C 11 -6.93 -4.33 2.47
C THR C 11 -5.61 -4.26 3.23
N CYS C 12 -4.98 -3.12 3.25
CA CYS C 12 -3.67 -3.02 3.96
C CYS C 12 -3.82 -3.42 5.43
N THR C 13 -3.24 -4.51 5.81
CA THR C 13 -3.34 -4.98 7.22
C THR C 13 -2.61 -4.02 8.16
N ASN C 14 -1.85 -3.09 7.64
CA ASN C 14 -1.11 -2.15 8.53
C ASN C 14 -1.83 -0.80 8.61
N CYS C 15 -2.49 -0.38 7.56
CA CYS C 15 -3.17 0.96 7.61
C CYS C 15 -4.55 0.87 6.96
N PHE C 16 -5.01 -0.32 6.70
CA PHE C 16 -6.35 -0.48 6.08
C PHE C 16 -6.48 0.26 4.75
N THR C 17 -5.44 0.85 4.24
CA THR C 17 -5.59 1.58 2.96
C THR C 17 -6.10 0.61 1.88
N GLN C 18 -7.16 0.97 1.21
CA GLN C 18 -7.72 0.11 0.13
C GLN C 18 -7.34 0.68 -1.23
N THR C 19 -6.86 1.90 -1.25
CA THR C 19 -6.45 2.54 -2.53
C THR C 19 -4.93 2.67 -2.56
N THR C 20 -4.30 2.16 -3.58
CA THR C 20 -2.81 2.25 -3.64
C THR C 20 -2.33 1.97 -5.07
N PRO C 21 -1.23 2.57 -5.47
CA PRO C 21 -0.65 2.36 -6.82
C PRO C 21 -0.11 0.94 -6.99
N VAL C 22 0.21 0.27 -5.92
CA VAL C 22 0.75 -1.11 -6.04
C VAL C 22 0.76 -1.81 -4.69
N TRP C 23 0.37 -3.06 -4.66
CA TRP C 23 0.34 -3.83 -3.39
C TRP C 23 1.71 -4.46 -3.11
N ARG C 24 2.16 -4.37 -1.89
CA ARG C 24 3.49 -4.94 -1.53
C ARG C 24 3.30 -6.29 -0.80
N ARG C 25 4.36 -7.04 -0.66
CA ARG C 25 4.28 -8.35 0.05
C ARG C 25 5.22 -8.29 1.26
N ASN C 26 4.90 -8.99 2.31
CA ASN C 26 5.75 -8.96 3.55
C ASN C 26 6.28 -10.36 3.85
N PRO C 27 7.48 -10.50 4.37
CA PRO C 27 8.03 -11.85 4.73
C PRO C 27 7.02 -12.72 5.47
N GLU C 28 5.89 -12.16 5.86
CA GLU C 28 4.85 -12.96 6.58
C GLU C 28 3.73 -13.35 5.62
N GLY C 29 3.70 -12.74 4.47
CA GLY C 29 2.64 -13.03 3.47
C GLY C 29 1.42 -12.14 3.77
N GLN C 30 1.58 -11.16 4.60
CA GLN C 30 0.46 -10.23 4.91
C GLN C 30 0.47 -9.07 3.90
N PRO C 31 -0.55 -8.92 3.06
CA PRO C 31 -0.58 -7.81 2.07
C PRO C 31 -0.40 -6.42 2.69
N LEU C 32 0.31 -5.55 2.03
CA LEU C 32 0.53 -4.17 2.54
C LEU C 32 0.43 -3.16 1.38
N CYS C 33 0.05 -1.94 1.67
CA CYS C 33 -0.05 -0.92 0.59
C CYS C 33 1.37 -0.47 0.22
N ASN C 34 1.51 0.44 -0.71
CA ASN C 34 2.88 0.86 -1.08
C ASN C 34 3.55 1.62 0.07
N ALA C 35 2.83 2.49 0.74
CA ALA C 35 3.46 3.27 1.85
C ALA C 35 3.94 2.38 3.01
N CYS C 36 3.11 1.51 3.54
CA CYS C 36 3.57 0.66 4.68
C CYS C 36 4.76 -0.18 4.26
N GLY C 37 4.73 -0.77 3.10
CA GLY C 37 5.88 -1.60 2.68
C GLY C 37 7.13 -0.75 2.54
N LEU C 38 7.02 0.36 1.85
CA LEU C 38 8.22 1.23 1.68
C LEU C 38 8.63 1.84 3.03
N PHE C 39 7.69 2.40 3.74
CA PHE C 39 8.03 3.04 5.05
C PHE C 39 8.43 2.01 6.10
N LEU C 40 7.66 0.96 6.27
CA LEU C 40 7.98 -0.04 7.32
C LEU C 40 9.36 -0.67 7.08
N LYS C 41 9.66 -1.10 5.89
CA LYS C 41 10.98 -1.74 5.64
C LYS C 41 12.13 -0.74 5.90
N LEU C 42 12.02 0.45 5.40
CA LEU C 42 13.10 1.46 5.58
C LEU C 42 13.19 1.89 7.04
N HIS C 43 12.07 2.06 7.71
CA HIS C 43 12.10 2.51 9.12
C HIS C 43 12.34 1.34 10.08
N GLY C 44 11.67 0.22 9.89
CA GLY C 44 11.91 -0.94 10.79
C GLY C 44 11.31 -0.70 12.18
N VAL C 45 10.57 0.37 12.37
CA VAL C 45 9.97 0.64 13.71
C VAL C 45 8.56 1.20 13.56
N VAL C 46 7.67 0.81 14.42
CA VAL C 46 6.26 1.31 14.33
C VAL C 46 6.25 2.84 14.31
N ARG C 47 5.36 3.41 13.54
CA ARG C 47 5.27 4.89 13.45
C ARG C 47 3.78 5.27 13.38
N PRO C 48 3.34 6.28 14.11
CA PRO C 48 1.92 6.71 14.09
C PRO C 48 1.22 6.51 12.74
N LEU C 49 0.47 5.45 12.63
CA LEU C 49 -0.27 5.18 11.36
C LEU C 49 -1.22 6.35 11.10
N SER C 50 -1.40 7.19 12.08
CA SER C 50 -2.32 8.37 11.91
C SER C 50 -1.80 9.24 10.77
N LEU C 51 -0.62 8.96 10.29
CA LEU C 51 -0.04 9.78 9.19
C LEU C 51 -0.76 9.43 7.89
N LYS C 52 -1.06 8.17 7.71
CA LYS C 52 -1.75 7.73 6.47
C LYS C 52 -2.92 8.66 6.15
N THR C 53 -3.37 8.63 4.92
CA THR C 53 -4.52 9.47 4.51
C THR C 53 -5.32 8.74 3.44
N ASP C 54 -6.53 9.15 3.20
CA ASP C 54 -7.37 8.46 2.18
C ASP C 54 -7.17 9.17 0.83
N VAL C 55 -6.37 10.20 0.83
CA VAL C 55 -6.07 10.95 -0.43
C VAL C 55 -4.60 10.74 -0.78
N ILE C 56 -4.32 10.47 -2.04
CA ILE C 56 -2.91 10.25 -2.48
C ILE C 56 -2.48 11.38 -3.42
N LYS C 57 -1.34 11.98 -3.16
CA LYS C 57 -0.86 13.08 -4.03
C LYS C 57 -0.21 12.48 -5.28
N LYS C 58 -0.63 12.89 -6.44
CA LYS C 58 -0.02 12.34 -7.70
C LYS C 58 1.21 13.16 -8.07
N ARG C 59 2.32 12.49 -8.28
CA ARG C 59 3.57 13.22 -8.66
C ARG C 59 3.75 13.13 -10.17
N ASN C 60 4.82 13.66 -10.67
CA ASN C 60 5.05 13.67 -12.14
C ASN C 60 5.39 12.28 -12.68
N ARG C 61 5.50 12.18 -13.98
CA ARG C 61 5.82 10.88 -14.62
C ARG C 61 6.80 11.11 -15.77
N ASN C 62 7.77 10.25 -15.93
CA ASN C 62 8.74 10.42 -17.04
C ASN C 62 8.27 9.57 -18.22
N SER C 63 8.00 10.20 -19.33
CA SER C 63 7.53 9.44 -20.53
C SER C 63 8.18 10.02 -21.79
N ALA C 64 8.74 11.19 -21.67
CA ALA C 64 9.39 11.83 -22.85
C ALA C 64 10.90 11.60 -22.77
N ASN C 65 11.38 10.53 -23.37
CA ASN C 65 12.85 10.24 -23.34
C ASN C 65 13.23 9.44 -24.58
N SER C 66 14.33 9.79 -25.21
CA SER C 66 14.77 9.05 -26.43
C SER C 66 13.65 9.10 -27.48
ZN ZN D . -0.67 0.56 4.39
N MET C 1 -24.64 -11.76 -1.21
CA MET C 1 -26.12 -11.50 -1.20
C MET C 1 -26.54 -10.98 -2.57
N LYS C 2 -26.05 -11.60 -3.63
CA LYS C 2 -26.41 -11.13 -5.00
C LYS C 2 -25.90 -9.71 -5.17
N ASN C 3 -25.27 -9.17 -4.16
CA ASN C 3 -24.74 -7.79 -4.24
C ASN C 3 -23.25 -7.85 -4.59
N GLY C 4 -22.94 -8.18 -5.81
CA GLY C 4 -21.51 -8.27 -6.21
C GLY C 4 -20.84 -6.91 -6.04
N GLU C 5 -21.50 -5.85 -6.44
CA GLU C 5 -20.93 -4.49 -6.32
C GLU C 5 -19.43 -4.52 -6.66
N GLN C 6 -18.61 -3.96 -5.83
CA GLN C 6 -17.14 -3.95 -6.08
C GLN C 6 -16.48 -4.98 -5.16
N ASN C 7 -15.84 -5.97 -5.72
CA ASN C 7 -15.16 -7.01 -4.88
C ASN C 7 -13.98 -7.58 -5.66
N GLY C 8 -12.88 -7.81 -5.00
CA GLY C 8 -11.69 -8.37 -5.71
C GLY C 8 -10.41 -7.69 -5.20
N PRO C 9 -10.44 -6.40 -4.99
CA PRO C 9 -9.25 -5.64 -4.51
C PRO C 9 -8.64 -6.25 -3.24
N THR C 10 -7.36 -6.07 -3.08
CA THR C 10 -6.66 -6.59 -1.87
C THR C 10 -6.89 -5.59 -0.72
N THR C 11 -6.56 -5.95 0.49
CA THR C 11 -6.77 -5.03 1.67
C THR C 11 -5.47 -4.91 2.48
N CYS C 12 -5.13 -3.72 2.90
CA CYS C 12 -3.87 -3.55 3.71
C CYS C 12 -4.14 -3.92 5.17
N THR C 13 -3.60 -5.04 5.58
CA THR C 13 -3.79 -5.49 6.98
C THR C 13 -3.11 -4.52 7.95
N ASN C 14 -2.33 -3.60 7.45
CA ASN C 14 -1.62 -2.65 8.36
C ASN C 14 -2.33 -1.30 8.43
N CYS C 15 -2.94 -0.84 7.36
CA CYS C 15 -3.63 0.50 7.41
C CYS C 15 -4.99 0.45 6.70
N PHE C 16 -5.44 -0.73 6.35
CA PHE C 16 -6.77 -0.86 5.68
C PHE C 16 -6.84 -0.09 4.36
N THR C 17 -5.78 0.53 3.93
CA THR C 17 -5.85 1.30 2.65
C THR C 17 -6.35 0.36 1.54
N GLN C 18 -7.39 0.74 0.86
CA GLN C 18 -7.92 -0.10 -0.25
C GLN C 18 -7.45 0.49 -1.58
N THR C 19 -6.99 1.72 -1.55
CA THR C 19 -6.50 2.39 -2.79
C THR C 19 -4.98 2.45 -2.76
N THR C 20 -4.34 1.92 -3.78
CA THR C 20 -2.85 1.97 -3.81
C THR C 20 -2.36 1.65 -5.22
N PRO C 21 -1.27 2.26 -5.65
CA PRO C 21 -0.70 2.01 -7.01
C PRO C 21 -0.11 0.59 -7.14
N VAL C 22 0.20 -0.03 -6.04
CA VAL C 22 0.79 -1.40 -6.11
C VAL C 22 0.75 -2.06 -4.74
N TRP C 23 0.64 -3.36 -4.71
CA TRP C 23 0.59 -4.11 -3.42
C TRP C 23 1.96 -4.69 -3.08
N ARG C 24 2.40 -4.46 -1.87
CA ARG C 24 3.73 -4.99 -1.41
C ARG C 24 3.48 -6.24 -0.57
N ARG C 25 4.52 -6.97 -0.26
CA ARG C 25 4.35 -8.20 0.57
C ARG C 25 5.46 -8.23 1.63
N ASN C 26 5.26 -8.98 2.68
CA ASN C 26 6.28 -9.06 3.78
C ASN C 26 6.60 -10.54 4.00
N PRO C 27 7.82 -10.89 4.36
CA PRO C 27 8.20 -12.31 4.61
C PRO C 27 7.16 -13.11 5.40
N GLU C 28 6.09 -12.50 5.85
CA GLU C 28 5.03 -13.25 6.58
C GLU C 28 3.91 -13.62 5.60
N GLY C 29 3.91 -12.99 4.45
CA GLY C 29 2.87 -13.28 3.42
C GLY C 29 1.64 -12.41 3.64
N GLN C 30 1.70 -11.49 4.57
CA GLN C 30 0.52 -10.61 4.81
C GLN C 30 0.51 -9.50 3.75
N PRO C 31 -0.62 -9.11 3.23
CA PRO C 31 -0.71 -8.03 2.20
C PRO C 31 -0.47 -6.64 2.79
N LEU C 32 0.32 -5.83 2.12
CA LEU C 32 0.58 -4.45 2.62
C LEU C 32 0.49 -3.48 1.43
N CYS C 33 -0.01 -2.29 1.65
CA CYS C 33 -0.11 -1.31 0.54
C CYS C 33 1.30 -0.79 0.23
N ASN C 34 1.43 0.15 -0.67
CA ASN C 34 2.80 0.66 -1.01
C ASN C 34 3.41 1.46 0.15
N ALA C 35 2.70 2.35 0.75
CA ALA C 35 3.31 3.16 1.85
C ALA C 35 3.73 2.28 3.04
N CYS C 36 2.86 1.44 3.54
CA CYS C 36 3.26 0.59 4.70
C CYS C 36 4.51 -0.22 4.36
N GLY C 37 4.58 -0.72 3.16
CA GLY C 37 5.77 -1.54 2.76
C GLY C 37 7.03 -0.68 2.72
N LEU C 38 6.97 0.44 2.06
CA LEU C 38 8.17 1.31 1.96
C LEU C 38 8.58 1.86 3.32
N PHE C 39 7.65 2.41 4.06
CA PHE C 39 8.00 3.00 5.38
C PHE C 39 8.37 1.91 6.39
N LEU C 40 7.53 0.90 6.51
CA LEU C 40 7.80 -0.18 7.50
C LEU C 40 9.13 -0.87 7.22
N LYS C 41 9.36 -1.29 6.00
CA LYS C 41 10.64 -1.97 5.70
C LYS C 41 11.82 -1.01 5.91
N LEU C 42 11.67 0.23 5.50
CA LEU C 42 12.79 1.18 5.67
C LEU C 42 13.00 1.51 7.15
N HIS C 43 11.94 1.67 7.91
CA HIS C 43 12.11 2.02 9.35
C HIS C 43 12.26 0.77 10.22
N GLY C 44 11.56 -0.30 9.91
CA GLY C 44 11.70 -1.53 10.75
C GLY C 44 11.04 -1.33 12.12
N VAL C 45 10.31 -0.26 12.31
CA VAL C 45 9.65 -0.03 13.63
C VAL C 45 8.26 0.56 13.44
N VAL C 46 7.34 0.17 14.27
CA VAL C 46 5.95 0.70 14.15
C VAL C 46 6.00 2.22 14.23
N ARG C 47 5.17 2.87 13.45
CA ARG C 47 5.11 4.35 13.44
C ARG C 47 3.63 4.75 13.35
N PRO C 48 3.19 5.73 14.08
CA PRO C 48 1.75 6.15 14.07
C PRO C 48 1.08 5.98 12.71
N LEU C 49 0.26 4.97 12.57
CA LEU C 49 -0.45 4.78 11.28
C LEU C 49 -1.26 6.04 11.00
N SER C 50 -1.32 6.91 11.97
CA SER C 50 -2.09 8.18 11.80
C SER C 50 -1.54 8.94 10.59
N LEU C 51 -0.43 8.50 10.06
CA LEU C 51 0.15 9.18 8.86
C LEU C 51 -0.68 8.82 7.64
N LYS C 52 -1.09 7.58 7.56
CA LYS C 52 -1.91 7.12 6.40
C LYS C 52 -3.12 8.03 6.18
N THR C 53 -3.63 8.07 4.98
CA THR C 53 -4.84 8.90 4.68
C THR C 53 -5.61 8.24 3.53
N ASP C 54 -6.78 8.74 3.23
CA ASP C 54 -7.60 8.14 2.13
C ASP C 54 -7.32 8.87 0.81
N VAL C 55 -6.43 9.83 0.84
CA VAL C 55 -6.10 10.59 -0.41
C VAL C 55 -4.62 10.35 -0.76
N ILE C 56 -4.33 10.07 -2.00
CA ILE C 56 -2.92 9.83 -2.42
C ILE C 56 -2.44 11.03 -3.24
N LYS C 57 -1.23 11.46 -3.01
CA LYS C 57 -0.71 12.63 -3.76
C LYS C 57 -0.26 12.16 -5.14
N LYS C 58 -0.83 12.70 -6.19
CA LYS C 58 -0.42 12.27 -7.56
C LYS C 58 0.83 13.05 -7.95
N ARG C 59 1.91 12.37 -8.21
CA ARG C 59 3.18 13.05 -8.58
C ARG C 59 3.33 13.03 -10.10
N ASN C 60 4.40 13.59 -10.60
CA ASN C 60 4.61 13.64 -12.07
C ASN C 60 4.96 12.25 -12.62
N ARG C 61 5.31 12.19 -13.87
CA ARG C 61 5.66 10.88 -14.50
C ARG C 61 6.86 11.10 -15.44
N ASN C 62 7.61 10.08 -15.72
CA ASN C 62 8.78 10.23 -16.62
C ASN C 62 9.02 8.92 -17.37
N SER C 63 7.99 8.14 -17.55
CA SER C 63 8.14 6.84 -18.26
C SER C 63 8.56 7.09 -19.71
N ALA C 64 7.97 8.06 -20.35
CA ALA C 64 8.34 8.34 -21.77
C ALA C 64 9.57 9.23 -21.81
N ASN C 65 10.62 8.79 -22.44
CA ASN C 65 11.86 9.61 -22.51
C ASN C 65 12.30 10.02 -21.10
N SER C 66 12.40 11.29 -20.84
CA SER C 66 12.82 11.75 -19.49
C SER C 66 12.30 13.17 -19.26
ZN ZN D . -1.03 0.19 4.26
N MET C 1 -22.29 -4.58 -15.70
CA MET C 1 -21.99 -6.00 -16.04
C MET C 1 -20.50 -6.24 -15.93
N LYS C 2 -19.84 -5.61 -15.00
CA LYS C 2 -18.38 -5.82 -14.84
C LYS C 2 -18.15 -7.24 -14.32
N ASN C 3 -17.11 -7.89 -14.76
CA ASN C 3 -16.87 -9.27 -14.30
C ASN C 3 -16.18 -9.26 -12.93
N GLY C 4 -16.90 -9.66 -11.89
CA GLY C 4 -16.30 -9.69 -10.53
C GLY C 4 -15.97 -8.27 -10.04
N GLU C 5 -15.25 -8.16 -8.97
CA GLU C 5 -14.88 -6.81 -8.43
C GLU C 5 -13.44 -6.86 -7.90
N GLN C 6 -12.76 -5.74 -7.90
CA GLN C 6 -11.35 -5.73 -7.38
C GLN C 6 -11.38 -5.45 -5.88
N ASN C 7 -12.53 -5.13 -5.36
CA ASN C 7 -12.63 -4.85 -3.90
C ASN C 7 -12.81 -6.17 -3.16
N GLY C 8 -11.74 -6.90 -2.99
CA GLY C 8 -11.82 -8.21 -2.27
C GLY C 8 -11.32 -8.01 -0.85
N PRO C 9 -11.20 -9.05 -0.09
CA PRO C 9 -10.70 -8.95 1.32
C PRO C 9 -9.27 -8.43 1.35
N THR C 10 -8.76 -8.07 0.21
CA THR C 10 -7.36 -7.54 0.16
C THR C 10 -7.31 -6.17 0.83
N THR C 11 -6.82 -6.12 2.03
CA THR C 11 -6.74 -4.82 2.77
C THR C 11 -5.38 -4.69 3.44
N CYS C 12 -4.85 -3.50 3.51
CA CYS C 12 -3.52 -3.31 4.17
C CYS C 12 -3.66 -3.57 5.66
N THR C 13 -3.10 -4.65 6.13
CA THR C 13 -3.21 -4.98 7.57
C THR C 13 -2.48 -3.94 8.43
N ASN C 14 -1.68 -3.09 7.84
CA ASN C 14 -0.94 -2.07 8.65
C ASN C 14 -1.65 -0.71 8.61
N CYS C 15 -2.32 -0.36 7.55
CA CYS C 15 -2.99 0.98 7.50
C CYS C 15 -4.39 0.87 6.90
N PHE C 16 -4.91 -0.31 6.74
CA PHE C 16 -6.29 -0.49 6.18
C PHE C 16 -6.46 0.16 4.80
N THR C 17 -5.44 0.73 4.23
CA THR C 17 -5.62 1.36 2.89
C THR C 17 -6.14 0.34 1.89
N GLN C 18 -7.19 0.69 1.18
CA GLN C 18 -7.77 -0.23 0.16
C GLN C 18 -7.43 0.31 -1.24
N THR C 19 -6.82 1.46 -1.31
CA THR C 19 -6.45 2.08 -2.62
C THR C 19 -4.94 2.25 -2.70
N THR C 20 -4.32 1.76 -3.74
CA THR C 20 -2.85 1.89 -3.85
C THR C 20 -2.37 1.58 -5.27
N PRO C 21 -1.31 2.20 -5.72
CA PRO C 21 -0.73 1.94 -7.08
C PRO C 21 -0.13 0.53 -7.17
N VAL C 22 0.26 -0.02 -6.06
CA VAL C 22 0.85 -1.39 -6.08
C VAL C 22 0.84 -2.00 -4.68
N TRP C 23 0.50 -3.26 -4.61
CA TRP C 23 0.44 -3.97 -3.30
C TRP C 23 1.79 -4.58 -2.95
N ARG C 24 2.26 -4.36 -1.75
CA ARG C 24 3.57 -4.91 -1.32
C ARG C 24 3.34 -6.14 -0.44
N ARG C 25 4.37 -6.90 -0.17
CA ARG C 25 4.21 -8.12 0.69
C ARG C 25 5.36 -8.17 1.69
N ASN C 26 5.19 -8.91 2.76
CA ASN C 26 6.23 -9.00 3.81
C ASN C 26 6.53 -10.48 4.09
N PRO C 27 7.73 -10.84 4.49
CA PRO C 27 8.09 -12.26 4.76
C PRO C 27 7.10 -12.95 5.71
N GLU C 28 6.09 -12.24 6.15
CA GLU C 28 5.06 -12.87 7.04
C GLU C 28 3.88 -13.27 6.14
N GLY C 29 3.85 -12.75 4.94
CA GLY C 29 2.75 -13.06 4.00
C GLY C 29 1.56 -12.15 4.30
N GLN C 30 1.77 -11.15 5.10
CA GLN C 30 0.67 -10.20 5.44
C GLN C 30 0.56 -9.16 4.32
N PRO C 31 -0.57 -9.01 3.66
CA PRO C 31 -0.70 -8.00 2.55
C PRO C 31 -0.39 -6.58 3.02
N LEU C 32 0.30 -5.82 2.21
CA LEU C 32 0.61 -4.41 2.59
C LEU C 32 0.46 -3.50 1.37
N CYS C 33 0.10 -2.25 1.60
CA CYS C 33 -0.05 -1.30 0.47
C CYS C 33 1.34 -0.85 0.01
N ASN C 34 1.41 0.15 -0.83
CA ASN C 34 2.74 0.62 -1.30
C ASN C 34 3.45 1.43 -0.21
N ALA C 35 2.75 2.30 0.46
CA ALA C 35 3.41 3.15 1.50
C ALA C 35 3.97 2.30 2.65
N CYS C 36 3.18 1.44 3.22
CA CYS C 36 3.67 0.61 4.37
C CYS C 36 4.87 -0.22 3.94
N GLY C 37 4.82 -0.81 2.77
CA GLY C 37 5.96 -1.65 2.30
C GLY C 37 7.22 -0.80 2.21
N LEU C 38 7.14 0.34 1.59
CA LEU C 38 8.35 1.21 1.46
C LEU C 38 8.74 1.80 2.81
N PHE C 39 7.81 2.39 3.50
CA PHE C 39 8.11 3.04 4.80
C PHE C 39 8.45 2.03 5.89
N LEU C 40 7.62 1.03 6.07
CA LEU C 40 7.87 0.04 7.16
C LEU C 40 9.21 -0.65 6.96
N LYS C 41 9.47 -1.16 5.80
CA LYS C 41 10.76 -1.85 5.58
C LYS C 41 11.93 -0.88 5.75
N LEU C 42 11.81 0.32 5.21
CA LEU C 42 12.95 1.27 5.33
C LEU C 42 13.10 1.75 6.78
N HIS C 43 12.02 2.00 7.46
CA HIS C 43 12.12 2.49 8.88
C HIS C 43 12.25 1.33 9.86
N GLY C 44 11.62 0.22 9.62
CA GLY C 44 11.74 -0.92 10.58
C GLY C 44 11.01 -0.61 11.88
N VAL C 45 10.29 0.49 11.96
CA VAL C 45 9.55 0.83 13.23
C VAL C 45 8.19 1.42 12.90
N VAL C 46 7.21 1.10 13.71
CA VAL C 46 5.83 1.62 13.50
C VAL C 46 5.83 3.14 13.48
N ARG C 47 4.88 3.73 12.79
CA ARG C 47 4.78 5.22 12.72
C ARG C 47 3.31 5.60 12.72
N PRO C 48 2.92 6.63 13.46
CA PRO C 48 1.50 7.07 13.53
C PRO C 48 0.75 6.82 12.20
N LEU C 49 0.04 5.75 12.14
CA LEU C 49 -0.72 5.43 10.90
C LEU C 49 -1.69 6.58 10.63
N SER C 50 -1.89 7.43 11.59
CA SER C 50 -2.82 8.59 11.42
C SER C 50 -2.35 9.48 10.27
N LEU C 51 -1.18 9.23 9.75
CA LEU C 51 -0.68 10.05 8.62
C LEU C 51 -1.47 9.63 7.38
N LYS C 52 -1.85 8.39 7.34
CA LYS C 52 -2.62 7.87 6.17
C LYS C 52 -3.72 8.84 5.77
N THR C 53 -4.19 8.69 4.56
CA THR C 53 -5.30 9.54 4.04
C THR C 53 -6.10 8.72 3.03
N ASP C 54 -7.25 9.20 2.63
CA ASP C 54 -8.08 8.43 1.65
C ASP C 54 -7.85 8.99 0.24
N VAL C 55 -6.93 9.92 0.10
CA VAL C 55 -6.64 10.51 -1.23
C VAL C 55 -5.14 10.39 -1.51
N ILE C 56 -4.77 10.14 -2.74
CA ILE C 56 -3.32 10.00 -3.09
C ILE C 56 -2.93 11.07 -4.09
N LYS C 57 -1.79 11.66 -3.91
CA LYS C 57 -1.33 12.73 -4.85
C LYS C 57 -0.84 12.07 -6.14
N LYS C 58 -1.32 12.54 -7.26
CA LYS C 58 -0.89 11.96 -8.56
C LYS C 58 0.38 12.66 -9.03
N ARG C 59 1.45 11.92 -9.25
CA ARG C 59 2.72 12.56 -9.70
C ARG C 59 2.78 12.48 -11.22
N ASN C 60 3.78 13.05 -11.82
CA ASN C 60 3.86 13.00 -13.31
C ASN C 60 4.31 11.59 -13.74
N ARG C 61 4.59 11.42 -14.99
CA ARG C 61 5.05 10.09 -15.50
C ARG C 61 5.96 10.30 -16.72
N ASN C 62 6.76 9.33 -17.03
CA ASN C 62 7.65 9.47 -18.22
C ASN C 62 6.86 9.07 -19.46
N SER C 63 7.27 9.53 -20.61
CA SER C 63 6.53 9.18 -21.86
C SER C 63 6.72 7.68 -22.14
N ALA C 64 5.68 6.91 -22.06
CA ALA C 64 5.80 5.45 -22.32
C ALA C 64 5.36 5.13 -23.75
N ASN C 65 4.93 6.13 -24.49
CA ASN C 65 4.49 5.90 -25.90
C ASN C 65 4.88 7.10 -26.75
N SER C 66 5.12 6.90 -28.01
CA SER C 66 5.51 8.05 -28.88
C SER C 66 5.42 7.64 -30.35
ZN ZN D . -0.59 0.35 4.19
N MET C 1 -22.15 -8.87 0.22
CA MET C 1 -21.00 -7.92 0.18
C MET C 1 -21.51 -6.54 -0.22
N LYS C 2 -20.62 -5.62 -0.47
CA LYS C 2 -21.03 -4.23 -0.86
C LYS C 2 -20.17 -3.76 -2.03
N ASN C 3 -20.64 -2.79 -2.78
CA ASN C 3 -19.86 -2.28 -3.93
C ASN C 3 -18.45 -1.92 -3.46
N GLY C 4 -17.47 -2.14 -4.29
CA GLY C 4 -16.07 -1.81 -3.88
C GLY C 4 -15.09 -2.57 -4.77
N GLU C 5 -15.43 -3.77 -5.14
CA GLU C 5 -14.51 -4.57 -6.01
C GLU C 5 -13.18 -4.75 -5.29
N GLN C 6 -12.33 -3.76 -5.34
CA GLN C 6 -11.01 -3.86 -4.65
C GLN C 6 -10.31 -5.17 -5.04
N ASN C 7 -10.51 -5.63 -6.24
CA ASN C 7 -9.85 -6.89 -6.69
C ASN C 7 -9.91 -7.94 -5.57
N GLY C 8 -10.81 -7.79 -4.63
CA GLY C 8 -10.92 -8.77 -3.52
C GLY C 8 -10.92 -8.01 -2.19
N PRO C 9 -11.17 -8.70 -1.10
CA PRO C 9 -11.19 -8.08 0.26
C PRO C 9 -9.80 -7.56 0.66
N THR C 10 -8.99 -7.29 -0.31
CA THR C 10 -7.61 -6.80 -0.04
C THR C 10 -7.66 -5.52 0.79
N THR C 11 -7.13 -5.56 1.99
CA THR C 11 -7.12 -4.35 2.87
C THR C 11 -5.77 -4.25 3.58
N CYS C 12 -5.13 -3.11 3.51
CA CYS C 12 -3.81 -2.96 4.19
C CYS C 12 -3.96 -3.28 5.67
N THR C 13 -3.39 -4.37 6.10
CA THR C 13 -3.48 -4.76 7.53
C THR C 13 -2.74 -3.75 8.41
N ASN C 14 -1.98 -2.86 7.81
CA ASN C 14 -1.23 -1.86 8.61
C ASN C 14 -1.93 -0.50 8.64
N CYS C 15 -2.62 -0.12 7.59
CA CYS C 15 -3.30 1.21 7.59
C CYS C 15 -4.69 1.14 6.92
N PHE C 16 -5.23 -0.04 6.78
CA PHE C 16 -6.59 -0.21 6.18
C PHE C 16 -6.70 0.44 4.80
N THR C 17 -5.66 1.02 4.27
CA THR C 17 -5.78 1.66 2.93
C THR C 17 -6.30 0.65 1.91
N GLN C 18 -7.31 1.03 1.16
CA GLN C 18 -7.91 0.11 0.14
C GLN C 18 -7.53 0.58 -1.27
N THR C 19 -6.90 1.72 -1.38
CA THR C 19 -6.49 2.24 -2.73
C THR C 19 -4.97 2.39 -2.77
N THR C 20 -4.33 1.87 -3.78
CA THR C 20 -2.85 2.00 -3.85
C THR C 20 -2.37 1.68 -5.27
N PRO C 21 -1.29 2.29 -5.71
CA PRO C 21 -0.74 2.05 -7.09
C PRO C 21 -0.21 0.62 -7.24
N VAL C 22 0.19 0.00 -6.17
CA VAL C 22 0.72 -1.39 -6.25
C VAL C 22 0.77 -2.02 -4.85
N TRP C 23 0.32 -3.24 -4.73
CA TRP C 23 0.31 -3.91 -3.39
C TRP C 23 1.68 -4.55 -3.13
N ARG C 24 2.17 -4.42 -1.92
CA ARG C 24 3.50 -5.01 -1.57
C ARG C 24 3.27 -6.30 -0.76
N ARG C 25 4.31 -7.06 -0.55
CA ARG C 25 4.19 -8.33 0.23
C ARG C 25 5.21 -8.26 1.38
N ASN C 26 4.94 -8.94 2.48
CA ASN C 26 5.86 -8.91 3.66
C ASN C 26 6.35 -10.34 3.97
N PRO C 27 7.57 -10.52 4.42
CA PRO C 27 8.11 -11.88 4.77
C PRO C 27 7.12 -12.75 5.57
N GLU C 28 6.01 -12.20 5.97
CA GLU C 28 5.01 -13.01 6.74
C GLU C 28 3.86 -13.39 5.81
N GLY C 29 3.83 -12.81 4.64
CA GLY C 29 2.76 -13.11 3.66
C GLY C 29 1.55 -12.20 3.91
N GLN C 30 1.68 -11.22 4.75
CA GLN C 30 0.53 -10.31 5.01
C GLN C 30 0.51 -9.21 3.93
N PRO C 31 -0.64 -8.83 3.42
CA PRO C 31 -0.75 -7.78 2.37
C PRO C 31 -0.57 -6.37 2.94
N LEU C 32 0.12 -5.53 2.23
CA LEU C 32 0.35 -4.12 2.70
C LEU C 32 0.23 -3.17 1.52
N CYS C 33 -0.19 -1.95 1.75
CA CYS C 33 -0.29 -0.98 0.62
C CYS C 33 1.14 -0.55 0.23
N ASN C 34 1.29 0.18 -0.83
CA ASN C 34 2.65 0.59 -1.25
C ASN C 34 3.35 1.43 -0.18
N ALA C 35 2.65 2.35 0.43
CA ALA C 35 3.28 3.23 1.45
C ALA C 35 3.81 2.41 2.64
N CYS C 36 3.00 1.59 3.23
CA CYS C 36 3.46 0.79 4.41
C CYS C 36 4.64 -0.11 4.01
N GLY C 37 4.53 -0.81 2.92
CA GLY C 37 5.64 -1.71 2.52
C GLY C 37 6.92 -0.89 2.33
N LEU C 38 6.85 0.16 1.57
CA LEU C 38 8.07 1.00 1.35
C LEU C 38 8.49 1.66 2.67
N PHE C 39 7.58 2.30 3.35
CA PHE C 39 7.95 2.99 4.61
C PHE C 39 8.32 2.00 5.71
N LEU C 40 7.55 0.97 5.89
CA LEU C 40 7.85 0.00 6.98
C LEU C 40 9.22 -0.65 6.75
N LYS C 41 9.47 -1.14 5.57
CA LYS C 41 10.79 -1.78 5.29
C LYS C 41 11.92 -0.74 5.37
N LEU C 42 11.71 0.42 4.81
CA LEU C 42 12.79 1.45 4.83
C LEU C 42 13.00 2.00 6.24
N HIS C 43 11.95 2.27 6.98
CA HIS C 43 12.13 2.84 8.35
C HIS C 43 12.35 1.71 9.37
N GLY C 44 11.64 0.62 9.26
CA GLY C 44 11.86 -0.49 10.23
C GLY C 44 11.34 -0.13 11.63
N VAL C 45 10.64 0.96 11.78
CA VAL C 45 10.14 1.35 13.14
C VAL C 45 8.73 1.92 13.05
N VAL C 46 7.92 1.63 14.03
CA VAL C 46 6.53 2.14 14.04
C VAL C 46 6.52 3.64 13.77
N ARG C 47 5.51 4.14 13.11
CA ARG C 47 5.43 5.60 12.82
C ARG C 47 3.95 5.99 12.69
N PRO C 48 3.51 7.07 13.31
CA PRO C 48 2.10 7.52 13.23
C PRO C 48 1.41 7.17 11.91
N LEU C 49 0.68 6.10 11.89
CA LEU C 49 -0.05 5.69 10.66
C LEU C 49 -1.04 6.82 10.31
N SER C 50 -1.36 7.65 11.26
CA SER C 50 -2.32 8.77 11.01
C SER C 50 -1.81 9.65 9.87
N LEU C 51 -0.62 9.41 9.41
CA LEU C 51 -0.08 10.23 8.28
C LEU C 51 -0.78 9.80 7.01
N LYS C 52 -1.05 8.53 6.88
CA LYS C 52 -1.75 8.04 5.66
C LYS C 52 -3.00 8.89 5.42
N THR C 53 -3.57 8.83 4.25
CA THR C 53 -4.80 9.61 3.95
C THR C 53 -5.62 8.83 2.93
N ASP C 54 -6.83 9.25 2.66
CA ASP C 54 -7.67 8.51 1.68
C ASP C 54 -7.48 9.12 0.30
N VAL C 55 -6.65 10.12 0.21
CA VAL C 55 -6.35 10.78 -1.10
C VAL C 55 -4.87 10.59 -1.40
N ILE C 56 -4.52 10.28 -2.63
CA ILE C 56 -3.09 10.07 -2.99
C ILE C 56 -2.63 11.18 -3.93
N LYS C 57 -1.48 11.76 -3.68
CA LYS C 57 -0.98 12.84 -4.57
C LYS C 57 -0.40 12.20 -5.83
N LYS C 58 -0.90 12.60 -6.98
CA LYS C 58 -0.40 12.01 -8.26
C LYS C 58 0.86 12.74 -8.72
N ARG C 59 1.92 12.01 -8.94
CA ARG C 59 3.19 12.66 -9.39
C ARG C 59 3.27 12.59 -10.91
N ASN C 60 4.27 13.19 -11.51
CA ASN C 60 4.36 13.19 -12.99
C ASN C 60 4.72 11.79 -13.51
N ARG C 61 4.92 11.70 -14.80
CA ARG C 61 5.26 10.39 -15.42
C ARG C 61 6.16 10.63 -16.63
N ASN C 62 6.47 9.61 -17.38
CA ASN C 62 7.35 9.81 -18.56
C ASN C 62 6.55 10.43 -19.71
N SER C 63 7.16 11.32 -20.45
CA SER C 63 6.44 11.99 -21.57
C SER C 63 6.59 11.19 -22.87
N ALA C 64 5.91 11.61 -23.90
CA ALA C 64 5.99 10.92 -25.21
C ALA C 64 5.30 9.55 -25.13
N ASN C 65 4.29 9.43 -24.32
CA ASN C 65 3.57 8.14 -24.21
C ASN C 65 2.90 7.82 -25.54
N SER C 66 2.62 8.83 -26.32
CA SER C 66 1.97 8.61 -27.64
C SER C 66 0.81 7.62 -27.49
ZN ZN D . -0.81 0.68 4.35
N MET C 1 -0.44 -21.72 1.11
CA MET C 1 -0.28 -20.65 0.07
C MET C 1 -0.31 -21.29 -1.32
N LYS C 2 -1.44 -21.25 -1.97
CA LYS C 2 -1.54 -21.86 -3.33
C LYS C 2 -0.95 -20.88 -4.35
N ASN C 3 -1.79 -20.13 -5.02
CA ASN C 3 -1.28 -19.14 -6.01
C ASN C 3 -0.58 -18.00 -5.28
N GLY C 4 -1.08 -17.62 -4.13
CA GLY C 4 -0.45 -16.52 -3.38
C GLY C 4 -1.25 -16.21 -2.11
N GLU C 5 -2.56 -16.20 -2.21
CA GLU C 5 -3.39 -15.91 -1.02
C GLU C 5 -4.80 -16.46 -1.21
N GLN C 6 -5.55 -16.60 -0.16
CA GLN C 6 -6.95 -17.13 -0.27
C GLN C 6 -7.91 -16.23 0.51
N ASN C 7 -9.09 -16.01 -0.03
CA ASN C 7 -10.09 -15.16 0.66
C ASN C 7 -9.41 -13.95 1.32
N GLY C 8 -10.01 -13.40 2.35
CA GLY C 8 -9.39 -12.22 3.02
C GLY C 8 -9.07 -11.12 1.99
N PRO C 9 -10.04 -10.30 1.64
CA PRO C 9 -9.84 -9.20 0.66
C PRO C 9 -8.49 -8.50 0.85
N THR C 10 -7.91 -8.01 -0.22
CA THR C 10 -6.59 -7.32 -0.10
C THR C 10 -6.75 -6.05 0.73
N THR C 11 -6.42 -6.13 2.00
CA THR C 11 -6.53 -4.93 2.90
C THR C 11 -5.20 -4.73 3.61
N CYS C 12 -4.74 -3.49 3.69
CA CYS C 12 -3.44 -3.23 4.38
C CYS C 12 -3.58 -3.52 5.87
N THR C 13 -2.97 -4.58 6.32
CA THR C 13 -3.07 -4.94 7.76
C THR C 13 -2.39 -3.88 8.63
N ASN C 14 -1.68 -2.95 8.04
CA ASN C 14 -1.00 -1.90 8.86
C ASN C 14 -1.80 -0.59 8.86
N CYS C 15 -2.52 -0.27 7.80
CA CYS C 15 -3.26 1.03 7.79
C CYS C 15 -4.65 0.91 7.15
N PHE C 16 -5.13 -0.29 6.89
CA PHE C 16 -6.49 -0.46 6.32
C PHE C 16 -6.65 0.23 4.96
N THR C 17 -5.63 0.82 4.41
CA THR C 17 -5.79 1.52 3.09
C THR C 17 -6.25 0.51 2.04
N GLN C 18 -7.29 0.85 1.31
CA GLN C 18 -7.82 -0.07 0.26
C GLN C 18 -7.43 0.42 -1.14
N THR C 19 -6.95 1.63 -1.25
CA THR C 19 -6.56 2.18 -2.59
C THR C 19 -5.03 2.33 -2.65
N THR C 20 -4.42 1.83 -3.68
CA THR C 20 -2.93 1.95 -3.79
C THR C 20 -2.49 1.66 -5.22
N PRO C 21 -1.42 2.28 -5.68
CA PRO C 21 -0.90 2.04 -7.06
C PRO C 21 -0.32 0.62 -7.17
N VAL C 22 0.01 0.03 -6.06
CA VAL C 22 0.58 -1.34 -6.09
C VAL C 22 0.54 -1.94 -4.68
N TRP C 23 0.31 -3.22 -4.60
CA TRP C 23 0.23 -3.88 -3.26
C TRP C 23 1.59 -4.41 -2.83
N ARG C 24 2.03 -4.02 -1.66
CA ARG C 24 3.34 -4.48 -1.12
C ARG C 24 3.07 -5.60 -0.13
N ARG C 25 4.07 -6.32 0.28
CA ARG C 25 3.86 -7.44 1.25
C ARG C 25 5.06 -7.54 2.19
N ASN C 26 4.94 -8.33 3.22
CA ASN C 26 6.04 -8.50 4.21
C ASN C 26 6.49 -9.97 4.20
N PRO C 27 7.75 -10.25 4.40
CA PRO C 27 8.27 -11.66 4.43
C PRO C 27 7.37 -12.65 5.20
N GLU C 28 6.30 -12.19 5.79
CA GLU C 28 5.38 -13.12 6.53
C GLU C 28 4.19 -13.44 5.62
N GLY C 29 4.14 -12.83 4.47
CA GLY C 29 3.01 -13.08 3.53
C GLY C 29 1.83 -12.17 3.84
N GLN C 30 2.01 -11.21 4.71
CA GLN C 30 0.88 -10.29 5.04
C GLN C 30 0.81 -9.18 3.96
N PRO C 31 -0.37 -8.76 3.56
CA PRO C 31 -0.52 -7.71 2.51
C PRO C 31 -0.29 -6.29 3.06
N LEU C 32 0.32 -5.44 2.27
CA LEU C 32 0.57 -4.03 2.69
C LEU C 32 0.31 -3.09 1.52
N CYS C 33 -0.10 -1.88 1.78
CA CYS C 33 -0.34 -0.93 0.66
C CYS C 33 1.02 -0.44 0.16
N ASN C 34 1.06 0.60 -0.62
CA ASN C 34 2.35 1.08 -1.17
C ASN C 34 3.18 1.80 -0.10
N ALA C 35 2.60 2.72 0.62
CA ALA C 35 3.37 3.48 1.65
C ALA C 35 3.88 2.59 2.80
N CYS C 36 3.04 1.79 3.40
CA CYS C 36 3.52 0.94 4.53
C CYS C 36 4.64 0.02 4.06
N GLY C 37 4.51 -0.57 2.91
CA GLY C 37 5.58 -1.48 2.42
C GLY C 37 6.90 -0.71 2.31
N LEU C 38 6.86 0.43 1.68
CA LEU C 38 8.10 1.24 1.52
C LEU C 38 8.57 1.82 2.86
N PHE C 39 7.69 2.42 3.61
CA PHE C 39 8.11 3.03 4.91
C PHE C 39 8.47 1.98 5.94
N LEU C 40 7.62 1.03 6.15
CA LEU C 40 7.88 -0.01 7.19
C LEU C 40 9.16 -0.79 6.88
N LYS C 41 9.31 -1.29 5.68
CA LYS C 41 10.54 -2.07 5.37
C LYS C 41 11.78 -1.15 5.49
N LEU C 42 11.67 0.05 5.02
CA LEU C 42 12.84 0.99 5.09
C LEU C 42 13.09 1.40 6.55
N HIS C 43 12.07 1.64 7.33
CA HIS C 43 12.28 2.08 8.73
C HIS C 43 12.50 0.88 9.65
N GLY C 44 11.79 -0.20 9.45
CA GLY C 44 12.01 -1.39 10.32
C GLY C 44 11.48 -1.15 11.74
N VAL C 45 10.69 -0.13 11.93
CA VAL C 45 10.17 0.16 13.31
C VAL C 45 8.69 0.57 13.23
N VAL C 46 8.08 0.81 14.36
CA VAL C 46 6.65 1.22 14.38
C VAL C 46 6.45 2.38 13.40
N ARG C 47 5.32 2.43 12.74
CA ARG C 47 5.05 3.52 11.76
C ARG C 47 3.82 4.34 12.20
N PRO C 48 3.98 5.60 12.52
CA PRO C 48 2.81 6.45 12.90
C PRO C 48 1.69 6.33 11.85
N LEU C 49 0.79 5.41 12.05
CA LEU C 49 -0.30 5.21 11.05
C LEU C 49 -1.10 6.51 10.91
N SER C 50 -0.95 7.43 11.81
CA SER C 50 -1.69 8.71 11.72
C SER C 50 -1.31 9.42 10.40
N LEU C 51 -0.29 8.93 9.75
CA LEU C 51 0.16 9.55 8.46
C LEU C 51 -0.78 9.10 7.34
N LYS C 52 -1.20 7.88 7.39
CA LYS C 52 -2.09 7.35 6.33
C LYS C 52 -3.21 8.33 6.01
N THR C 53 -3.69 8.30 4.80
CA THR C 53 -4.80 9.20 4.37
C THR C 53 -5.61 8.47 3.31
N ASP C 54 -6.78 8.95 2.99
CA ASP C 54 -7.61 8.28 1.95
C ASP C 54 -7.37 8.98 0.61
N VAL C 55 -6.56 10.00 0.59
CA VAL C 55 -6.26 10.74 -0.67
C VAL C 55 -4.78 10.61 -1.00
N ILE C 56 -4.45 10.40 -2.25
CA ILE C 56 -3.02 10.26 -2.67
C ILE C 56 -2.70 11.37 -3.68
N LYS C 57 -1.62 12.06 -3.50
CA LYS C 57 -1.26 13.14 -4.47
C LYS C 57 -0.59 12.50 -5.68
N LYS C 58 -0.97 12.93 -6.86
CA LYS C 58 -0.37 12.34 -8.09
C LYS C 58 0.90 13.09 -8.47
N ARG C 59 2.00 12.38 -8.69
CA ARG C 59 3.26 13.06 -9.08
C ARG C 59 3.38 13.01 -10.60
N ASN C 60 4.42 13.59 -11.13
CA ASN C 60 4.57 13.62 -12.62
C ASN C 60 5.00 12.25 -13.14
N ARG C 61 5.25 12.17 -14.43
CA ARG C 61 5.68 10.87 -15.04
C ARG C 61 6.66 11.16 -16.19
N ASN C 62 7.44 10.18 -16.57
CA ASN C 62 8.41 10.39 -17.69
C ASN C 62 8.70 9.04 -18.35
N SER C 63 8.39 8.92 -19.62
CA SER C 63 8.64 7.63 -20.34
C SER C 63 8.94 7.92 -21.82
N ALA C 64 9.49 6.95 -22.52
CA ALA C 64 9.81 7.16 -23.96
C ALA C 64 8.53 7.09 -24.80
N ASN C 65 8.47 7.85 -25.87
CA ASN C 65 7.26 7.84 -26.75
C ASN C 65 7.55 7.03 -28.01
N SER C 66 6.81 5.98 -28.25
CA SER C 66 7.05 5.15 -29.47
C SER C 66 6.50 5.88 -30.69
ZN ZN D . -0.79 0.67 4.45
N MET C 1 -20.24 -7.72 -9.34
CA MET C 1 -20.09 -6.74 -10.45
C MET C 1 -21.13 -5.64 -10.27
N LYS C 2 -22.40 -5.98 -10.28
CA LYS C 2 -23.45 -4.94 -10.09
C LYS C 2 -23.37 -4.38 -8.66
N ASN C 3 -23.13 -5.23 -7.70
CA ASN C 3 -23.04 -4.78 -6.27
C ASN C 3 -21.80 -5.42 -5.63
N GLY C 4 -21.21 -6.37 -6.31
CA GLY C 4 -19.99 -7.02 -5.75
C GLY C 4 -18.80 -6.08 -5.93
N GLU C 5 -18.75 -5.39 -7.03
CA GLU C 5 -17.63 -4.44 -7.34
C GLU C 5 -16.30 -4.99 -6.81
N GLN C 6 -15.88 -4.61 -5.61
CA GLN C 6 -14.58 -5.12 -5.09
C GLN C 6 -14.74 -6.58 -4.66
N ASN C 7 -13.87 -7.45 -5.13
CA ASN C 7 -13.96 -8.89 -4.74
C ASN C 7 -12.64 -9.35 -4.12
N GLY C 8 -11.57 -8.65 -4.38
CA GLY C 8 -10.25 -9.05 -3.81
C GLY C 8 -10.18 -8.64 -2.32
N PRO C 9 -9.92 -9.56 -1.42
CA PRO C 9 -9.85 -9.22 0.03
C PRO C 9 -8.52 -8.58 0.41
N THR C 10 -7.76 -8.19 -0.58
CA THR C 10 -6.44 -7.56 -0.30
C THR C 10 -6.66 -6.28 0.49
N THR C 11 -6.40 -6.32 1.77
CA THR C 11 -6.58 -5.13 2.64
C THR C 11 -5.29 -4.89 3.44
N CYS C 12 -4.86 -3.67 3.56
CA CYS C 12 -3.60 -3.40 4.31
C CYS C 12 -3.82 -3.67 5.80
N THR C 13 -3.23 -4.71 6.31
CA THR C 13 -3.41 -5.03 7.75
C THR C 13 -2.77 -3.93 8.62
N ASN C 14 -2.00 -3.04 8.05
CA ASN C 14 -1.35 -1.97 8.89
C ASN C 14 -2.15 -0.66 8.84
N CYS C 15 -2.83 -0.35 7.76
CA CYS C 15 -3.58 0.95 7.71
C CYS C 15 -4.95 0.79 7.03
N PHE C 16 -5.38 -0.43 6.76
CA PHE C 16 -6.72 -0.65 6.14
C PHE C 16 -6.83 0.02 4.76
N THR C 17 -5.78 0.61 4.26
CA THR C 17 -5.91 1.28 2.92
C THR C 17 -6.31 0.25 1.86
N GLN C 18 -7.35 0.53 1.11
CA GLN C 18 -7.81 -0.40 0.04
C GLN C 18 -7.39 0.18 -1.32
N THR C 19 -6.93 1.40 -1.31
CA THR C 19 -6.50 2.08 -2.57
C THR C 19 -4.97 2.19 -2.60
N THR C 20 -4.33 1.66 -3.59
CA THR C 20 -2.85 1.76 -3.65
C THR C 20 -2.34 1.40 -5.06
N PRO C 21 -1.28 2.02 -5.50
CA PRO C 21 -0.70 1.74 -6.85
C PRO C 21 -0.02 0.36 -6.91
N VAL C 22 0.35 -0.18 -5.78
CA VAL C 22 1.02 -1.52 -5.77
C VAL C 22 0.95 -2.12 -4.35
N TRP C 23 0.78 -3.41 -4.27
CA TRP C 23 0.68 -4.07 -2.94
C TRP C 23 2.05 -4.60 -2.49
N ARG C 24 2.43 -4.28 -1.28
CA ARG C 24 3.74 -4.75 -0.72
C ARG C 24 3.44 -5.87 0.29
N ARG C 25 4.46 -6.54 0.73
CA ARG C 25 4.27 -7.65 1.72
C ARG C 25 5.45 -7.67 2.68
N ASN C 26 5.36 -8.47 3.72
CA ASN C 26 6.46 -8.54 4.74
C ASN C 26 6.81 -10.01 5.01
N PRO C 27 8.06 -10.33 5.27
CA PRO C 27 8.49 -11.74 5.55
C PRO C 27 7.56 -12.52 6.50
N GLU C 28 6.51 -11.92 7.00
CA GLU C 28 5.57 -12.66 7.90
C GLU C 28 4.36 -13.09 7.07
N GLY C 29 4.24 -12.54 5.90
CA GLY C 29 3.11 -12.89 4.99
C GLY C 29 1.92 -11.96 5.18
N GLN C 30 2.08 -10.88 5.91
CA GLN C 30 0.95 -9.94 6.11
C GLN C 30 0.93 -8.91 4.95
N PRO C 31 -0.08 -8.89 4.10
CA PRO C 31 -0.13 -7.90 2.97
C PRO C 31 -0.02 -6.45 3.48
N LEU C 32 0.58 -5.60 2.70
CA LEU C 32 0.73 -4.16 3.10
C LEU C 32 0.51 -3.28 1.88
N CYS C 33 -0.03 -2.10 2.06
CA CYS C 33 -0.21 -1.20 0.89
C CYS C 33 1.17 -0.69 0.47
N ASN C 34 1.21 0.25 -0.41
CA ASN C 34 2.54 0.76 -0.87
C ASN C 34 3.23 1.60 0.21
N ALA C 35 2.52 2.53 0.80
CA ALA C 35 3.13 3.40 1.85
C ALA C 35 3.63 2.61 3.06
N CYS C 36 2.81 1.77 3.66
CA CYS C 36 3.28 1.03 4.87
C CYS C 36 4.52 0.18 4.54
N GLY C 37 4.54 -0.44 3.40
CA GLY C 37 5.72 -1.29 3.01
C GLY C 37 6.99 -0.45 2.89
N LEU C 38 6.90 0.72 2.34
CA LEU C 38 8.12 1.56 2.15
C LEU C 38 8.71 2.04 3.49
N PHE C 39 7.92 2.67 4.32
CA PHE C 39 8.46 3.19 5.62
C PHE C 39 8.64 2.09 6.67
N LEU C 40 7.72 1.17 6.76
CA LEU C 40 7.81 0.11 7.81
C LEU C 40 9.10 -0.71 7.63
N LYS C 41 9.36 -1.19 6.45
CA LYS C 41 10.59 -2.00 6.25
C LYS C 41 11.83 -1.16 6.52
N LEU C 42 11.83 0.08 6.09
CA LEU C 42 13.03 0.92 6.30
C LEU C 42 13.23 1.27 7.78
N HIS C 43 12.18 1.51 8.51
CA HIS C 43 12.34 1.90 9.95
C HIS C 43 12.26 0.69 10.88
N GLY C 44 11.57 -0.36 10.53
CA GLY C 44 11.52 -1.54 11.44
C GLY C 44 10.70 -1.24 12.70
N VAL C 45 9.92 -0.18 12.73
CA VAL C 45 9.12 0.12 13.96
C VAL C 45 7.74 0.64 13.57
N VAL C 46 6.75 0.36 14.39
CA VAL C 46 5.37 0.82 14.08
C VAL C 46 5.41 2.29 13.69
N ARG C 47 4.38 2.79 13.06
CA ARG C 47 4.36 4.21 12.63
C ARG C 47 2.95 4.79 12.78
N PRO C 48 2.81 5.96 13.37
CA PRO C 48 1.48 6.62 13.53
C PRO C 48 0.58 6.38 12.30
N LEU C 49 -0.22 5.36 12.33
CA LEU C 49 -1.11 5.07 11.18
C LEU C 49 -1.99 6.28 10.92
N SER C 50 -2.07 7.18 11.86
CA SER C 50 -2.91 8.39 11.68
C SER C 50 -2.41 9.22 10.49
N LEU C 51 -1.28 8.86 9.93
CA LEU C 51 -0.75 9.63 8.77
C LEU C 51 -1.54 9.27 7.52
N LYS C 52 -1.84 8.01 7.36
CA LYS C 52 -2.58 7.55 6.15
C LYS C 52 -3.75 8.49 5.84
N THR C 53 -4.22 8.44 4.62
CA THR C 53 -5.38 9.30 4.22
C THR C 53 -6.21 8.57 3.16
N ASP C 54 -7.38 9.06 2.86
CA ASP C 54 -8.25 8.39 1.85
C ASP C 54 -8.00 8.98 0.45
N VAL C 55 -7.09 9.92 0.35
CA VAL C 55 -6.77 10.55 -0.97
C VAL C 55 -5.29 10.31 -1.27
N ILE C 56 -4.96 10.01 -2.50
CA ILE C 56 -3.52 9.77 -2.87
C ILE C 56 -3.06 10.90 -3.79
N LYS C 57 -1.90 11.41 -3.55
CA LYS C 57 -1.38 12.52 -4.40
C LYS C 57 -0.85 11.93 -5.71
N LYS C 58 -1.33 12.41 -6.81
CA LYS C 58 -0.89 11.87 -8.13
C LYS C 58 0.36 12.58 -8.62
N ARG C 59 1.42 11.85 -8.87
CA ARG C 59 2.68 12.49 -9.36
C ARG C 59 2.71 12.35 -10.89
N ASN C 60 3.69 12.93 -11.53
CA ASN C 60 3.75 12.85 -13.02
C ASN C 60 4.23 11.46 -13.46
N ARG C 61 4.56 11.34 -14.71
CA ARG C 61 5.05 10.05 -15.26
C ARG C 61 5.96 10.33 -16.45
N ASN C 62 6.79 9.40 -16.81
CA ASN C 62 7.71 9.60 -17.97
C ASN C 62 7.09 9.04 -19.24
N SER C 63 7.10 9.81 -20.30
CA SER C 63 6.51 9.35 -21.60
C SER C 63 7.51 9.65 -22.72
N ALA C 64 7.98 8.65 -23.41
CA ALA C 64 8.94 8.87 -24.52
C ALA C 64 9.27 7.54 -25.18
N ASN C 65 9.91 6.66 -24.46
CA ASN C 65 10.25 5.33 -25.04
C ASN C 65 10.95 5.51 -26.39
N SER C 66 11.90 6.40 -26.47
CA SER C 66 12.62 6.63 -27.76
C SER C 66 11.63 6.92 -28.87
ZN ZN D . -1.00 0.54 4.53
#